data_2CDC
#
_entry.id   2CDC
#
_cell.length_a   68.644
_cell.length_b   91.032
_cell.length_c   138.725
_cell.angle_alpha   90.00
_cell.angle_beta   89.98
_cell.angle_gamma   90.00
#
_symmetry.space_group_name_H-M   'P 1 21 1'
#
loop_
_entity.id
_entity.type
_entity.pdbx_description
1 polymer 'GLUCOSE DEHYDROGENASE GLUCOSE 1-DEHYDROGENASE, DHG-1'
2 non-polymer 'NADP NICOTINAMIDE-ADENINE-DINUCLEOTIDE PHOSPHATE'
3 non-polymer alpha-D-xylopyranose
4 non-polymer beta-D-xylopyranose
5 non-polymer 'ZINC ION'
6 non-polymer 1,2-ETHANEDIOL
7 water water
#
_entity_poly.entity_id   1
_entity_poly.type   'polypeptide(L)'
_entity_poly.pdbx_seq_one_letter_code
;MKAIIVKPPNAGVQVKDVDEKKLDSYGKIKIRTIYNGICGADREIVNGKLTLSTLPKGKDFLVLGHEAIGVVEESYHGFS
QGDLVMPVNRRGCGICRNCLVGRPDFCETGEFGEAGIHKMDGFMREWWYDDPKYLVKIPKSIEDIGILAQPLADIEKSIE
EILEVQKRVPVWTCDDGTLNCRKVLVVGTGPIGVLFTLLFRTYGLEVWMANRREPTEVEQTVIEETKTNYYNSSNGYDKL
KDSVGKFDVIIDATGADVNILGNVIPLLGRNGVLGLFGFSTSGSVPLDYKTLQEIVHTNKTIIGLVNGQKPHFQQAVVHL
ASWKTLYPKAAKMLITKTVSINDEKELLKVLREKEHGEIKIRILWE
;
_entity_poly.pdbx_strand_id   A,B,C,D
#
loop_
_chem_comp.id
_chem_comp.type
_chem_comp.name
_chem_comp.formula
EDO non-polymer 1,2-ETHANEDIOL 'C2 H6 O2'
NAP non-polymer 'NADP NICOTINAMIDE-ADENINE-DINUCLEOTIDE PHOSPHATE' 'C21 H28 N7 O17 P3'
XYP D-saccharide, beta linking beta-D-xylopyranose 'C5 H10 O5'
XYS D-saccharide, alpha linking alpha-D-xylopyranose 'C5 H10 O5'
ZN non-polymer 'ZINC ION' 'Zn 2'
#
# COMPACT_ATOMS: atom_id res chain seq x y z
N MET A 1 -38.83 19.08 24.16
CA MET A 1 -38.28 18.96 22.77
C MET A 1 -38.92 17.77 22.06
N LYS A 2 -39.38 17.98 20.83
CA LYS A 2 -39.93 16.88 20.04
C LYS A 2 -38.85 15.87 19.63
N ALA A 3 -39.14 14.58 19.80
CA ALA A 3 -38.19 13.52 19.44
C ALA A 3 -38.93 12.25 19.04
N ILE A 4 -38.31 11.46 18.16
CA ILE A 4 -38.83 10.15 17.79
C ILE A 4 -38.11 9.10 18.63
N ILE A 5 -38.86 8.34 19.43
CA ILE A 5 -38.26 7.48 20.46
C ILE A 5 -38.67 6.01 20.40
N VAL A 6 -37.74 5.14 20.79
CA VAL A 6 -37.91 3.68 20.84
C VAL A 6 -37.44 3.14 22.19
N LYS A 7 -37.81 1.90 22.48
CA LYS A 7 -37.45 1.25 23.76
C LYS A 7 -36.96 -0.18 23.53
N PRO A 8 -35.76 -0.33 22.93
CA PRO A 8 -35.23 -1.65 22.59
C PRO A 8 -35.10 -2.52 23.85
N PRO A 9 -35.33 -3.84 23.74
CA PRO A 9 -35.66 -4.59 22.52
C PRO A 9 -37.15 -4.64 22.16
N ASN A 10 -38.02 -3.99 22.95
CA ASN A 10 -39.47 -3.95 22.69
C ASN A 10 -39.80 -3.26 21.36
N ALA A 11 -40.90 -3.65 20.74
CA ALA A 11 -41.36 -3.05 19.50
C ALA A 11 -42.17 -1.80 19.80
N GLY A 12 -42.18 -0.87 18.84
CA GLY A 12 -42.97 0.34 18.95
C GLY A 12 -42.16 1.60 18.80
N VAL A 13 -42.83 2.68 18.39
CA VAL A 13 -42.19 3.98 18.22
C VAL A 13 -43.17 5.10 18.56
N GLN A 14 -42.66 6.15 19.21
CA GLN A 14 -43.49 7.33 19.56
C GLN A 14 -42.84 8.62 19.10
N VAL A 15 -43.66 9.55 18.62
CA VAL A 15 -43.19 10.90 18.35
C VAL A 15 -43.81 11.78 19.41
N LYS A 16 -42.99 12.28 20.34
CA LYS A 16 -43.52 13.05 21.47
C LYS A 16 -42.52 14.07 22.01
N ASP A 17 -43.00 14.89 22.94
CA ASP A 17 -42.15 15.82 23.65
C ASP A 17 -41.42 15.12 24.77
N VAL A 18 -40.10 15.22 24.74
CA VAL A 18 -39.25 14.65 25.77
C VAL A 18 -38.41 15.73 26.45
N ASP A 19 -38.05 15.46 27.70
CA ASP A 19 -37.23 16.34 28.51
C ASP A 19 -35.81 16.42 27.93
N GLU A 20 -35.42 17.64 27.54
CA GLU A 20 -34.10 17.93 26.96
C GLU A 20 -32.96 17.43 27.82
N LYS A 21 -33.10 17.57 29.13
CA LYS A 21 -32.03 17.19 30.07
C LYS A 21 -31.76 15.69 30.07
N LYS A 22 -32.72 14.91 29.59
CA LYS A 22 -32.56 13.46 29.51
C LYS A 22 -31.77 13.00 28.28
N LEU A 23 -31.62 13.90 27.31
CA LEU A 23 -31.04 13.54 26.01
C LEU A 23 -29.52 13.72 25.96
N ASP A 24 -28.84 12.80 25.27
CA ASP A 24 -27.37 12.82 25.20
C ASP A 24 -26.85 14.03 24.41
N SER A 25 -25.85 14.69 24.97
CA SER A 25 -25.16 15.80 24.33
C SER A 25 -23.71 15.36 24.08
N TYR A 26 -23.15 15.73 22.93
CA TYR A 26 -21.82 15.21 22.54
C TYR A 26 -20.76 16.31 22.40
N GLY A 27 -21.17 17.55 22.62
CA GLY A 27 -20.23 18.65 22.47
C GLY A 27 -20.82 20.03 22.58
N LYS A 28 -20.05 21.03 22.13
CA LYS A 28 -20.39 22.43 22.32
C LYS A 28 -21.24 23.07 21.21
N ILE A 29 -21.37 22.41 20.05
CA ILE A 29 -22.06 23.00 18.92
C ILE A 29 -23.54 22.61 18.85
N LYS A 30 -24.44 23.60 18.90
CA LYS A 30 -25.88 23.36 18.79
C LYS A 30 -26.31 23.24 17.33
N ILE A 31 -26.99 22.13 17.03
CA ILE A 31 -27.42 21.82 15.68
C ILE A 31 -28.94 21.64 15.66
N ARG A 32 -29.63 22.42 14.85
CA ARG A 32 -31.09 22.26 14.68
C ARG A 32 -31.35 21.33 13.50
N THR A 33 -31.99 20.20 13.80
CA THR A 33 -32.26 19.22 12.76
C THR A 33 -33.17 19.78 11.68
N ILE A 34 -32.84 19.52 10.41
CA ILE A 34 -33.73 19.86 9.30
C ILE A 34 -34.24 18.59 8.62
N TYR A 35 -33.34 17.66 8.29
CA TYR A 35 -33.76 16.36 7.73
C TYR A 35 -33.24 15.16 8.49
N ASN A 36 -34.07 14.11 8.52
CA ASN A 36 -33.56 12.79 8.83
C ASN A 36 -33.78 11.84 7.66
N GLY A 37 -33.02 10.74 7.65
CA GLY A 37 -33.28 9.63 6.73
C GLY A 37 -33.74 8.42 7.52
N ILE A 38 -34.48 7.53 6.87
CA ILE A 38 -34.95 6.29 7.50
C ILE A 38 -34.33 5.16 6.69
N CYS A 39 -33.83 4.13 7.37
CA CYS A 39 -33.39 2.95 6.66
C CYS A 39 -33.86 1.64 7.33
N GLY A 40 -33.49 0.50 6.76
CA GLY A 40 -33.87 -0.80 7.34
C GLY A 40 -33.49 -1.01 8.81
N ALA A 41 -32.37 -0.45 9.24
CA ALA A 41 -31.97 -0.57 10.62
C ALA A 41 -33.00 0.09 11.55
N ASP A 42 -33.52 1.25 11.13
CA ASP A 42 -34.58 1.95 11.88
C ASP A 42 -35.84 1.10 11.98
N ARG A 43 -36.25 0.53 10.85
CA ARG A 43 -37.46 -0.32 10.80
C ARG A 43 -37.27 -1.52 11.72
N GLU A 44 -36.07 -2.08 11.74
CA GLU A 44 -35.78 -3.24 12.58
C GLU A 44 -35.92 -2.93 14.06
N ILE A 45 -35.36 -1.79 14.49
CA ILE A 45 -35.52 -1.40 15.89
C ILE A 45 -36.99 -1.10 16.21
N VAL A 46 -37.66 -0.37 15.32
CA VAL A 46 -39.09 -0.07 15.49
C VAL A 46 -39.95 -1.33 15.68
N ASN A 47 -39.59 -2.39 14.96
CA ASN A 47 -40.35 -3.64 15.04
C ASN A 47 -39.78 -4.65 16.04
N GLY A 48 -38.82 -4.21 16.85
CA GLY A 48 -38.19 -5.05 17.88
C GLY A 48 -37.41 -6.22 17.32
N LYS A 49 -36.65 -5.98 16.25
CA LYS A 49 -35.88 -7.03 15.60
C LYS A 49 -34.37 -6.88 15.78
N LEU A 50 -33.95 -5.91 16.61
CA LEU A 50 -32.53 -5.67 16.90
C LEU A 50 -32.24 -5.61 18.40
N GLY A 58 -30.24 3.33 32.72
CA GLY A 58 -30.61 4.65 33.24
C GLY A 58 -31.43 5.46 32.26
N LYS A 59 -31.53 4.96 31.02
CA LYS A 59 -32.42 5.55 30.04
C LYS A 59 -33.65 4.67 29.87
N ASP A 60 -34.83 5.29 29.94
CA ASP A 60 -36.10 4.59 29.69
C ASP A 60 -36.28 4.34 28.20
N PHE A 61 -35.72 5.23 27.38
CA PHE A 61 -35.94 5.24 25.94
C PHE A 61 -34.65 5.59 25.21
N LEU A 62 -34.68 5.43 23.88
CA LEU A 62 -33.59 5.80 23.01
C LEU A 62 -34.16 6.68 21.89
N VAL A 63 -33.52 7.81 21.62
CA VAL A 63 -33.87 8.64 20.46
C VAL A 63 -33.43 7.89 19.21
N LEU A 64 -34.39 7.65 18.32
CA LEU A 64 -34.13 6.92 17.08
C LEU A 64 -33.34 7.79 16.09
N GLY A 65 -32.67 7.13 15.14
CA GLY A 65 -32.20 7.79 13.93
C GLY A 65 -30.72 8.11 13.86
N HIS A 66 -30.11 7.75 12.75
CA HIS A 66 -28.65 7.94 12.61
C HIS A 66 -28.25 8.66 11.32
N GLU A 67 -29.25 9.06 10.53
CA GLU A 67 -29.04 9.83 9.29
C GLU A 67 -29.66 11.19 9.53
N ALA A 68 -28.83 12.23 9.54
CA ALA A 68 -29.35 13.57 9.80
C ALA A 68 -28.61 14.66 9.05
N ILE A 69 -29.33 15.73 8.72
CA ILE A 69 -28.70 16.99 8.33
C ILE A 69 -29.28 18.05 9.25
N GLY A 70 -28.40 18.84 9.85
CA GLY A 70 -28.84 19.95 10.71
C GLY A 70 -28.18 21.25 10.33
N VAL A 71 -28.65 22.33 10.93
CA VAL A 71 -28.12 23.66 10.67
C VAL A 71 -27.42 24.19 11.92
N VAL A 72 -26.20 24.72 11.73
CA VAL A 72 -25.44 25.31 12.84
C VAL A 72 -26.06 26.63 13.29
N GLU A 73 -26.36 26.71 14.58
CA GLU A 73 -27.14 27.81 15.16
C GLU A 73 -26.35 29.08 15.47
N GLU A 74 -25.05 28.93 15.71
CA GLU A 74 -24.15 30.06 16.00
C GLU A 74 -22.82 29.91 15.27
N SER A 75 -22.11 31.02 15.07
CA SER A 75 -20.81 30.99 14.40
C SER A 75 -19.68 30.60 15.35
N TYR A 76 -19.29 29.33 15.26
CA TYR A 76 -18.19 28.75 16.02
C TYR A 76 -16.93 28.70 15.16
N HIS A 77 -15.82 28.24 15.73
CA HIS A 77 -14.58 28.07 14.97
C HIS A 77 -14.78 26.97 13.92
N GLY A 78 -14.69 27.37 12.65
CA GLY A 78 -14.84 26.46 11.53
C GLY A 78 -16.26 26.38 11.01
N PHE A 79 -17.25 26.56 11.89
CA PHE A 79 -18.64 26.45 11.49
C PHE A 79 -19.38 27.79 11.59
N SER A 80 -19.87 28.27 10.45
CA SER A 80 -20.63 29.50 10.38
C SER A 80 -22.10 29.23 10.67
N GLN A 81 -22.77 30.21 11.27
CA GLN A 81 -24.20 30.12 11.51
C GLN A 81 -24.93 29.92 10.19
N GLY A 82 -25.81 28.93 10.12
CA GLY A 82 -26.53 28.62 8.88
C GLY A 82 -25.92 27.51 8.04
N ASP A 83 -24.72 27.07 8.40
CA ASP A 83 -24.08 25.92 7.75
C ASP A 83 -24.80 24.62 8.01
N LEU A 84 -24.89 23.79 6.97
CA LEU A 84 -25.49 22.47 7.09
C LEU A 84 -24.43 21.46 7.43
N VAL A 85 -24.76 20.57 8.36
CA VAL A 85 -23.83 19.55 8.78
C VAL A 85 -24.53 18.23 8.93
N MET A 86 -23.74 17.17 8.85
CA MET A 86 -24.21 15.81 9.10
C MET A 86 -23.30 15.13 10.12
N PRO A 87 -23.90 14.52 11.15
CA PRO A 87 -23.12 13.81 12.14
C PRO A 87 -22.66 12.43 11.68
N VAL A 88 -21.43 12.07 12.04
CA VAL A 88 -20.99 10.69 11.88
C VAL A 88 -21.66 9.87 12.98
N ASN A 89 -22.24 8.73 12.61
CA ASN A 89 -23.10 7.97 13.52
C ASN A 89 -22.42 6.97 14.45
N ARG A 90 -21.37 6.28 13.97
CA ARG A 90 -20.62 5.39 14.84
C ARG A 90 -19.46 6.16 15.48
N ARG A 91 -19.34 6.07 16.80
CA ARG A 91 -18.29 6.76 17.54
C ARG A 91 -17.51 5.79 18.42
N GLY A 92 -16.23 6.09 18.62
CA GLY A 92 -15.28 5.12 19.15
C GLY A 92 -15.40 4.72 20.59
N CYS A 93 -14.56 3.77 20.99
CA CYS A 93 -14.61 3.21 22.33
C CYS A 93 -13.63 3.96 23.23
N GLY A 94 -12.81 4.83 22.64
CA GLY A 94 -11.83 5.62 23.39
C GLY A 94 -10.62 4.86 23.93
N ILE A 95 -10.52 3.56 23.65
CA ILE A 95 -9.41 2.75 24.17
C ILE A 95 -8.48 2.20 23.08
N CYS A 96 -9.05 1.66 22.01
CA CYS A 96 -8.25 0.92 21.02
C CYS A 96 -7.60 1.86 19.99
N ARG A 97 -6.51 1.39 19.35
CA ARG A 97 -5.73 2.22 18.43
C ARG A 97 -6.51 2.60 17.19
N ASN A 98 -7.44 1.75 16.75
CA ASN A 98 -8.26 2.11 15.60
C ASN A 98 -9.21 3.26 15.92
N CYS A 99 -9.89 3.18 17.05
CA CYS A 99 -10.74 4.29 17.48
C CYS A 99 -9.93 5.56 17.69
N LEU A 100 -8.72 5.42 18.23
CA LEU A 100 -7.93 6.59 18.56
C LEU A 100 -7.40 7.31 17.32
N VAL A 101 -7.41 6.64 16.16
CA VAL A 101 -7.09 7.35 14.90
C VAL A 101 -8.36 7.71 14.08
N GLY A 102 -9.51 7.74 14.75
CA GLY A 102 -10.74 8.20 14.12
C GLY A 102 -11.43 7.14 13.27
N ARG A 103 -11.17 5.87 13.58
CA ARG A 103 -11.64 4.77 12.72
C ARG A 103 -12.30 3.62 13.52
N PRO A 104 -13.41 3.95 14.23
CA PRO A 104 -14.17 2.93 14.94
C PRO A 104 -14.84 1.88 14.05
N ASP A 105 -14.85 2.10 12.74
CA ASP A 105 -15.28 1.01 11.85
C ASP A 105 -14.44 -0.26 12.03
N PHE A 106 -13.26 -0.10 12.61
CA PHE A 106 -12.34 -1.21 12.82
C PHE A 106 -12.05 -1.43 14.32
N CYS A 107 -12.97 -0.93 15.15
CA CYS A 107 -12.83 -1.02 16.60
C CYS A 107 -12.45 -2.43 17.04
N GLU A 108 -11.42 -2.53 17.88
CA GLU A 108 -10.95 -3.82 18.35
C GLU A 108 -11.64 -4.31 19.63
N THR A 109 -12.43 -3.47 20.29
CA THR A 109 -13.09 -3.88 21.53
C THR A 109 -14.58 -4.17 21.40
N GLY A 110 -15.20 -3.62 20.35
CA GLY A 110 -16.65 -3.73 20.19
C GLY A 110 -17.42 -2.77 21.09
N GLU A 111 -16.68 -1.93 21.81
CA GLU A 111 -17.26 -1.02 22.80
C GLU A 111 -17.55 0.36 22.25
N PHE A 112 -17.83 0.40 20.95
CA PHE A 112 -18.19 1.63 20.25
C PHE A 112 -19.67 1.92 20.43
N GLY A 113 -20.07 3.14 20.10
CA GLY A 113 -21.48 3.52 20.15
C GLY A 113 -22.00 3.75 18.75
N GLU A 114 -23.29 3.51 18.56
CA GLU A 114 -23.94 3.78 17.27
C GLU A 114 -25.21 4.61 17.48
N ALA A 115 -25.16 5.87 17.07
CA ALA A 115 -26.29 6.80 17.25
C ALA A 115 -27.58 6.18 16.81
N GLY A 116 -28.58 6.20 17.69
CA GLY A 116 -29.94 5.78 17.34
C GLY A 116 -30.12 4.28 17.32
N ILE A 117 -29.09 3.55 17.75
CA ILE A 117 -29.09 2.09 17.73
C ILE A 117 -28.62 1.48 19.04
N HIS A 118 -27.50 1.97 19.56
N HIS A 118 -27.46 1.89 19.52
CA HIS A 118 -26.81 1.36 20.70
CA HIS A 118 -26.97 1.40 20.81
C HIS A 118 -25.99 2.39 21.49
C HIS A 118 -26.01 2.36 21.50
N LYS A 119 -26.21 2.48 22.80
CA LYS A 119 -25.40 3.32 23.72
C LYS A 119 -25.57 4.84 23.58
N MET A 120 -26.05 5.28 22.43
CA MET A 120 -26.02 6.68 21.99
C MET A 120 -27.38 7.13 21.45
N ASP A 121 -27.91 8.24 21.99
CA ASP A 121 -29.12 8.86 21.44
C ASP A 121 -28.94 9.29 19.98
N GLY A 122 -29.92 8.96 19.15
CA GLY A 122 -29.90 9.32 17.73
C GLY A 122 -30.25 10.77 17.45
N PHE A 123 -30.63 11.03 16.20
CA PHE A 123 -30.74 12.39 15.68
C PHE A 123 -32.13 12.79 15.21
N MET A 124 -33.13 11.92 15.44
CA MET A 124 -34.54 12.24 15.21
C MET A 124 -35.10 13.06 16.39
N ARG A 125 -34.56 14.27 16.55
CA ARG A 125 -34.95 15.22 17.60
C ARG A 125 -34.75 16.65 17.09
N GLU A 126 -35.41 17.63 17.72
CA GLU A 126 -35.40 19.01 17.23
C GLU A 126 -33.99 19.58 17.10
N TRP A 127 -33.14 19.27 18.07
CA TRP A 127 -31.75 19.68 18.01
C TRP A 127 -30.89 18.83 18.95
N TRP A 128 -29.58 18.91 18.74
CA TRP A 128 -28.64 18.26 19.63
C TRP A 128 -27.34 19.03 19.65
N TYR A 129 -26.51 18.73 20.64
CA TYR A 129 -25.18 19.33 20.75
C TYR A 129 -24.14 18.32 20.33
N ASP A 130 -23.23 18.75 19.45
CA ASP A 130 -22.17 17.88 18.98
C ASP A 130 -20.80 18.52 19.03
N ASP A 131 -19.81 17.66 18.94
CA ASP A 131 -18.42 18.03 18.83
C ASP A 131 -18.13 18.25 17.35
N PRO A 132 -17.45 19.37 17.01
CA PRO A 132 -17.05 19.68 15.63
C PRO A 132 -16.34 18.53 14.94
N LYS A 133 -15.66 17.68 15.70
CA LYS A 133 -14.87 16.60 15.13
C LYS A 133 -15.75 15.56 14.41
N TYR A 134 -17.01 15.47 14.82
CA TYR A 134 -17.95 14.47 14.28
C TYR A 134 -18.89 15.00 13.22
N LEU A 135 -18.69 16.27 12.84
CA LEU A 135 -19.54 16.93 11.86
C LEU A 135 -18.91 16.99 10.48
N VAL A 136 -19.68 16.52 9.50
CA VAL A 136 -19.37 16.63 8.09
C VAL A 136 -20.11 17.83 7.48
N LYS A 137 -19.39 18.69 6.76
CA LYS A 137 -20.03 19.82 6.10
C LYS A 137 -20.84 19.36 4.89
N ILE A 138 -22.09 19.80 4.81
CA ILE A 138 -22.96 19.45 3.70
C ILE A 138 -23.20 20.71 2.88
N PRO A 139 -22.61 20.78 1.67
CA PRO A 139 -22.81 21.98 0.85
C PRO A 139 -24.31 22.22 0.60
N LYS A 140 -24.72 23.49 0.65
CA LYS A 140 -26.12 23.85 0.40
C LYS A 140 -26.55 23.40 -1.00
N SER A 141 -25.59 23.30 -1.93
CA SER A 141 -25.88 22.86 -3.29
C SER A 141 -26.32 21.40 -3.40
N ILE A 142 -26.11 20.62 -2.33
CA ILE A 142 -26.68 19.25 -2.30
C ILE A 142 -27.67 19.02 -1.16
N GLU A 143 -28.34 20.08 -0.72
CA GLU A 143 -29.25 19.96 0.40
C GLU A 143 -30.32 18.89 0.16
N ASP A 144 -30.80 18.78 -1.08
CA ASP A 144 -31.91 17.89 -1.41
C ASP A 144 -31.56 16.41 -1.30
N ILE A 145 -30.38 16.03 -1.80
CA ILE A 145 -29.96 14.62 -1.80
C ILE A 145 -28.86 14.31 -0.79
N GLY A 146 -28.39 15.35 -0.09
CA GLY A 146 -27.32 15.24 0.89
C GLY A 146 -27.53 14.24 2.02
N ILE A 147 -28.78 13.97 2.38
CA ILE A 147 -29.05 13.00 3.44
C ILE A 147 -28.47 11.61 3.08
N LEU A 148 -28.30 11.35 1.79
CA LEU A 148 -27.74 10.07 1.34
C LEU A 148 -26.25 9.90 1.65
N ALA A 149 -25.60 10.97 2.10
CA ALA A 149 -24.17 10.88 2.39
C ALA A 149 -23.85 9.85 3.48
N GLN A 150 -24.80 9.64 4.40
CA GLN A 150 -24.60 8.67 5.46
C GLN A 150 -24.61 7.23 4.92
N PRO A 151 -25.70 6.81 4.23
CA PRO A 151 -25.63 5.47 3.66
C PRO A 151 -24.54 5.29 2.64
N LEU A 152 -24.29 6.31 1.83
CA LEU A 152 -23.25 6.22 0.81
C LEU A 152 -21.88 6.06 1.46
N ALA A 153 -21.66 6.66 2.64
CA ALA A 153 -20.40 6.49 3.36
C ALA A 153 -20.03 5.04 3.63
N ASP A 154 -21.02 4.23 4.04
CA ASP A 154 -20.71 2.81 4.26
C ASP A 154 -20.20 2.15 2.99
N ILE A 155 -20.78 2.56 1.87
CA ILE A 155 -20.45 2.04 0.55
C ILE A 155 -19.09 2.58 0.07
N GLU A 156 -18.82 3.87 0.30
CA GLU A 156 -17.49 4.42 0.00
C GLU A 156 -16.38 3.63 0.72
N LYS A 157 -16.60 3.35 2.01
CA LYS A 157 -15.62 2.59 2.79
C LYS A 157 -15.44 1.20 2.21
N SER A 158 -16.56 0.57 1.88
CA SER A 158 -16.53 -0.78 1.34
C SER A 158 -15.76 -0.93 0.04
N ILE A 159 -16.04 -0.06 -0.93
CA ILE A 159 -15.29 -0.09 -2.18
C ILE A 159 -13.82 0.27 -1.96
N GLU A 160 -13.55 1.27 -1.11
CA GLU A 160 -12.16 1.63 -0.77
C GLU A 160 -11.41 0.38 -0.26
N GLU A 161 -12.04 -0.34 0.66
CA GLU A 161 -11.43 -1.54 1.23
C GLU A 161 -11.22 -2.64 0.17
N ILE A 162 -12.20 -2.88 -0.69
CA ILE A 162 -12.05 -3.83 -1.78
C ILE A 162 -10.84 -3.47 -2.66
N LEU A 163 -10.74 -2.20 -3.03
CA LEU A 163 -9.62 -1.77 -3.89
C LEU A 163 -8.27 -1.90 -3.17
N GLU A 164 -8.27 -1.60 -1.87
CA GLU A 164 -7.08 -1.75 -1.04
C GLU A 164 -6.65 -3.22 -1.02
N VAL A 165 -7.59 -4.11 -0.74
CA VAL A 165 -7.30 -5.53 -0.69
C VAL A 165 -6.73 -6.01 -2.02
N GLN A 166 -7.27 -5.48 -3.12
CA GLN A 166 -6.87 -5.99 -4.44
C GLN A 166 -5.47 -5.53 -4.91
N LYS A 167 -4.85 -4.64 -4.14
CA LYS A 167 -3.42 -4.33 -4.29
C LYS A 167 -2.51 -5.55 -4.11
N ARG A 168 -3.06 -6.61 -3.49
CA ARG A 168 -2.37 -7.89 -3.35
C ARG A 168 -2.10 -8.55 -4.71
N VAL A 169 -2.94 -8.22 -5.71
CA VAL A 169 -2.75 -8.76 -7.06
C VAL A 169 -1.69 -7.92 -7.77
N PRO A 170 -0.59 -8.53 -8.24
CA PRO A 170 0.48 -7.75 -8.85
C PRO A 170 0.00 -6.79 -9.92
N VAL A 171 -0.90 -7.22 -10.80
CA VAL A 171 -1.52 -6.26 -11.72
C VAL A 171 -3.04 -6.52 -11.78
N TRP A 172 -3.85 -5.67 -11.14
CA TRP A 172 -5.32 -5.80 -11.22
C TRP A 172 -5.93 -4.76 -12.15
N THR A 173 -5.12 -3.83 -12.62
CA THR A 173 -5.57 -2.89 -13.62
C THR A 173 -5.66 -3.57 -15.00
N CYS A 174 -6.22 -2.83 -15.95
CA CYS A 174 -6.49 -3.35 -17.28
C CYS A 174 -5.45 -2.87 -18.30
N ASP A 175 -5.62 -3.29 -19.55
CA ASP A 175 -4.66 -2.94 -20.59
C ASP A 175 -4.46 -1.43 -20.72
N ASP A 176 -5.47 -0.65 -20.33
CA ASP A 176 -5.42 0.80 -20.45
C ASP A 176 -5.12 1.52 -19.13
N GLY A 177 -4.71 0.74 -18.12
CA GLY A 177 -4.33 1.31 -16.82
C GLY A 177 -5.51 1.59 -15.89
N THR A 178 -6.73 1.34 -16.37
CA THR A 178 -7.93 1.58 -15.58
C THR A 178 -8.47 0.27 -14.95
N LEU A 179 -9.63 0.37 -14.31
CA LEU A 179 -10.37 -0.82 -13.92
C LEU A 179 -11.62 -1.01 -14.77
N ASN A 180 -11.65 -0.37 -15.95
CA ASN A 180 -12.82 -0.43 -16.80
C ASN A 180 -13.18 -1.85 -17.27
N CYS A 181 -12.18 -2.72 -17.35
CA CYS A 181 -12.39 -4.11 -17.76
C CYS A 181 -12.90 -5.02 -16.64
N ARG A 182 -12.90 -4.52 -15.41
CA ARG A 182 -13.33 -5.31 -14.26
C ARG A 182 -14.85 -5.27 -14.16
N LYS A 183 -15.41 -6.43 -13.83
CA LYS A 183 -16.86 -6.62 -13.77
C LYS A 183 -17.34 -6.90 -12.35
N VAL A 184 -18.41 -6.19 -11.95
CA VAL A 184 -19.01 -6.32 -10.62
C VAL A 184 -20.43 -6.84 -10.75
N LEU A 185 -20.79 -7.82 -9.92
CA LEU A 185 -22.17 -8.31 -9.81
C LEU A 185 -22.68 -7.79 -8.49
N VAL A 186 -23.73 -6.95 -8.54
CA VAL A 186 -24.34 -6.39 -7.32
C VAL A 186 -25.64 -7.14 -7.14
N VAL A 187 -25.73 -7.92 -6.06
CA VAL A 187 -26.89 -8.77 -5.83
C VAL A 187 -27.81 -8.03 -4.86
N GLY A 188 -29.01 -7.72 -5.30
N GLY A 188 -29.00 -7.68 -5.32
CA GLY A 188 -30.00 -7.08 -4.43
CA GLY A 188 -29.89 -6.84 -4.53
C GLY A 188 -30.06 -5.58 -4.62
C GLY A 188 -29.92 -5.42 -5.05
N THR A 189 -31.09 -5.14 -5.35
N THR A 189 -31.10 -4.80 -5.03
CA THR A 189 -31.21 -3.75 -5.80
CA THR A 189 -31.30 -3.56 -5.78
C THR A 189 -31.72 -2.83 -4.70
C THR A 189 -32.09 -2.49 -5.03
N GLY A 190 -32.50 -1.82 -5.09
N GLY A 190 -32.06 -2.59 -3.70
CA GLY A 190 -32.90 -0.81 -4.12
CA GLY A 190 -32.56 -1.57 -2.78
C GLY A 190 -31.69 -0.19 -3.44
C GLY A 190 -31.61 -0.39 -2.72
N PRO A 191 -31.94 0.70 -2.48
N PRO A 191 -31.79 0.49 -1.73
CA PRO A 191 -30.99 1.63 -1.86
CA PRO A 191 -30.95 1.70 -1.73
C PRO A 191 -29.50 1.20 -1.90
C PRO A 191 -29.46 1.36 -1.68
N ILE A 192 -29.12 0.24 -1.05
CA ILE A 192 -27.71 -0.20 -0.98
C ILE A 192 -27.21 -0.67 -2.35
N GLY A 193 -27.96 -1.57 -2.98
CA GLY A 193 -27.58 -2.07 -4.29
C GLY A 193 -27.48 -0.96 -5.32
N VAL A 194 -28.44 -0.04 -5.31
CA VAL A 194 -28.40 1.12 -6.22
C VAL A 194 -27.17 2.01 -5.99
N LEU A 195 -26.87 2.29 -4.72
CA LEU A 195 -25.70 3.13 -4.40
C LEU A 195 -24.36 2.47 -4.76
N PHE A 196 -24.24 1.18 -4.48
CA PHE A 196 -23.07 0.40 -4.94
C PHE A 196 -22.91 0.49 -6.47
N THR A 197 -24.02 0.38 -7.19
CA THR A 197 -24.00 0.44 -8.65
C THR A 197 -23.54 1.82 -9.14
N LEU A 198 -24.15 2.87 -8.61
CA LEU A 198 -23.77 4.25 -8.97
C LEU A 198 -22.28 4.49 -8.72
N LEU A 199 -21.80 4.02 -7.57
CA LEU A 199 -20.41 4.31 -7.19
C LEU A 199 -19.45 3.48 -8.05
N PHE A 200 -19.75 2.20 -8.29
CA PHE A 200 -18.86 1.42 -9.13
C PHE A 200 -18.80 1.95 -10.58
N ARG A 201 -19.93 2.38 -11.11
CA ARG A 201 -19.93 2.97 -12.45
C ARG A 201 -19.15 4.30 -12.46
N THR A 202 -19.23 5.05 -11.35
CA THR A 202 -18.49 6.31 -11.22
C THR A 202 -16.98 6.04 -11.30
N TYR A 203 -16.56 4.94 -10.67
CA TYR A 203 -15.17 4.49 -10.76
C TYR A 203 -14.83 3.84 -12.12
N GLY A 204 -15.84 3.54 -12.92
CA GLY A 204 -15.62 3.05 -14.28
C GLY A 204 -15.74 1.55 -14.46
N LEU A 205 -16.00 0.79 -13.39
CA LEU A 205 -16.10 -0.67 -13.53
C LEU A 205 -17.43 -1.03 -14.19
N GLU A 206 -17.45 -2.15 -14.91
CA GLU A 206 -18.69 -2.65 -15.50
C GLU A 206 -19.55 -3.23 -14.38
N VAL A 207 -20.85 -2.95 -14.39
CA VAL A 207 -21.77 -3.47 -13.35
C VAL A 207 -22.96 -4.24 -13.93
N TRP A 208 -23.29 -5.37 -13.29
CA TRP A 208 -24.53 -6.09 -13.48
C TRP A 208 -25.26 -6.08 -12.15
N MET A 209 -26.51 -5.61 -12.18
CA MET A 209 -27.44 -5.70 -11.04
C MET A 209 -28.25 -7.00 -11.18
N ALA A 210 -28.53 -7.67 -10.06
CA ALA A 210 -29.32 -8.90 -10.10
C ALA A 210 -30.42 -8.87 -9.04
N ASN A 211 -31.63 -9.22 -9.45
CA ASN A 211 -32.72 -9.45 -8.50
C ASN A 211 -33.64 -10.51 -9.08
N ARG A 212 -34.43 -11.13 -8.22
CA ARG A 212 -35.37 -12.19 -8.63
C ARG A 212 -36.70 -11.62 -9.13
N ARG A 213 -36.61 -10.77 -10.15
CA ARG A 213 -37.77 -10.08 -10.76
C ARG A 213 -37.26 -9.17 -11.85
N GLU A 214 -38.16 -8.48 -12.56
CA GLU A 214 -37.75 -7.46 -13.51
C GLU A 214 -37.49 -6.14 -12.77
N PRO A 215 -36.80 -5.17 -13.43
CA PRO A 215 -36.49 -3.95 -12.67
C PRO A 215 -37.72 -3.06 -12.44
N THR A 216 -37.69 -2.32 -11.33
CA THR A 216 -38.66 -1.24 -11.09
C THR A 216 -38.36 -0.08 -12.03
N GLU A 217 -39.27 0.90 -12.06
CA GLU A 217 -39.09 2.13 -12.84
C GLU A 217 -37.80 2.88 -12.49
N VAL A 218 -37.59 3.09 -11.20
CA VAL A 218 -36.37 3.72 -10.67
C VAL A 218 -35.13 2.92 -11.07
N GLU A 219 -35.15 1.60 -10.87
CA GLU A 219 -33.98 0.79 -11.23
C GLU A 219 -33.70 0.86 -12.73
N GLN A 220 -34.77 0.88 -13.53
CA GLN A 220 -34.62 1.01 -14.97
C GLN A 220 -33.97 2.33 -15.39
N THR A 221 -34.34 3.41 -14.72
CA THR A 221 -33.66 4.71 -14.93
C THR A 221 -32.18 4.60 -14.66
N VAL A 222 -31.83 4.01 -13.53
CA VAL A 222 -30.44 3.91 -13.12
C VAL A 222 -29.70 3.04 -14.13
N ILE A 223 -30.33 1.93 -14.52
CA ILE A 223 -29.78 1.00 -15.50
C ILE A 223 -29.41 1.72 -16.79
N GLU A 224 -30.36 2.48 -17.32
CA GLU A 224 -30.19 3.15 -18.60
C GLU A 224 -29.20 4.32 -18.54
N GLU A 225 -29.34 5.16 -17.52
CA GLU A 225 -28.54 6.37 -17.45
C GLU A 225 -27.07 6.07 -17.13
N THR A 226 -26.83 5.05 -16.31
CA THR A 226 -25.46 4.71 -15.95
C THR A 226 -24.84 3.65 -16.85
N LYS A 227 -25.61 3.12 -17.81
CA LYS A 227 -25.10 2.09 -18.72
C LYS A 227 -24.67 0.85 -17.93
N THR A 228 -25.59 0.40 -17.09
CA THR A 228 -25.43 -0.78 -16.23
C THR A 228 -26.28 -1.89 -16.82
N ASN A 229 -25.85 -3.13 -16.62
CA ASN A 229 -26.58 -4.31 -17.09
C ASN A 229 -27.48 -4.83 -15.96
N TYR A 230 -28.52 -5.58 -16.33
CA TYR A 230 -29.44 -6.17 -15.34
C TYR A 230 -29.68 -7.65 -15.63
N TYR A 231 -29.73 -8.47 -14.58
CA TYR A 231 -30.02 -9.90 -14.71
C TYR A 231 -31.15 -10.30 -13.77
N ASN A 232 -32.18 -10.91 -14.32
CA ASN A 232 -33.29 -11.46 -13.55
C ASN A 232 -32.85 -12.83 -13.06
N SER A 233 -32.63 -12.93 -11.75
CA SER A 233 -32.05 -14.11 -11.13
C SER A 233 -33.08 -15.07 -10.56
N SER A 234 -34.33 -14.90 -10.99
CA SER A 234 -35.46 -15.68 -10.47
C SER A 234 -35.28 -17.18 -10.55
N ASN A 235 -34.61 -17.64 -11.60
CA ASN A 235 -34.34 -19.07 -11.75
C ASN A 235 -32.86 -19.44 -11.64
N GLY A 236 -32.11 -18.59 -10.93
CA GLY A 236 -30.70 -18.85 -10.66
C GLY A 236 -29.78 -18.16 -11.62
N TYR A 237 -28.52 -18.55 -11.55
CA TYR A 237 -27.43 -17.83 -12.17
C TYR A 237 -26.75 -18.56 -13.34
N ASP A 238 -27.19 -19.77 -13.68
CA ASP A 238 -26.57 -20.48 -14.80
C ASP A 238 -26.55 -19.67 -16.09
N LYS A 239 -27.66 -19.02 -16.40
CA LYS A 239 -27.77 -18.27 -17.66
C LYS A 239 -26.80 -17.09 -17.70
N LEU A 240 -26.64 -16.40 -16.57
CA LEU A 240 -25.71 -15.29 -16.51
C LEU A 240 -24.27 -15.77 -16.70
N LYS A 241 -23.90 -16.86 -16.00
CA LYS A 241 -22.58 -17.45 -16.14
C LYS A 241 -22.31 -17.84 -17.60
N ASP A 242 -23.27 -18.51 -18.24
CA ASP A 242 -23.10 -18.96 -19.62
C ASP A 242 -22.87 -17.80 -20.59
N SER A 243 -23.59 -16.70 -20.38
CA SER A 243 -23.55 -15.56 -21.31
C SER A 243 -22.39 -14.60 -21.05
N VAL A 244 -22.23 -14.20 -19.79
CA VAL A 244 -21.28 -13.12 -19.46
C VAL A 244 -19.97 -13.66 -18.88
N GLY A 245 -20.05 -14.84 -18.27
CA GLY A 245 -18.91 -15.46 -17.63
C GLY A 245 -18.87 -15.08 -16.15
N LYS A 246 -17.65 -14.96 -15.64
CA LYS A 246 -17.43 -14.72 -14.22
C LYS A 246 -17.04 -13.28 -13.91
N PHE A 247 -17.09 -12.94 -12.61
CA PHE A 247 -17.02 -11.54 -12.14
C PHE A 247 -15.82 -11.32 -11.25
N ASP A 248 -15.23 -10.12 -11.36
CA ASP A 248 -14.08 -9.80 -10.52
C ASP A 248 -14.44 -9.43 -9.08
N VAL A 249 -15.64 -8.86 -8.92
CA VAL A 249 -16.16 -8.46 -7.63
C VAL A 249 -17.64 -8.85 -7.61
N ILE A 250 -18.08 -9.45 -6.52
CA ILE A 250 -19.51 -9.70 -6.31
C ILE A 250 -19.85 -9.07 -4.97
N ILE A 251 -20.91 -8.27 -4.94
CA ILE A 251 -21.37 -7.65 -3.69
C ILE A 251 -22.72 -8.30 -3.30
N ASP A 252 -22.81 -8.86 -2.08
CA ASP A 252 -24.14 -9.26 -1.56
C ASP A 252 -24.76 -8.05 -0.86
N ALA A 253 -25.72 -7.41 -1.55
N ALA A 253 -25.78 -7.47 -1.49
CA ALA A 253 -26.38 -6.20 -1.05
CA ALA A 253 -26.55 -6.35 -0.92
C ALA A 253 -27.81 -6.57 -0.65
C ALA A 253 -28.01 -6.77 -0.67
N THR A 254 -28.05 -7.86 -0.48
N THR A 254 -28.23 -8.03 -0.32
CA THR A 254 -29.34 -8.35 -0.03
CA THR A 254 -29.60 -8.58 -0.16
C THR A 254 -29.27 -8.66 1.46
C THR A 254 -30.23 -8.47 1.23
N GLY A 255 -30.37 -8.47 2.16
N GLY A 255 -29.46 -8.86 2.26
CA GLY A 255 -30.45 -8.98 3.53
CA GLY A 255 -29.99 -9.03 3.61
C GLY A 255 -31.06 -10.37 3.47
C GLY A 255 -30.99 -10.16 3.64
N ALA A 256 -30.76 -11.09 2.39
N ALA A 256 -30.78 -11.14 2.77
CA ALA A 256 -31.46 -12.35 2.09
CA ALA A 256 -31.73 -12.26 2.63
C ALA A 256 -30.84 -13.58 2.72
C ALA A 256 -31.13 -13.57 3.16
N ASP A 257 -31.55 -14.70 2.59
CA ASP A 257 -31.05 -16.02 3.00
C ASP A 257 -29.61 -16.20 2.52
N VAL A 258 -28.77 -16.76 3.38
CA VAL A 258 -27.33 -16.93 3.05
C VAL A 258 -27.09 -17.85 1.86
N ASN A 259 -28.08 -18.67 1.52
CA ASN A 259 -27.95 -19.51 0.33
C ASN A 259 -27.74 -18.74 -0.98
N ILE A 260 -28.09 -17.45 -0.97
CA ILE A 260 -27.70 -16.57 -2.08
C ILE A 260 -26.20 -16.70 -2.37
N LEU A 261 -25.38 -16.81 -1.33
CA LEU A 261 -23.93 -16.96 -1.54
C LEU A 261 -23.58 -18.24 -2.30
N GLY A 262 -24.31 -19.31 -2.04
CA GLY A 262 -24.09 -20.57 -2.74
C GLY A 262 -24.36 -20.43 -4.22
N ASN A 263 -25.32 -19.59 -4.55
CA ASN A 263 -25.68 -19.34 -5.94
C ASN A 263 -24.63 -18.50 -6.68
N VAL A 264 -24.07 -17.51 -5.98
CA VAL A 264 -23.17 -16.55 -6.66
C VAL A 264 -21.69 -16.88 -6.56
N ILE A 265 -21.29 -17.68 -5.57
CA ILE A 265 -19.88 -18.08 -5.47
C ILE A 265 -19.33 -18.74 -6.76
N PRO A 266 -20.13 -19.59 -7.44
CA PRO A 266 -19.67 -20.14 -8.73
C PRO A 266 -19.45 -19.11 -9.85
N LEU A 267 -19.84 -17.87 -9.62
CA LEU A 267 -19.68 -16.80 -10.63
C LEU A 267 -18.48 -15.87 -10.35
N LEU A 268 -17.74 -16.15 -9.28
CA LEU A 268 -16.58 -15.36 -8.91
C LEU A 268 -15.37 -15.79 -9.73
N GLY A 269 -14.73 -14.84 -10.40
CA GLY A 269 -13.57 -15.13 -11.24
C GLY A 269 -12.23 -15.20 -10.50
N ARG A 270 -11.19 -15.56 -11.25
CA ARG A 270 -9.84 -15.67 -10.69
C ARG A 270 -9.42 -14.36 -10.04
N ASN A 271 -8.82 -14.48 -8.86
CA ASN A 271 -8.33 -13.33 -8.09
C ASN A 271 -9.46 -12.46 -7.54
N GLY A 272 -10.72 -12.95 -7.64
CA GLY A 272 -11.90 -12.14 -7.33
C GLY A 272 -12.15 -11.92 -5.85
N VAL A 273 -13.09 -11.01 -5.56
CA VAL A 273 -13.49 -10.68 -4.20
C VAL A 273 -15.01 -10.78 -4.11
N LEU A 274 -15.47 -11.53 -3.11
CA LEU A 274 -16.87 -11.54 -2.69
C LEU A 274 -17.00 -10.60 -1.49
N GLY A 275 -17.71 -9.50 -1.68
CA GLY A 275 -17.94 -8.50 -0.63
C GLY A 275 -19.26 -8.80 0.10
N LEU A 276 -19.16 -9.12 1.39
CA LEU A 276 -20.36 -9.36 2.19
C LEU A 276 -20.70 -8.07 2.90
N PHE A 277 -21.75 -7.43 2.41
CA PHE A 277 -22.23 -6.14 2.97
C PHE A 277 -23.60 -6.29 3.64
N GLY A 278 -24.52 -6.99 2.99
CA GLY A 278 -25.84 -7.24 3.58
C GLY A 278 -25.75 -8.03 4.87
N PHE A 279 -26.75 -7.84 5.74
CA PHE A 279 -26.83 -8.62 6.97
C PHE A 279 -27.88 -9.70 6.75
N SER A 280 -27.42 -10.90 6.45
CA SER A 280 -28.31 -12.01 6.14
C SER A 280 -29.16 -12.38 7.35
N THR A 281 -30.37 -12.84 7.06
CA THR A 281 -31.45 -12.89 8.03
C THR A 281 -31.90 -14.30 8.33
N SER A 282 -31.53 -15.23 7.45
CA SER A 282 -31.85 -16.63 7.66
C SER A 282 -30.93 -17.56 6.88
N GLY A 283 -31.09 -18.85 7.15
CA GLY A 283 -30.50 -19.89 6.33
C GLY A 283 -29.13 -20.36 6.78
N SER A 284 -28.72 -21.46 6.16
CA SER A 284 -27.39 -22.02 6.31
C SER A 284 -26.95 -22.43 4.91
N VAL A 285 -25.74 -21.99 4.52
CA VAL A 285 -25.18 -22.32 3.21
C VAL A 285 -24.04 -23.33 3.32
N PRO A 286 -24.15 -24.45 2.58
CA PRO A 286 -23.07 -25.44 2.59
C PRO A 286 -21.95 -25.12 1.58
N LEU A 287 -20.71 -25.16 2.05
CA LEU A 287 -19.56 -25.05 1.15
C LEU A 287 -18.80 -26.38 1.13
N ASP A 288 -18.81 -27.02 -0.04
CA ASP A 288 -18.17 -28.32 -0.22
C ASP A 288 -16.67 -28.14 -0.46
N TYR A 289 -15.91 -29.22 -0.33
CA TYR A 289 -14.47 -29.14 -0.48
C TYR A 289 -14.05 -28.68 -1.89
N LYS A 290 -14.82 -29.04 -2.91
CA LYS A 290 -14.52 -28.63 -4.30
C LYS A 290 -14.55 -27.10 -4.44
N THR A 291 -15.54 -26.47 -3.83
CA THR A 291 -15.68 -25.02 -3.88
C THR A 291 -14.53 -24.34 -3.16
N LEU A 292 -14.17 -24.85 -1.98
CA LEU A 292 -13.13 -24.21 -1.17
C LEU A 292 -11.74 -24.42 -1.79
N GLN A 293 -11.47 -25.60 -2.35
CA GLN A 293 -10.15 -25.83 -2.96
C GLN A 293 -9.97 -24.92 -4.18
N GLU A 294 -11.08 -24.61 -4.85
CA GLU A 294 -11.06 -23.77 -6.03
C GLU A 294 -10.77 -22.32 -5.62
N ILE A 295 -11.35 -21.90 -4.51
CA ILE A 295 -11.00 -20.59 -3.88
C ILE A 295 -9.51 -20.48 -3.56
N VAL A 296 -8.94 -21.55 -3.04
CA VAL A 296 -7.50 -21.57 -2.76
C VAL A 296 -6.68 -21.41 -4.06
N HIS A 297 -7.00 -22.25 -5.05
CA HIS A 297 -6.28 -22.29 -6.32
C HIS A 297 -6.26 -20.99 -7.13
N THR A 298 -7.25 -20.13 -6.89
CA THR A 298 -7.52 -18.95 -7.71
C THR A 298 -7.37 -17.64 -6.92
N ASN A 299 -6.77 -17.69 -5.73
CA ASN A 299 -6.51 -16.47 -4.91
C ASN A 299 -7.79 -15.67 -4.59
N LYS A 300 -8.92 -16.35 -4.42
CA LYS A 300 -10.17 -15.63 -4.14
C LYS A 300 -10.21 -15.15 -2.68
N THR A 301 -10.94 -14.07 -2.45
CA THR A 301 -11.12 -13.49 -1.12
C THR A 301 -12.61 -13.24 -0.83
N ILE A 302 -13.00 -13.48 0.42
CA ILE A 302 -14.32 -13.13 0.94
C ILE A 302 -14.11 -12.09 2.05
N ILE A 303 -14.80 -10.96 1.97
CA ILE A 303 -14.56 -9.90 2.97
C ILE A 303 -15.86 -9.35 3.56
N GLY A 304 -15.89 -9.26 4.90
CA GLY A 304 -16.97 -8.59 5.61
C GLY A 304 -16.77 -7.08 5.55
N LEU A 305 -17.80 -6.37 5.07
CA LEU A 305 -17.74 -4.94 4.81
C LEU A 305 -18.73 -4.22 5.72
N VAL A 306 -18.25 -3.32 6.59
CA VAL A 306 -19.16 -2.64 7.53
C VAL A 306 -18.66 -1.23 7.87
N ASN A 307 -19.58 -0.28 7.88
CA ASN A 307 -19.44 1.06 8.48
C ASN A 307 -18.46 2.02 7.84
N GLY A 308 -18.97 3.18 7.44
CA GLY A 308 -18.12 4.24 6.93
C GLY A 308 -17.88 5.30 8.00
N GLN A 309 -16.73 5.97 7.87
CA GLN A 309 -16.35 6.98 8.83
C GLN A 309 -16.18 8.34 8.14
N LYS A 310 -15.66 9.32 8.87
CA LYS A 310 -15.67 10.72 8.36
C LYS A 310 -15.11 10.89 6.94
N PRO A 311 -13.93 10.32 6.65
CA PRO A 311 -13.41 10.52 5.29
C PRO A 311 -14.36 9.97 4.21
N HIS A 312 -15.11 8.93 4.55
CA HIS A 312 -16.05 8.34 3.61
C HIS A 312 -17.31 9.19 3.41
N PHE A 313 -17.78 9.86 4.48
CA PHE A 313 -18.89 10.82 4.36
C PHE A 313 -18.47 11.94 3.42
N GLN A 314 -17.22 12.40 3.55
CA GLN A 314 -16.78 13.51 2.71
C GLN A 314 -16.67 13.09 1.24
N GLN A 315 -16.14 11.89 1.00
CA GLN A 315 -16.09 11.36 -0.36
C GLN A 315 -17.51 11.23 -0.91
N ALA A 316 -18.44 10.80 -0.06
CA ALA A 316 -19.83 10.66 -0.46
C ALA A 316 -20.40 11.98 -0.95
N VAL A 317 -20.08 13.04 -0.22
CA VAL A 317 -20.56 14.37 -0.59
C VAL A 317 -20.07 14.72 -2.00
N VAL A 318 -18.78 14.49 -2.27
CA VAL A 318 -18.24 14.78 -3.60
C VAL A 318 -18.96 13.96 -4.68
N HIS A 319 -19.23 12.69 -4.40
CA HIS A 319 -19.84 11.84 -5.41
C HIS A 319 -21.30 12.23 -5.64
N LEU A 320 -22.05 12.50 -4.56
CA LEU A 320 -23.41 12.99 -4.71
C LEU A 320 -23.43 14.24 -5.59
N ALA A 321 -22.49 15.17 -5.33
CA ALA A 321 -22.44 16.40 -6.14
C ALA A 321 -22.18 16.05 -7.60
N SER A 322 -21.27 15.10 -7.85
CA SER A 322 -20.97 14.71 -9.22
C SER A 322 -22.15 14.13 -9.94
N TRP A 323 -22.99 13.39 -9.21
CA TRP A 323 -24.11 12.69 -9.84
C TRP A 323 -25.20 13.65 -10.34
N LYS A 324 -25.31 14.82 -9.74
CA LYS A 324 -26.24 15.84 -10.22
C LYS A 324 -25.97 16.21 -11.68
N THR A 325 -24.71 16.02 -12.12
CA THR A 325 -24.29 16.31 -13.48
C THR A 325 -24.13 15.03 -14.29
N LEU A 326 -23.56 13.98 -13.68
CA LEU A 326 -23.31 12.75 -14.42
C LEU A 326 -24.55 11.92 -14.63
N TYR A 327 -25.36 11.82 -13.59
CA TYR A 327 -26.56 10.97 -13.61
C TYR A 327 -27.75 11.73 -13.00
N PRO A 328 -28.15 12.85 -13.64
CA PRO A 328 -29.16 13.73 -13.07
C PRO A 328 -30.52 13.04 -12.84
N LYS A 329 -30.91 12.14 -13.73
CA LYS A 329 -32.19 11.43 -13.62
C LYS A 329 -32.19 10.49 -12.41
N ALA A 330 -31.11 9.73 -12.25
CA ALA A 330 -30.96 8.83 -11.11
C ALA A 330 -30.88 9.59 -9.79
N ALA A 331 -30.12 10.68 -9.78
CA ALA A 331 -29.95 11.49 -8.57
C ALA A 331 -31.28 12.01 -8.04
N LYS A 332 -32.18 12.37 -8.95
CA LYS A 332 -33.52 12.88 -8.59
C LYS A 332 -34.51 11.79 -8.20
N MET A 333 -34.11 10.54 -8.30
CA MET A 333 -34.91 9.42 -7.84
C MET A 333 -34.37 8.80 -6.55
N LEU A 334 -33.28 9.35 -6.03
CA LEU A 334 -32.69 8.86 -4.79
C LEU A 334 -33.63 9.11 -3.58
N ILE A 335 -34.25 10.30 -3.57
CA ILE A 335 -35.22 10.65 -2.53
C ILE A 335 -36.62 10.28 -3.02
N THR A 336 -37.20 9.24 -2.43
CA THR A 336 -38.51 8.74 -2.84
C THR A 336 -39.63 9.69 -2.41
N LYS A 337 -39.55 10.16 -1.16
CA LYS A 337 -40.47 11.18 -0.68
C LYS A 337 -40.01 11.77 0.65
N THR A 338 -40.56 12.94 0.95
CA THR A 338 -40.30 13.64 2.21
C THR A 338 -41.58 13.69 3.03
N VAL A 339 -41.50 13.29 4.31
CA VAL A 339 -42.65 13.31 5.21
C VAL A 339 -42.41 14.37 6.29
N SER A 340 -43.42 15.18 6.58
CA SER A 340 -43.29 16.16 7.65
C SER A 340 -43.24 15.51 9.03
N ILE A 341 -42.40 16.06 9.92
CA ILE A 341 -42.36 15.59 11.32
C ILE A 341 -43.74 15.73 12.01
N ASN A 342 -44.57 16.63 11.46
CA ASN A 342 -45.90 16.93 12.00
C ASN A 342 -47.06 16.11 11.42
N ASP A 343 -46.75 15.23 10.47
CA ASP A 343 -47.73 14.37 9.81
C ASP A 343 -47.62 12.99 10.46
N GLU A 344 -48.15 12.89 11.69
CA GLU A 344 -47.84 11.73 12.54
C GLU A 344 -48.25 10.39 11.92
N LYS A 345 -49.42 10.36 11.27
CA LYS A 345 -49.94 9.12 10.71
C LYS A 345 -49.02 8.57 9.60
N GLU A 346 -48.61 9.46 8.69
CA GLU A 346 -47.74 9.05 7.60
C GLU A 346 -46.34 8.74 8.14
N LEU A 347 -45.90 9.53 9.11
CA LEU A 347 -44.59 9.33 9.75
C LEU A 347 -44.48 7.95 10.37
N LEU A 348 -45.47 7.58 11.18
CA LEU A 348 -45.43 6.28 11.84
C LEU A 348 -45.41 5.17 10.79
N LYS A 349 -46.17 5.36 9.71
CA LYS A 349 -46.23 4.38 8.61
C LYS A 349 -44.87 4.14 7.96
N VAL A 350 -44.17 5.22 7.60
CA VAL A 350 -42.84 5.09 6.97
C VAL A 350 -41.77 4.60 7.96
N LEU A 351 -41.92 4.90 9.25
CA LEU A 351 -41.00 4.34 10.25
C LEU A 351 -41.16 2.84 10.43
N ARG A 352 -42.39 2.34 10.27
CA ARG A 352 -42.67 0.92 10.54
C ARG A 352 -42.41 -0.04 9.38
N GLU A 353 -42.53 0.45 8.15
CA GLU A 353 -42.41 -0.44 6.99
C GLU A 353 -41.91 0.26 5.73
N LYS A 354 -41.07 -0.46 4.97
CA LYS A 354 -40.63 -0.02 3.65
C LYS A 354 -41.76 -0.19 2.64
N GLU A 355 -41.86 0.71 1.66
CA GLU A 355 -42.74 0.51 0.49
C GLU A 355 -41.93 -0.10 -0.67
N HIS A 356 -42.55 -0.97 -1.48
CA HIS A 356 -41.83 -1.62 -2.59
C HIS A 356 -41.16 -0.57 -3.50
N GLY A 357 -39.89 -0.78 -3.84
CA GLY A 357 -39.15 0.13 -4.72
C GLY A 357 -38.67 1.44 -4.10
N GLU A 358 -38.90 1.61 -2.81
CA GLU A 358 -38.41 2.76 -2.06
C GLU A 358 -36.87 2.81 -2.12
N ILE A 359 -36.33 4.02 -2.22
CA ILE A 359 -34.89 4.21 -2.10
C ILE A 359 -34.62 4.87 -0.75
N LYS A 360 -35.05 6.11 -0.60
CA LYS A 360 -34.88 6.84 0.65
C LYS A 360 -36.08 7.70 0.98
N ILE A 361 -36.63 7.49 2.18
CA ILE A 361 -37.59 8.42 2.74
C ILE A 361 -36.89 9.45 3.65
N ARG A 362 -37.25 10.71 3.49
CA ARG A 362 -36.68 11.81 4.25
C ARG A 362 -37.73 12.37 5.19
N ILE A 363 -37.34 12.66 6.43
CA ILE A 363 -38.23 13.35 7.38
C ILE A 363 -37.78 14.82 7.47
N LEU A 364 -38.71 15.74 7.25
CA LEU A 364 -38.45 17.18 7.31
C LEU A 364 -38.94 17.77 8.63
N TRP A 365 -38.07 18.55 9.28
CA TRP A 365 -38.40 19.23 10.53
C TRP A 365 -38.74 20.68 10.23
N GLU A 366 -39.91 21.08 10.71
CA GLU A 366 -40.46 22.41 10.46
C GLU A 366 -41.18 22.88 11.73
N MET B 1 -6.88 18.95 -45.34
CA MET B 1 -7.59 19.08 -44.05
C MET B 1 -6.97 20.24 -43.28
N LYS B 2 -7.82 21.03 -42.62
CA LYS B 2 -7.30 22.11 -41.78
C LYS B 2 -6.55 21.55 -40.56
N ALA B 3 -5.34 22.06 -40.34
CA ALA B 3 -4.53 21.68 -39.19
C ALA B 3 -3.61 22.82 -38.74
N ILE B 4 -3.27 22.81 -37.46
CA ILE B 4 -2.33 23.74 -36.90
C ILE B 4 -1.02 22.98 -36.79
N ILE B 5 0.02 23.47 -37.45
CA ILE B 5 1.25 22.70 -37.58
C ILE B 5 2.50 23.45 -37.14
N VAL B 6 3.45 22.68 -36.65
CA VAL B 6 4.72 23.20 -36.18
C VAL B 6 5.86 22.39 -36.78
N LYS B 7 7.06 22.94 -36.73
CA LYS B 7 8.24 22.31 -37.32
C LYS B 7 9.40 22.29 -36.32
N PRO B 8 9.30 21.48 -35.24
CA PRO B 8 10.35 21.52 -34.22
C PRO B 8 11.69 21.04 -34.78
N PRO B 9 12.82 21.56 -34.26
CA PRO B 9 13.02 22.50 -33.14
C PRO B 9 12.79 23.98 -33.47
N ASN B 10 12.44 24.25 -34.72
CA ASN B 10 12.25 25.63 -35.21
C ASN B 10 11.02 26.32 -34.61
N ALA B 11 11.13 27.60 -34.30
CA ALA B 11 9.96 28.39 -33.87
C ALA B 11 9.03 28.65 -35.05
N GLY B 12 7.73 28.80 -34.77
CA GLY B 12 6.76 29.10 -35.81
C GLY B 12 5.54 28.20 -35.75
N VAL B 13 4.44 28.72 -36.29
CA VAL B 13 3.17 27.99 -36.33
C VAL B 13 2.35 28.43 -37.55
N GLN B 14 1.71 27.45 -38.20
CA GLN B 14 0.82 27.73 -39.33
C GLN B 14 -0.54 27.07 -39.12
N VAL B 15 -1.59 27.77 -39.54
CA VAL B 15 -2.93 27.21 -39.61
C VAL B 15 -3.28 27.15 -41.09
N LYS B 16 -3.30 25.94 -41.64
CA LYS B 16 -3.44 25.75 -43.08
C LYS B 16 -3.99 24.38 -43.46
N ASP B 17 -4.17 24.16 -44.75
CA ASP B 17 -4.67 22.90 -45.26
C ASP B 17 -3.50 21.97 -45.53
N VAL B 18 -3.56 20.78 -44.94
CA VAL B 18 -2.51 19.78 -45.12
C VAL B 18 -3.06 18.49 -45.74
N ASP B 19 -2.17 17.67 -46.27
CA ASP B 19 -2.53 16.39 -46.85
C ASP B 19 -2.92 15.41 -45.75
N GLU B 20 -4.22 15.14 -45.64
CA GLU B 20 -4.76 14.22 -44.61
C GLU B 20 -4.08 12.85 -44.61
N LYS B 21 -3.57 12.46 -45.77
CA LYS B 21 -3.02 11.13 -45.98
C LYS B 21 -1.65 10.90 -45.31
N LYS B 22 -0.91 11.97 -45.03
CA LYS B 22 0.39 11.82 -44.35
C LYS B 22 0.38 12.17 -42.85
N LEU B 23 -0.82 12.35 -42.29
CA LEU B 23 -0.96 12.57 -40.85
C LEU B 23 -1.12 11.25 -40.10
N ASP B 24 -0.65 11.22 -38.85
CA ASP B 24 -0.70 10.00 -38.03
C ASP B 24 -2.12 9.57 -37.65
N SER B 25 -2.42 8.30 -37.89
CA SER B 25 -3.64 7.63 -37.47
C SER B 25 -3.27 6.65 -36.34
N TYR B 26 -4.18 6.44 -35.39
CA TYR B 26 -3.88 5.58 -34.25
C TYR B 26 -4.84 4.43 -34.04
N GLY B 27 -5.91 4.40 -34.82
CA GLY B 27 -6.87 3.30 -34.70
C GLY B 27 -8.05 3.40 -35.63
N LYS B 28 -9.11 2.67 -35.30
CA LYS B 28 -10.23 2.51 -36.22
C LYS B 28 -11.34 3.56 -36.06
N ILE B 29 -11.34 4.30 -34.94
CA ILE B 29 -12.43 5.22 -34.62
C ILE B 29 -12.19 6.62 -35.16
N LYS B 30 -13.08 7.07 -36.05
CA LYS B 30 -13.00 8.42 -36.62
C LYS B 30 -13.63 9.46 -35.68
N ILE B 31 -12.84 10.46 -35.33
CA ILE B 31 -13.24 11.47 -34.34
C ILE B 31 -13.14 12.87 -34.96
N ARG B 32 -14.26 13.59 -34.96
CA ARG B 32 -14.25 14.97 -35.45
C ARG B 32 -14.05 15.94 -34.29
N THR B 33 -12.97 16.70 -34.37
CA THR B 33 -12.61 17.67 -33.33
C THR B 33 -13.69 18.74 -33.14
N ILE B 34 -14.06 18.98 -31.88
CA ILE B 34 -14.95 20.08 -31.53
C ILE B 34 -14.17 21.17 -30.82
N TYR B 35 -13.40 20.79 -29.78
CA TYR B 35 -12.56 21.73 -29.06
C TYR B 35 -11.12 21.27 -28.94
N ASN B 36 -10.19 22.22 -29.01
CA ASN B 36 -8.87 22.01 -28.43
C ASN B 36 -8.64 22.96 -27.29
N GLY B 37 -7.67 22.61 -26.44
CA GLY B 37 -7.14 23.50 -25.42
C GLY B 37 -5.72 23.90 -25.76
N ILE B 38 -5.31 25.08 -25.31
CA ILE B 38 -3.92 25.55 -25.44
C ILE B 38 -3.27 25.62 -24.05
N CYS B 39 -2.02 25.21 -23.94
CA CYS B 39 -1.30 25.48 -22.70
C CYS B 39 0.13 25.90 -22.95
N GLY B 40 0.86 26.11 -21.86
CA GLY B 40 2.26 26.51 -21.92
C GLY B 40 3.18 25.68 -22.79
N ALA B 41 2.93 24.37 -22.84
CA ALA B 41 3.72 23.46 -23.67
C ALA B 41 3.53 23.78 -25.17
N ASP B 42 2.31 24.14 -25.55
CA ASP B 42 2.03 24.61 -26.92
C ASP B 42 2.81 25.88 -27.18
N ARG B 43 2.72 26.85 -26.26
CA ARG B 43 3.49 28.09 -26.38
C ARG B 43 4.98 27.83 -26.57
N GLU B 44 5.54 26.90 -25.79
CA GLU B 44 6.97 26.55 -25.87
C GLU B 44 7.36 26.05 -27.26
N ILE B 45 6.58 25.12 -27.81
CA ILE B 45 6.89 24.55 -29.13
C ILE B 45 6.76 25.62 -30.23
N VAL B 46 5.68 26.41 -30.16
CA VAL B 46 5.45 27.51 -31.11
C VAL B 46 6.61 28.52 -31.10
N ASN B 47 7.21 28.72 -29.93
CA ASN B 47 8.34 29.67 -29.80
C ASN B 47 9.72 28.99 -29.86
N GLY B 48 9.73 27.71 -30.24
CA GLY B 48 10.96 26.96 -30.48
C GLY B 48 11.81 26.68 -29.26
N LYS B 49 11.21 26.77 -28.08
CA LYS B 49 11.94 26.61 -26.82
C LYS B 49 12.07 25.17 -26.31
N LEU B 50 11.60 24.20 -27.09
CA LEU B 50 11.76 22.79 -26.74
C LEU B 50 12.85 22.09 -27.56
N GLY B 58 10.52 11.40 -42.41
CA GLY B 58 9.84 11.73 -43.67
C GLY B 58 8.76 12.79 -43.52
N LYS B 59 8.60 13.27 -42.28
CA LYS B 59 7.63 14.34 -41.99
C LYS B 59 8.35 15.66 -41.88
N ASP B 60 7.81 16.66 -42.57
CA ASP B 60 8.41 17.99 -42.56
C ASP B 60 7.71 18.89 -41.52
N PHE B 61 6.66 18.35 -40.90
CA PHE B 61 5.93 19.07 -39.85
C PHE B 61 5.31 18.12 -38.82
N LEU B 62 4.77 18.69 -37.75
CA LEU B 62 4.02 17.94 -36.73
C LEU B 62 2.73 18.69 -36.46
N VAL B 63 1.60 17.97 -36.41
CA VAL B 63 0.35 18.59 -35.95
C VAL B 63 0.46 18.93 -34.46
N LEU B 64 0.14 20.17 -34.13
CA LEU B 64 0.18 20.68 -32.76
C LEU B 64 -1.03 20.21 -31.97
N GLY B 65 -0.90 20.19 -30.64
CA GLY B 65 -2.05 20.12 -29.74
C GLY B 65 -2.24 18.77 -29.08
N HIS B 66 -2.41 18.77 -27.76
CA HIS B 66 -2.54 17.52 -27.02
C HIS B 66 -3.81 17.51 -26.13
N GLU B 67 -4.58 18.59 -26.18
CA GLU B 67 -5.83 18.72 -25.44
C GLU B 67 -6.98 18.79 -26.45
N ALA B 68 -7.87 17.80 -26.38
CA ALA B 68 -8.94 17.72 -27.38
C ALA B 68 -10.23 17.11 -26.88
N ILE B 69 -11.35 17.66 -27.33
CA ILE B 69 -12.63 16.96 -27.27
C ILE B 69 -13.12 16.83 -28.70
N GLY B 70 -13.46 15.61 -29.09
CA GLY B 70 -14.06 15.37 -30.39
C GLY B 70 -15.31 14.52 -30.30
N VAL B 71 -16.03 14.43 -31.42
CA VAL B 71 -17.24 13.62 -31.48
C VAL B 71 -17.01 12.38 -32.32
N VAL B 72 -17.50 11.24 -31.84
CA VAL B 72 -17.42 9.98 -32.57
C VAL B 72 -18.35 10.04 -33.79
N GLU B 73 -17.76 9.89 -34.97
CA GLU B 73 -18.52 10.06 -36.22
C GLU B 73 -19.39 8.87 -36.58
N GLU B 74 -18.90 7.67 -36.26
CA GLU B 74 -19.67 6.44 -36.48
C GLU B 74 -19.45 5.48 -35.32
N SER B 75 -20.53 4.80 -34.93
CA SER B 75 -20.47 3.84 -33.82
C SER B 75 -19.44 2.74 -34.07
N TYR B 76 -18.58 2.51 -33.07
CA TYR B 76 -17.60 1.43 -33.11
C TYR B 76 -17.45 0.81 -31.73
N HIS B 77 -17.84 -0.46 -31.61
CA HIS B 77 -17.79 -1.19 -30.36
C HIS B 77 -18.54 -0.44 -29.25
N GLY B 78 -17.83 -0.06 -28.19
CA GLY B 78 -18.46 0.60 -27.04
C GLY B 78 -18.78 2.07 -27.24
N PHE B 79 -18.31 2.62 -28.36
CA PHE B 79 -18.52 4.04 -28.65
C PHE B 79 -19.62 4.19 -29.68
N SER B 80 -20.58 5.07 -29.40
CA SER B 80 -21.67 5.32 -30.31
C SER B 80 -21.46 6.64 -31.04
N GLN B 81 -21.96 6.72 -32.27
CA GLN B 81 -22.00 7.96 -33.03
C GLN B 81 -22.56 9.10 -32.17
N GLY B 82 -21.82 10.19 -32.08
CA GLY B 82 -22.27 11.35 -31.34
C GLY B 82 -21.66 11.49 -29.95
N ASP B 83 -20.98 10.44 -29.49
CA ASP B 83 -20.34 10.46 -28.17
C ASP B 83 -19.18 11.43 -28.19
N LEU B 84 -19.00 12.16 -27.10
CA LEU B 84 -17.83 13.01 -26.96
C LEU B 84 -16.71 12.21 -26.33
N VAL B 85 -15.50 12.40 -26.85
CA VAL B 85 -14.30 11.72 -26.37
C VAL B 85 -13.08 12.62 -26.28
N MET B 86 -12.14 12.24 -25.41
CA MET B 86 -10.87 12.94 -25.27
C MET B 86 -9.75 11.93 -25.35
N PRO B 87 -8.74 12.19 -26.20
CA PRO B 87 -7.60 11.28 -26.32
C PRO B 87 -6.56 11.44 -25.20
N VAL B 88 -6.02 10.33 -24.71
CA VAL B 88 -4.86 10.40 -23.83
C VAL B 88 -3.66 10.81 -24.69
N ASN B 89 -2.88 11.77 -24.23
CA ASN B 89 -1.81 12.35 -25.05
C ASN B 89 -0.45 11.66 -25.02
N ARG B 90 -0.03 11.17 -23.85
CA ARG B 90 1.23 10.41 -23.77
C ARG B 90 0.95 8.93 -23.98
N ARG B 91 1.67 8.33 -24.93
CA ARG B 91 1.47 6.92 -25.28
C ARG B 91 2.81 6.18 -25.23
N GLY B 92 2.72 4.89 -24.94
CA GLY B 92 3.85 4.10 -24.46
C GLY B 92 4.92 3.75 -25.46
N CYS B 93 6.03 3.23 -24.95
CA CYS B 93 7.19 2.88 -25.75
C CYS B 93 7.09 1.45 -26.28
N GLY B 94 6.12 0.69 -25.77
CA GLY B 94 5.90 -0.67 -26.22
C GLY B 94 6.88 -1.73 -25.74
N ILE B 95 7.87 -1.34 -24.95
CA ILE B 95 8.94 -2.26 -24.50
C ILE B 95 8.98 -2.49 -22.99
N CYS B 96 8.76 -1.42 -22.22
CA CYS B 96 8.90 -1.52 -20.76
C CYS B 96 7.60 -1.93 -20.03
N ARG B 97 7.79 -2.49 -18.83
CA ARG B 97 6.68 -3.03 -18.02
C ARG B 97 5.70 -1.96 -17.57
N ASN B 98 6.16 -0.74 -17.35
CA ASN B 98 5.24 0.32 -17.01
C ASN B 98 4.32 0.68 -18.18
N CYS B 99 4.89 0.76 -19.38
CA CYS B 99 4.10 1.06 -20.57
C CYS B 99 3.16 -0.09 -20.87
N LEU B 100 3.63 -1.32 -20.64
CA LEU B 100 2.81 -2.48 -20.94
C LEU B 100 1.61 -2.60 -20.01
N VAL B 101 1.64 -1.97 -18.83
CA VAL B 101 0.45 -1.95 -17.98
C VAL B 101 -0.36 -0.65 -18.13
N GLY B 102 -0.05 0.13 -19.17
CA GLY B 102 -0.85 1.31 -19.51
C GLY B 102 -0.40 2.55 -18.77
N ARG B 103 0.85 2.53 -18.30
CA ARG B 103 1.37 3.66 -17.50
C ARG B 103 2.70 4.26 -18.02
N PRO B 104 2.69 4.82 -19.24
CA PRO B 104 3.87 5.49 -19.79
C PRO B 104 4.29 6.73 -19.01
N ASP B 105 3.48 7.18 -18.06
CA ASP B 105 3.93 8.25 -17.15
C ASP B 105 5.19 7.85 -16.38
N PHE B 106 5.37 6.54 -16.18
CA PHE B 106 6.52 5.92 -15.51
C PHE B 106 7.42 5.11 -16.48
N CYS B 107 7.37 5.48 -17.77
CA CYS B 107 8.17 4.80 -18.80
C CYS B 107 9.64 4.71 -18.40
N GLU B 108 10.21 3.51 -18.52
CA GLU B 108 11.60 3.28 -18.12
C GLU B 108 12.61 3.53 -19.24
N THR B 109 12.13 3.68 -20.47
CA THR B 109 13.05 3.84 -21.61
C THR B 109 13.14 5.29 -22.07
N GLY B 110 12.07 6.07 -21.83
CA GLY B 110 11.96 7.44 -22.30
C GLY B 110 11.51 7.51 -23.75
N GLU B 111 11.16 6.35 -24.32
CA GLU B 111 10.84 6.25 -25.74
C GLU B 111 9.35 6.33 -26.04
N PHE B 112 8.61 6.93 -25.13
CA PHE B 112 7.19 7.14 -25.30
C PHE B 112 6.95 8.27 -26.30
N GLY B 113 5.73 8.36 -26.79
CA GLY B 113 5.32 9.47 -27.66
C GLY B 113 4.48 10.48 -26.90
N GLU B 114 4.47 11.72 -27.36
CA GLU B 114 3.60 12.73 -26.79
C GLU B 114 2.89 13.51 -27.90
N ALA B 115 1.60 13.28 -28.06
CA ALA B 115 0.82 13.94 -29.12
C ALA B 115 1.09 15.44 -29.13
N GLY B 116 1.30 15.99 -30.33
CA GLY B 116 1.49 17.43 -30.47
C GLY B 116 2.80 17.99 -29.96
N ILE B 117 3.68 17.12 -29.45
CA ILE B 117 4.93 17.57 -28.85
C ILE B 117 6.12 16.79 -29.35
N HIS B 118 5.99 15.47 -29.43
CA HIS B 118 7.13 14.60 -29.71
C HIS B 118 6.70 13.27 -30.32
N LYS B 119 7.24 12.96 -31.49
CA LYS B 119 7.05 11.64 -32.17
C LYS B 119 5.62 11.35 -32.69
N MET B 120 4.63 12.16 -32.29
CA MET B 120 3.22 11.90 -32.54
C MET B 120 2.43 13.14 -32.98
N ASP B 121 1.78 13.09 -34.14
CA ASP B 121 0.85 14.17 -34.51
C ASP B 121 -0.20 14.41 -33.44
N GLY B 122 -0.39 15.68 -33.10
CA GLY B 122 -1.41 16.06 -32.14
C GLY B 122 -2.80 16.14 -32.71
N PHE B 123 -3.64 16.93 -32.04
CA PHE B 123 -5.07 16.89 -32.26
C PHE B 123 -5.69 18.20 -32.73
N MET B 124 -4.85 19.17 -33.06
CA MET B 124 -5.36 20.40 -33.64
C MET B 124 -5.49 20.22 -35.16
N ARG B 125 -6.51 19.44 -35.55
CA ARG B 125 -6.83 19.08 -36.94
C ARG B 125 -8.32 18.75 -37.02
N GLU B 126 -8.92 18.78 -38.21
CA GLU B 126 -10.37 18.61 -38.34
C GLU B 126 -10.91 17.30 -37.73
N TRP B 127 -10.21 16.21 -38.02
CA TRP B 127 -10.54 14.91 -37.45
C TRP B 127 -9.31 14.01 -37.38
N TRP B 128 -9.38 12.98 -36.55
CA TRP B 128 -8.33 11.97 -36.53
C TRP B 128 -8.93 10.60 -36.25
N TYR B 129 -8.14 9.55 -36.51
CA TYR B 129 -8.53 8.19 -36.18
C TYR B 129 -7.78 7.76 -34.93
N ASP B 130 -8.48 7.13 -33.99
CA ASP B 130 -7.83 6.66 -32.77
C ASP B 130 -8.31 5.29 -32.34
N ASP B 131 -7.59 4.72 -31.39
CA ASP B 131 -7.91 3.41 -30.80
C ASP B 131 -8.75 3.66 -29.56
N PRO B 132 -9.85 2.89 -29.38
CA PRO B 132 -10.74 3.05 -28.22
C PRO B 132 -9.97 3.01 -26.90
N LYS B 133 -8.85 2.28 -26.87
CA LYS B 133 -8.06 2.12 -25.65
C LYS B 133 -7.54 3.45 -25.12
N TYR B 134 -7.34 4.41 -26.03
CA TYR B 134 -6.77 5.72 -25.67
C TYR B 134 -7.82 6.81 -25.55
N LEU B 135 -9.09 6.43 -25.59
CA LEU B 135 -10.18 7.39 -25.57
C LEU B 135 -10.92 7.39 -24.24
N VAL B 136 -11.07 8.58 -23.71
CA VAL B 136 -11.80 8.83 -22.48
C VAL B 136 -13.17 9.42 -22.83
N LYS B 137 -14.24 8.82 -22.29
CA LYS B 137 -15.59 9.27 -22.53
C LYS B 137 -15.84 10.56 -21.77
N ILE B 138 -16.29 11.60 -22.50
CA ILE B 138 -16.63 12.87 -21.89
C ILE B 138 -18.15 13.03 -21.88
N PRO B 139 -18.75 13.05 -20.68
CA PRO B 139 -20.20 13.28 -20.60
C PRO B 139 -20.62 14.57 -21.32
N LYS B 140 -21.76 14.52 -22.03
CA LYS B 140 -22.29 15.70 -22.71
C LYS B 140 -22.53 16.85 -21.73
N SER B 141 -22.84 16.50 -20.47
CA SER B 141 -23.13 17.46 -19.42
C SER B 141 -21.89 18.23 -18.96
N ILE B 142 -20.70 17.81 -19.36
CA ILE B 142 -19.49 18.64 -19.11
C ILE B 142 -18.77 19.04 -20.41
N GLU B 143 -19.52 19.08 -21.51
CA GLU B 143 -18.92 19.47 -22.78
C GLU B 143 -18.16 20.80 -22.65
N ASP B 144 -18.75 21.77 -21.93
CA ASP B 144 -18.18 23.13 -21.85
C ASP B 144 -16.84 23.30 -21.14
N ILE B 145 -16.65 22.56 -20.04
CA ILE B 145 -15.41 22.61 -19.26
C ILE B 145 -14.58 21.33 -19.34
N GLY B 146 -15.10 20.35 -20.09
CA GLY B 146 -14.47 19.04 -20.21
C GLY B 146 -13.07 19.07 -20.80
N ILE B 147 -12.75 20.13 -21.56
CA ILE B 147 -11.41 20.25 -22.13
C ILE B 147 -10.34 20.23 -21.03
N LEU B 148 -10.71 20.68 -19.84
CA LEU B 148 -9.84 20.71 -18.67
C LEU B 148 -9.44 19.33 -18.13
N ALA B 149 -10.05 18.28 -18.65
CA ALA B 149 -9.78 16.96 -18.09
C ALA B 149 -8.34 16.54 -18.37
N GLN B 150 -7.77 17.00 -19.50
CA GLN B 150 -6.38 16.67 -19.81
C GLN B 150 -5.41 17.34 -18.82
N PRO B 151 -5.46 18.67 -18.67
CA PRO B 151 -4.55 19.24 -17.65
C PRO B 151 -4.83 18.74 -16.24
N LEU B 152 -6.10 18.55 -15.91
CA LEU B 152 -6.47 18.07 -14.55
C LEU B 152 -5.97 16.64 -14.31
N ALA B 153 -5.87 15.84 -15.37
CA ALA B 153 -5.34 14.49 -15.23
C ALA B 153 -3.92 14.46 -14.66
N ASP B 154 -3.08 15.39 -15.11
CA ASP B 154 -1.71 15.53 -14.57
C ASP B 154 -1.72 15.75 -13.06
N ILE B 155 -2.64 16.60 -12.64
CA ILE B 155 -2.77 17.01 -11.26
C ILE B 155 -3.39 15.88 -10.42
N GLU B 156 -4.37 15.16 -10.99
CA GLU B 156 -4.92 13.97 -10.33
C GLU B 156 -3.84 12.93 -10.06
N LYS B 157 -3.03 12.65 -11.07
CA LYS B 157 -1.91 11.71 -10.89
C LYS B 157 -0.96 12.21 -9.79
N SER B 158 -0.66 13.50 -9.84
CA SER B 158 0.30 14.07 -8.89
C SER B 158 -0.20 13.94 -7.46
N ILE B 159 -1.46 14.25 -7.22
CA ILE B 159 -1.99 14.18 -5.86
C ILE B 159 -2.12 12.71 -5.41
N GLU B 160 -2.57 11.85 -6.33
CA GLU B 160 -2.57 10.41 -6.06
C GLU B 160 -1.20 9.91 -5.59
N GLU B 161 -0.15 10.36 -6.29
CA GLU B 161 1.20 9.93 -5.98
C GLU B 161 1.67 10.42 -4.61
N ILE B 162 1.41 11.70 -4.33
CA ILE B 162 1.74 12.29 -3.02
C ILE B 162 1.06 11.49 -1.90
N LEU B 163 -0.22 11.17 -2.08
CA LEU B 163 -0.93 10.41 -1.06
C LEU B 163 -0.38 8.99 -0.93
N GLU B 164 0.03 8.38 -2.05
CA GLU B 164 0.67 7.06 -2.01
C GLU B 164 1.97 7.11 -1.24
N VAL B 165 2.82 8.07 -1.55
CA VAL B 165 4.09 8.20 -0.86
C VAL B 165 3.88 8.39 0.64
N GLN B 166 2.84 9.14 1.01
CA GLN B 166 2.66 9.46 2.44
C GLN B 166 2.11 8.27 3.24
N LYS B 167 1.76 7.18 2.55
CA LYS B 167 1.46 5.92 3.25
C LYS B 167 2.67 5.44 4.06
N ARG B 168 3.86 5.97 3.76
CA ARG B 168 5.07 5.65 4.51
C ARG B 168 5.00 6.13 5.96
N VAL B 169 4.17 7.14 6.20
CA VAL B 169 4.02 7.71 7.55
C VAL B 169 3.02 6.80 8.29
N PRO B 170 3.41 6.21 9.44
CA PRO B 170 2.48 5.31 10.14
C PRO B 170 1.06 5.89 10.30
N VAL B 171 0.93 7.17 10.69
CA VAL B 171 -0.38 7.82 10.75
C VAL B 171 -0.27 9.24 10.20
N TRP B 172 -0.73 9.45 8.97
CA TRP B 172 -0.75 10.78 8.36
C TRP B 172 -2.14 11.39 8.39
N THR B 173 -3.12 10.61 8.78
CA THR B 173 -4.48 11.14 8.94
C THR B 173 -4.58 11.93 10.23
N CYS B 174 -5.75 12.54 10.45
CA CYS B 174 -5.94 13.51 11.52
C CYS B 174 -6.76 12.87 12.64
N ASP B 175 -7.04 13.64 13.69
CA ASP B 175 -7.79 13.09 14.82
C ASP B 175 -9.18 12.56 14.43
N ASP B 176 -9.69 13.05 13.29
CA ASP B 176 -11.02 12.68 12.84
C ASP B 176 -10.97 11.66 11.69
N GLY B 177 -9.81 11.06 11.44
CA GLY B 177 -9.67 10.05 10.38
C GLY B 177 -9.51 10.62 8.97
N THR B 178 -9.62 11.94 8.84
CA THR B 178 -9.52 12.61 7.54
C THR B 178 -8.14 13.20 7.32
N LEU B 179 -7.97 13.91 6.20
CA LEU B 179 -6.76 14.74 5.99
C LEU B 179 -7.06 16.22 6.14
N ASN B 180 -8.18 16.57 6.82
CA ASN B 180 -8.62 17.96 6.91
C ASN B 180 -7.61 18.86 7.64
N CYS B 181 -6.82 18.27 8.53
CA CYS B 181 -5.85 19.02 9.33
C CYS B 181 -4.55 19.27 8.55
N ARG B 182 -4.40 18.66 7.38
CA ARG B 182 -3.16 18.81 6.62
C ARG B 182 -3.24 20.08 5.78
N LYS B 183 -2.15 20.84 5.76
CA LYS B 183 -2.11 22.13 5.09
C LYS B 183 -1.25 22.01 3.84
N VAL B 184 -1.71 22.60 2.74
CA VAL B 184 -0.96 22.61 1.47
C VAL B 184 -0.69 24.05 1.09
N LEU B 185 0.57 24.33 0.69
CA LEU B 185 0.97 25.60 0.07
C LEU B 185 1.12 25.39 -1.42
N VAL B 186 0.29 26.06 -2.22
CA VAL B 186 0.36 25.97 -3.69
C VAL B 186 1.04 27.26 -4.12
N VAL B 187 2.27 27.11 -4.60
CA VAL B 187 3.07 28.23 -5.05
C VAL B 187 2.84 28.47 -6.55
N GLY B 188 2.26 29.62 -6.87
N GLY B 188 2.17 29.56 -6.89
CA GLY B 188 2.02 29.98 -8.27
CA GLY B 188 1.77 29.81 -8.27
C GLY B 188 0.60 29.61 -8.63
C GLY B 188 0.28 29.67 -8.45
N THR B 189 -0.10 30.54 -9.27
N THR B 189 -0.31 30.55 -9.24
CA THR B 189 -1.49 30.31 -9.65
CA THR B 189 -1.76 30.59 -9.36
C THR B 189 -1.56 29.86 -11.10
C THR B 189 -2.25 30.65 -10.81
N GLY B 190 -2.33 30.54 -11.93
N GLY B 190 -1.44 30.12 -11.72
CA GLY B 190 -2.56 30.07 -13.29
CA GLY B 190 -1.88 29.86 -13.09
C GLY B 190 -3.34 28.75 -13.29
C GLY B 190 -2.93 28.78 -13.11
N PRO B 191 -3.58 28.19 -14.48
N PRO B 191 -3.29 28.29 -14.30
CA PRO B 191 -4.38 26.97 -14.53
CA PRO B 191 -4.27 27.21 -14.38
C PRO B 191 -3.86 25.87 -13.61
C PRO B 191 -3.83 26.01 -13.51
N ILE B 192 -2.53 25.68 -13.55
CA ILE B 192 -2.00 24.58 -12.71
C ILE B 192 -2.25 24.81 -11.22
N GLY B 193 -1.81 25.95 -10.70
CA GLY B 193 -2.10 26.31 -9.31
C GLY B 193 -3.57 26.29 -8.95
N VAL B 194 -4.41 26.83 -9.80
CA VAL B 194 -5.84 26.85 -9.55
C VAL B 194 -6.40 25.44 -9.48
N LEU B 195 -5.99 24.56 -10.42
CA LEU B 195 -6.49 23.17 -10.42
C LEU B 195 -5.97 22.38 -9.22
N PHE B 196 -4.69 22.58 -8.85
CA PHE B 196 -4.18 21.94 -7.62
C PHE B 196 -5.03 22.36 -6.41
N THR B 197 -5.39 23.63 -6.36
CA THR B 197 -6.12 24.18 -5.24
C THR B 197 -7.52 23.57 -5.14
N LEU B 198 -8.22 23.58 -6.27
CA LEU B 198 -9.55 23.03 -6.36
C LEU B 198 -9.57 21.56 -5.97
N LEU B 199 -8.61 20.79 -6.49
CA LEU B 199 -8.57 19.38 -6.17
C LEU B 199 -8.23 19.09 -4.71
N PHE B 200 -7.23 19.78 -4.16
CA PHE B 200 -6.91 19.61 -2.74
C PHE B 200 -8.08 20.02 -1.84
N ARG B 201 -8.81 21.06 -2.20
CA ARG B 201 -10.01 21.43 -1.42
C ARG B 201 -11.10 20.38 -1.53
N THR B 202 -11.20 19.78 -2.72
CA THR B 202 -12.16 18.71 -2.91
C THR B 202 -11.84 17.52 -1.97
N TYR B 203 -10.55 17.22 -1.82
CA TYR B 203 -10.09 16.16 -0.92
C TYR B 203 -10.16 16.56 0.56
N GLY B 204 -10.38 17.86 0.80
CA GLY B 204 -10.62 18.39 2.14
C GLY B 204 -9.42 18.99 2.85
N LEU B 205 -8.26 18.96 2.20
CA LEU B 205 -7.07 19.55 2.82
C LEU B 205 -7.16 21.08 2.82
N GLU B 206 -6.51 21.73 3.80
CA GLU B 206 -6.49 23.19 3.87
C GLU B 206 -5.49 23.66 2.84
N VAL B 207 -5.80 24.75 2.14
CA VAL B 207 -4.91 25.24 1.08
C VAL B 207 -4.63 26.72 1.25
N TRP B 208 -3.35 27.05 1.12
CA TRP B 208 -2.89 28.42 0.92
C TRP B 208 -2.33 28.54 -0.49
N MET B 209 -2.85 29.50 -1.26
CA MET B 209 -2.27 29.84 -2.57
C MET B 209 -1.30 30.96 -2.30
N ALA B 210 -0.19 30.96 -3.03
CA ALA B 210 0.80 32.02 -2.89
C ALA B 210 1.28 32.57 -4.23
N ASN B 211 1.38 33.90 -4.30
CA ASN B 211 1.93 34.56 -5.48
C ASN B 211 2.45 35.92 -5.05
N ARG B 212 3.36 36.49 -5.84
CA ARG B 212 4.04 37.74 -5.48
C ARG B 212 3.25 38.97 -5.93
N ARG B 213 1.99 39.02 -5.48
CA ARG B 213 1.00 40.01 -5.87
C ARG B 213 -0.33 39.69 -5.17
N GLU B 214 -1.31 40.56 -5.34
CA GLU B 214 -2.65 40.34 -4.83
C GLU B 214 -3.44 39.50 -5.85
N PRO B 215 -4.54 38.84 -5.41
CA PRO B 215 -5.32 37.95 -6.28
C PRO B 215 -6.02 38.67 -7.44
N THR B 216 -6.09 37.99 -8.59
CA THR B 216 -6.94 38.43 -9.71
C THR B 216 -8.41 38.13 -9.37
N GLU B 217 -9.32 38.62 -10.20
CA GLU B 217 -10.76 38.37 -10.02
C GLU B 217 -11.08 36.87 -9.92
N VAL B 218 -10.45 36.08 -10.80
CA VAL B 218 -10.63 34.62 -10.82
C VAL B 218 -10.12 33.98 -9.51
N GLU B 219 -8.93 34.37 -9.08
CA GLU B 219 -8.35 33.81 -7.86
C GLU B 219 -9.14 34.19 -6.61
N GLN B 220 -9.70 35.39 -6.60
CA GLN B 220 -10.54 35.84 -5.51
C GLN B 220 -11.84 35.02 -5.40
N THR B 221 -12.41 34.65 -6.55
CA THR B 221 -13.58 33.76 -6.60
C THR B 221 -13.25 32.39 -6.04
N VAL B 222 -12.10 31.86 -6.44
CA VAL B 222 -11.63 30.58 -5.93
C VAL B 222 -11.41 30.64 -4.42
N ILE B 223 -10.70 31.67 -3.96
CA ILE B 223 -10.49 31.90 -2.52
C ILE B 223 -11.80 31.82 -1.75
N GLU B 224 -12.77 32.62 -2.19
CA GLU B 224 -14.03 32.77 -1.51
C GLU B 224 -14.88 31.50 -1.59
N GLU B 225 -15.01 30.94 -2.78
CA GLU B 225 -15.97 29.85 -2.97
C GLU B 225 -15.47 28.54 -2.37
N THR B 226 -14.16 28.34 -2.43
CA THR B 226 -13.56 27.07 -2.00
C THR B 226 -13.07 27.15 -0.56
N LYS B 227 -13.16 28.35 0.03
CA LYS B 227 -12.67 28.64 1.39
C LYS B 227 -11.19 28.31 1.49
N THR B 228 -10.46 28.92 0.57
CA THR B 228 -9.01 28.81 0.44
C THR B 228 -8.35 30.09 0.92
N ASN B 229 -7.16 29.93 1.50
CA ASN B 229 -6.35 31.05 1.99
C ASN B 229 -5.38 31.59 0.93
N TYR B 230 -5.00 32.85 1.04
CA TYR B 230 -4.10 33.43 0.06
C TYR B 230 -2.96 34.17 0.74
N TYR B 231 -1.75 34.04 0.18
CA TYR B 231 -0.60 34.76 0.71
C TYR B 231 0.17 35.50 -0.38
N ASN B 232 0.39 36.79 -0.16
CA ASN B 232 1.19 37.61 -1.04
C ASN B 232 2.65 37.46 -0.62
N SER B 233 3.42 36.81 -1.49
CA SER B 233 4.76 36.38 -1.15
C SER B 233 5.80 37.35 -1.70
N SER B 234 5.35 38.55 -2.01
CA SER B 234 6.19 39.56 -2.66
C SER B 234 7.48 39.85 -1.90
N ASN B 235 7.41 39.76 -0.57
CA ASN B 235 8.55 40.06 0.28
C ASN B 235 9.03 38.84 1.08
N GLY B 236 8.82 37.66 0.51
CA GLY B 236 9.22 36.43 1.18
C GLY B 236 8.13 35.77 1.99
N TYR B 237 8.53 34.73 2.72
CA TYR B 237 7.59 33.82 3.37
C TYR B 237 7.62 33.84 4.91
N ASP B 238 8.51 34.66 5.49
CA ASP B 238 8.66 34.75 6.94
C ASP B 238 7.34 35.05 7.65
N LYS B 239 6.57 35.99 7.12
CA LYS B 239 5.28 36.34 7.72
C LYS B 239 4.24 35.21 7.64
N LEU B 240 4.26 34.45 6.55
CA LEU B 240 3.40 33.29 6.47
C LEU B 240 3.83 32.26 7.54
N LYS B 241 5.12 31.96 7.60
CA LYS B 241 5.63 31.01 8.58
C LYS B 241 5.32 31.45 10.01
N ASP B 242 5.49 32.74 10.29
CA ASP B 242 5.20 33.30 11.61
C ASP B 242 3.73 33.15 12.02
N SER B 243 2.82 33.32 11.05
CA SER B 243 1.37 33.32 11.32
C SER B 243 0.73 31.93 11.31
N VAL B 244 1.10 31.11 10.31
CA VAL B 244 0.43 29.82 10.10
C VAL B 244 1.31 28.63 10.51
N GLY B 245 2.63 28.84 10.54
CA GLY B 245 3.56 27.75 10.76
C GLY B 245 3.89 27.04 9.46
N LYS B 246 4.17 25.74 9.58
CA LYS B 246 4.69 24.94 8.47
C LYS B 246 3.61 24.11 7.78
N PHE B 247 3.96 23.58 6.61
CA PHE B 247 2.99 22.93 5.71
C PHE B 247 3.30 21.46 5.50
N ASP B 248 2.24 20.66 5.40
CA ASP B 248 2.42 19.23 5.18
C ASP B 248 2.77 18.92 3.75
N VAL B 249 2.30 19.75 2.81
CA VAL B 249 2.58 19.57 1.39
C VAL B 249 2.84 20.94 0.83
N ILE B 250 3.87 21.04 -0.02
CA ILE B 250 4.09 22.28 -0.77
C ILE B 250 4.18 21.89 -2.24
N ILE B 251 3.43 22.59 -3.08
CA ILE B 251 3.48 22.34 -4.55
C ILE B 251 4.12 23.53 -5.27
N ASP B 252 5.19 23.26 -6.00
CA ASP B 252 5.73 24.27 -6.90
C ASP B 252 5.00 24.19 -8.23
N ALA B 253 4.09 25.15 -8.43
N ALA B 253 4.13 25.17 -8.46
CA ALA B 253 3.30 25.24 -9.65
CA ALA B 253 3.35 25.26 -9.69
C ALA B 253 3.74 26.47 -10.48
C ALA B 253 3.68 26.57 -10.44
N THR B 254 4.90 27.02 -10.16
N THR B 254 4.95 26.96 -10.40
CA THR B 254 5.46 28.11 -10.96
CA THR B 254 5.37 28.27 -10.93
C THR B 254 6.46 27.52 -11.95
C THR B 254 5.96 28.20 -12.34
N GLY B 255 6.53 28.08 -13.15
N GLY B 255 6.84 27.22 -12.56
CA GLY B 255 7.59 27.70 -14.08
CA GLY B 255 7.67 27.19 -13.74
C GLY B 255 8.79 28.60 -13.84
C GLY B 255 8.56 28.41 -13.78
N ALA B 256 8.84 29.15 -12.63
N ALA B 256 9.02 28.84 -12.61
CA ALA B 256 9.75 30.22 -12.27
CA ALA B 256 9.83 30.05 -12.45
C ALA B 256 11.22 29.83 -12.10
C ALA B 256 11.22 29.72 -11.88
N ASP B 257 11.99 30.74 -11.50
CA ASP B 257 13.37 30.52 -11.09
C ASP B 257 13.43 29.53 -9.93
N VAL B 258 14.36 28.59 -10.00
CA VAL B 258 14.48 27.56 -8.94
C VAL B 258 14.79 28.09 -7.54
N ASN B 259 15.18 29.35 -7.42
CA ASN B 259 15.36 29.95 -6.11
C ASN B 259 14.06 30.11 -5.33
N ILE B 260 12.92 29.95 -6.01
CA ILE B 260 11.63 29.81 -5.33
C ILE B 260 11.69 28.66 -4.31
N LEU B 261 12.38 27.58 -4.65
CA LEU B 261 12.45 26.42 -3.77
C LEU B 261 13.19 26.76 -2.49
N GLY B 262 14.20 27.63 -2.60
CA GLY B 262 14.93 28.13 -1.44
C GLY B 262 14.04 28.92 -0.50
N ASN B 263 13.04 29.61 -1.06
CA ASN B 263 12.12 30.39 -0.25
C ASN B 263 11.11 29.53 0.50
N VAL B 264 10.63 28.48 -0.13
CA VAL B 264 9.55 27.71 0.48
C VAL B 264 9.99 26.47 1.28
N ILE B 265 11.19 25.95 1.00
CA ILE B 265 11.69 24.79 1.75
C ILE B 265 11.67 24.96 3.27
N PRO B 266 12.07 26.14 3.78
CA PRO B 266 11.94 26.36 5.23
C PRO B 266 10.50 26.30 5.80
N LEU B 267 9.48 26.24 4.93
CA LEU B 267 8.08 26.15 5.40
C LEU B 267 7.51 24.72 5.39
N LEU B 268 8.35 23.76 5.04
CA LEU B 268 7.90 22.36 5.00
C LEU B 268 7.98 21.78 6.39
N GLY B 269 6.88 21.18 6.86
CA GLY B 269 6.83 20.59 8.19
C GLY B 269 7.32 19.16 8.29
N ARG B 270 7.39 18.63 9.52
CA ARG B 270 7.81 17.24 9.75
C ARG B 270 7.01 16.26 8.89
N ASN B 271 7.71 15.27 8.35
CA ASN B 271 7.13 14.25 7.47
C ASN B 271 6.56 14.76 6.16
N GLY B 272 6.83 16.04 5.85
CA GLY B 272 6.24 16.76 4.71
C GLY B 272 6.72 16.35 3.34
N VAL B 273 6.00 16.82 2.31
CA VAL B 273 6.31 16.50 0.90
C VAL B 273 6.36 17.78 0.11
N LEU B 274 7.47 17.96 -0.59
CA LEU B 274 7.61 19.04 -1.55
C LEU B 274 7.42 18.41 -2.94
N GLY B 275 6.32 18.80 -3.59
CA GLY B 275 5.99 18.26 -4.90
C GLY B 275 6.45 19.24 -5.96
N LEU B 276 7.40 18.78 -6.78
CA LEU B 276 7.91 19.59 -7.90
C LEU B 276 7.10 19.28 -9.16
N PHE B 277 6.26 20.21 -9.57
CA PHE B 277 5.38 19.99 -10.71
C PHE B 277 5.76 20.95 -11.85
N GLY B 278 6.03 22.21 -11.52
CA GLY B 278 6.40 23.16 -12.55
C GLY B 278 7.74 22.80 -13.16
N PHE B 279 7.98 23.27 -14.39
CA PHE B 279 9.26 23.12 -15.07
C PHE B 279 9.97 24.47 -15.03
N SER B 280 10.88 24.61 -14.08
CA SER B 280 11.69 25.82 -13.94
C SER B 280 12.62 25.95 -15.13
N THR B 281 12.83 27.17 -15.61
CA THR B 281 13.72 27.39 -16.76
C THR B 281 14.78 28.47 -16.48
N SER B 282 15.02 28.75 -15.19
CA SER B 282 16.09 29.67 -14.79
C SER B 282 16.60 29.37 -13.39
N GLY B 283 17.86 29.72 -13.14
CA GLY B 283 18.36 29.76 -11.78
C GLY B 283 19.12 28.52 -11.36
N SER B 284 19.86 28.69 -10.27
CA SER B 284 20.51 27.60 -9.55
C SER B 284 20.23 27.86 -8.08
N VAL B 285 19.72 26.86 -7.37
CA VAL B 285 19.33 27.05 -5.98
C VAL B 285 20.33 26.37 -5.02
N PRO B 286 20.90 27.15 -4.07
CA PRO B 286 21.84 26.58 -3.13
C PRO B 286 21.14 25.93 -1.93
N LEU B 287 21.49 24.67 -1.67
CA LEU B 287 20.99 23.95 -0.52
C LEU B 287 22.17 23.65 0.40
N ASP B 288 22.22 24.31 1.56
CA ASP B 288 23.33 24.08 2.49
C ASP B 288 23.07 22.89 3.41
N TYR B 289 24.12 22.46 4.09
CA TYR B 289 24.08 21.26 4.92
C TYR B 289 23.04 21.35 6.04
N LYS B 290 22.80 22.55 6.56
CA LYS B 290 21.78 22.73 7.61
C LYS B 290 20.39 22.33 7.10
N THR B 291 20.09 22.79 5.90
CA THR B 291 18.81 22.50 5.26
C THR B 291 18.63 21.02 5.00
N LEU B 292 19.67 20.40 4.43
CA LEU B 292 19.58 18.97 4.08
C LEU B 292 19.58 18.10 5.31
N GLN B 293 20.32 18.51 6.35
CA GLN B 293 20.33 17.73 7.58
C GLN B 293 18.94 17.72 8.22
N GLU B 294 18.25 18.86 8.14
CA GLU B 294 16.89 18.99 8.66
C GLU B 294 15.93 18.05 7.89
N ILE B 295 16.08 18.00 6.58
CA ILE B 295 15.29 17.10 5.73
C ILE B 295 15.44 15.65 6.18
N VAL B 296 16.69 15.25 6.46
CA VAL B 296 16.94 13.90 6.99
C VAL B 296 16.23 13.67 8.33
N HIS B 297 16.39 14.61 9.27
CA HIS B 297 15.93 14.40 10.64
C HIS B 297 14.42 14.28 10.75
N THR B 298 13.71 14.79 9.74
CA THR B 298 12.26 14.98 9.83
C THR B 298 11.49 14.18 8.75
N ASN B 299 12.18 13.25 8.10
CA ASN B 299 11.53 12.36 7.11
C ASN B 299 10.85 13.10 5.97
N LYS B 300 11.42 14.22 5.53
CA LYS B 300 10.84 14.99 4.42
C LYS B 300 11.13 14.31 3.09
N THR B 301 10.28 14.57 2.11
CA THR B 301 10.48 13.99 0.78
C THR B 301 10.29 15.06 -0.29
N ILE B 302 11.09 14.98 -1.35
CA ILE B 302 10.91 15.81 -2.51
C ILE B 302 10.59 14.92 -3.70
N ILE B 303 9.53 15.22 -4.44
CA ILE B 303 9.11 14.31 -5.51
C ILE B 303 8.84 15.07 -6.80
N GLY B 304 9.36 14.52 -7.90
CA GLY B 304 9.09 15.05 -9.23
C GLY B 304 7.81 14.46 -9.74
N LEU B 305 6.90 15.34 -10.17
CA LEU B 305 5.51 14.96 -10.51
C LEU B 305 5.24 15.28 -11.98
N VAL B 306 4.90 14.28 -12.77
CA VAL B 306 4.68 14.50 -14.19
C VAL B 306 3.65 13.51 -14.78
N ASN B 307 2.80 14.04 -15.65
CA ASN B 307 1.99 13.26 -16.57
C ASN B 307 0.89 12.38 -15.96
N GLY B 308 -0.35 12.66 -16.36
CA GLY B 308 -1.51 11.82 -16.02
C GLY B 308 -1.88 10.84 -17.11
N GLN B 309 -2.45 9.71 -16.71
CA GLN B 309 -2.81 8.66 -17.66
C GLN B 309 -4.32 8.38 -17.62
N LYS B 310 -4.79 7.39 -18.38
CA LYS B 310 -6.24 7.20 -18.49
C LYS B 310 -7.06 7.20 -17.18
N PRO B 311 -6.62 6.45 -16.14
CA PRO B 311 -7.42 6.49 -14.91
C PRO B 311 -7.55 7.90 -14.33
N HIS B 312 -6.51 8.72 -14.51
CA HIS B 312 -6.47 10.10 -14.00
C HIS B 312 -7.38 11.01 -14.84
N PHE B 313 -7.49 10.76 -16.15
CA PHE B 313 -8.47 11.51 -16.97
C PHE B 313 -9.90 11.25 -16.50
N GLN B 314 -10.17 9.97 -16.18
CA GLN B 314 -11.51 9.58 -15.72
C GLN B 314 -11.85 10.20 -14.35
N GLN B 315 -10.91 10.17 -13.42
CA GLN B 315 -11.04 10.84 -12.13
C GLN B 315 -11.33 12.33 -12.35
N ALA B 316 -10.58 12.93 -13.27
CA ALA B 316 -10.74 14.34 -13.63
C ALA B 316 -12.16 14.67 -14.14
N VAL B 317 -12.74 13.77 -14.95
CA VAL B 317 -14.10 13.94 -15.41
C VAL B 317 -15.07 13.95 -14.22
N VAL B 318 -14.89 13.03 -13.27
CA VAL B 318 -15.78 13.02 -12.10
C VAL B 318 -15.65 14.32 -11.30
N HIS B 319 -14.42 14.80 -11.14
CA HIS B 319 -14.23 16.00 -10.34
C HIS B 319 -14.80 17.25 -11.02
N LEU B 320 -14.55 17.38 -12.33
CA LEU B 320 -15.12 18.51 -13.10
C LEU B 320 -16.64 18.55 -12.96
N ALA B 321 -17.26 17.36 -13.07
CA ALA B 321 -18.71 17.23 -12.85
C ALA B 321 -19.10 17.68 -11.45
N SER B 322 -18.32 17.27 -10.43
CA SER B 322 -18.64 17.66 -9.07
C SER B 322 -18.56 19.16 -8.89
N TRP B 323 -17.60 19.79 -9.55
CA TRP B 323 -17.38 21.21 -9.34
C TRP B 323 -18.49 22.09 -9.89
N LYS B 324 -19.23 21.60 -10.89
CA LYS B 324 -20.45 22.28 -11.37
C LYS B 324 -21.50 22.48 -10.27
N THR B 325 -21.44 21.62 -9.25
CA THR B 325 -22.32 21.71 -8.08
C THR B 325 -21.60 22.34 -6.87
N LEU B 326 -20.40 21.86 -6.57
CA LEU B 326 -19.68 22.34 -5.39
C LEU B 326 -19.16 23.78 -5.52
N TYR B 327 -18.60 24.08 -6.68
CA TYR B 327 -17.90 25.35 -6.92
C TYR B 327 -18.35 25.96 -8.26
N PRO B 328 -19.65 26.25 -8.41
CA PRO B 328 -20.16 26.66 -9.73
C PRO B 328 -19.53 27.94 -10.30
N LYS B 329 -19.20 28.88 -9.42
CA LYS B 329 -18.63 30.15 -9.86
C LYS B 329 -17.22 29.94 -10.40
N ALA B 330 -16.42 29.19 -9.66
CA ALA B 330 -15.05 28.89 -10.10
C ALA B 330 -15.06 28.04 -11.37
N ALA B 331 -15.96 27.06 -11.46
CA ALA B 331 -16.06 26.21 -12.64
C ALA B 331 -16.31 27.03 -13.93
N LYS B 332 -17.16 28.03 -13.81
CA LYS B 332 -17.51 28.94 -14.91
C LYS B 332 -16.39 29.92 -15.32
N MET B 333 -15.30 29.93 -14.56
CA MET B 333 -14.14 30.79 -14.85
C MET B 333 -12.92 30.02 -15.35
N LEU B 334 -13.03 28.69 -15.37
CA LEU B 334 -11.96 27.84 -15.89
C LEU B 334 -11.68 28.14 -17.38
N ILE B 335 -12.72 28.33 -18.18
CA ILE B 335 -12.62 28.70 -19.60
C ILE B 335 -12.65 30.22 -19.72
N THR B 336 -11.51 30.77 -20.10
CA THR B 336 -11.31 32.21 -20.22
C THR B 336 -11.97 32.76 -21.48
N LYS B 337 -11.72 32.10 -22.61
CA LYS B 337 -12.31 32.48 -23.89
C LYS B 337 -12.22 31.36 -24.90
N THR B 338 -13.05 31.47 -25.93
CA THR B 338 -13.08 30.51 -27.02
C THR B 338 -12.79 31.24 -28.34
N VAL B 339 -11.85 30.70 -29.10
CA VAL B 339 -11.44 31.28 -30.38
C VAL B 339 -11.77 30.31 -31.51
N SER B 340 -12.40 30.81 -32.56
CA SER B 340 -12.74 29.98 -33.70
C SER B 340 -11.50 29.61 -34.50
N ILE B 341 -11.49 28.38 -35.03
CA ILE B 341 -10.41 27.91 -35.90
C ILE B 341 -10.28 28.81 -37.13
N ASN B 342 -11.37 29.48 -37.48
CA ASN B 342 -11.43 30.31 -38.68
C ASN B 342 -10.92 31.73 -38.45
N ASP B 343 -10.65 32.04 -37.19
CA ASP B 343 -10.16 33.34 -36.77
C ASP B 343 -8.63 33.32 -36.72
N GLU B 344 -7.98 33.36 -37.89
CA GLU B 344 -6.52 33.16 -37.96
C GLU B 344 -5.69 34.13 -37.13
N LYS B 345 -6.03 35.43 -37.19
CA LYS B 345 -5.24 36.43 -36.47
C LYS B 345 -5.30 36.23 -34.96
N GLU B 346 -6.51 36.04 -34.42
CA GLU B 346 -6.72 35.78 -33.01
C GLU B 346 -6.13 34.42 -32.59
N LEU B 347 -6.24 33.41 -33.46
CA LEU B 347 -5.67 32.09 -33.19
C LEU B 347 -4.15 32.14 -33.07
N LEU B 348 -3.50 32.74 -34.05
CA LEU B 348 -2.05 32.83 -34.02
C LEU B 348 -1.58 33.58 -32.78
N LYS B 349 -2.27 34.66 -32.42
CA LYS B 349 -1.95 35.43 -31.23
C LYS B 349 -1.99 34.57 -29.96
N VAL B 350 -3.09 33.84 -29.76
CA VAL B 350 -3.22 33.03 -28.53
C VAL B 350 -2.32 31.79 -28.53
N LEU B 351 -2.02 31.25 -29.71
CA LEU B 351 -1.06 30.13 -29.80
C LEU B 351 0.34 30.58 -29.43
N ARG B 352 0.65 31.85 -29.71
CA ARG B 352 2.00 32.36 -29.54
C ARG B 352 2.27 32.85 -28.12
N GLU B 353 1.25 33.33 -27.43
CA GLU B 353 1.44 33.97 -26.13
C GLU B 353 0.22 33.90 -25.20
N LYS B 354 0.49 33.65 -23.91
CA LYS B 354 -0.52 33.72 -22.85
C LYS B 354 -0.90 35.18 -22.56
N GLU B 355 -2.17 35.40 -22.20
CA GLU B 355 -2.63 36.68 -21.66
C GLU B 355 -2.60 36.64 -20.13
N HIS B 356 -2.35 37.77 -19.45
CA HIS B 356 -2.30 37.79 -17.98
C HIS B 356 -3.63 37.29 -17.38
N GLY B 357 -3.56 36.44 -16.36
CA GLY B 357 -4.77 35.91 -15.74
C GLY B 357 -5.56 34.90 -16.58
N GLU B 358 -4.98 34.44 -17.67
CA GLU B 358 -5.55 33.37 -18.49
C GLU B 358 -5.60 32.07 -17.67
N ILE B 359 -6.73 31.36 -17.75
CA ILE B 359 -6.80 30.00 -17.21
C ILE B 359 -6.75 29.03 -18.38
N LYS B 360 -7.79 29.03 -19.20
CA LYS B 360 -7.79 28.16 -20.36
C LYS B 360 -8.45 28.81 -21.59
N ILE B 361 -7.69 28.85 -22.68
CA ILE B 361 -8.20 29.24 -24.00
C ILE B 361 -8.57 27.97 -24.75
N ARG B 362 -9.77 28.00 -25.33
CA ARG B 362 -10.37 26.91 -26.09
C ARG B 362 -10.40 27.29 -27.57
N ILE B 363 -10.11 26.34 -28.45
CA ILE B 363 -10.25 26.53 -29.90
C ILE B 363 -11.50 25.77 -30.35
N LEU B 364 -12.39 26.45 -31.06
CA LEU B 364 -13.63 25.87 -31.55
C LEU B 364 -13.54 25.60 -33.04
N TRP B 365 -13.81 24.36 -33.41
CA TRP B 365 -13.84 23.94 -34.80
C TRP B 365 -15.25 24.03 -35.34
N GLU B 366 -15.37 24.76 -36.44
CA GLU B 366 -16.66 25.07 -37.06
C GLU B 366 -16.43 25.49 -38.50
N MET C 1 18.81 -41.14 -20.14
CA MET C 1 18.88 -40.39 -18.85
C MET C 1 17.93 -41.00 -17.82
N LYS C 2 18.43 -41.25 -16.61
CA LYS C 2 17.55 -41.72 -15.54
C LYS C 2 16.54 -40.64 -15.13
N ALA C 3 15.31 -41.06 -14.92
CA ALA C 3 14.24 -40.16 -14.54
C ALA C 3 13.13 -40.90 -13.78
N ILE C 4 12.44 -40.19 -12.90
CA ILE C 4 11.29 -40.72 -12.21
C ILE C 4 10.05 -40.25 -12.96
N ILE C 5 9.26 -41.19 -13.48
CA ILE C 5 8.17 -40.85 -14.39
C ILE C 5 6.82 -41.38 -13.92
N VAL C 6 5.77 -40.65 -14.26
CA VAL C 6 4.40 -41.01 -13.95
C VAL C 6 3.55 -40.85 -15.22
N LYS C 7 2.32 -41.38 -15.18
CA LYS C 7 1.42 -41.26 -16.32
C LYS C 7 0.00 -40.83 -15.92
N PRO C 8 -0.17 -39.55 -15.52
CA PRO C 8 -1.48 -39.08 -15.05
C PRO C 8 -2.53 -39.27 -16.14
N PRO C 9 -3.78 -39.63 -15.77
CA PRO C 9 -4.31 -39.80 -14.41
C PRO C 9 -4.11 -41.18 -13.76
N ASN C 10 -3.38 -42.08 -14.43
CA ASN C 10 -3.14 -43.43 -13.90
C ASN C 10 -2.21 -43.43 -12.68
N ALA C 11 -2.36 -44.41 -11.80
CA ALA C 11 -1.45 -44.57 -10.66
C ALA C 11 -0.18 -45.32 -11.06
N GLY C 12 0.89 -45.11 -10.31
CA GLY C 12 2.15 -45.80 -10.55
C GLY C 12 3.31 -44.87 -10.79
N VAL C 13 4.51 -45.36 -10.50
CA VAL C 13 5.72 -44.57 -10.68
C VAL C 13 6.88 -45.49 -11.02
N GLN C 14 7.72 -45.06 -11.96
CA GLN C 14 8.89 -45.81 -12.39
C GLN C 14 10.13 -44.95 -12.29
N VAL C 15 11.23 -45.57 -11.90
CA VAL C 15 12.53 -44.94 -11.98
C VAL C 15 13.26 -45.74 -13.04
N LYS C 16 13.47 -45.13 -14.21
CA LYS C 16 14.16 -45.81 -15.30
C LYS C 16 14.85 -44.85 -16.26
N ASP C 17 15.57 -45.42 -17.23
CA ASP C 17 16.19 -44.64 -18.28
C ASP C 17 15.13 -44.22 -19.29
N VAL C 18 15.17 -42.95 -19.67
CA VAL C 18 14.27 -42.39 -20.67
C VAL C 18 15.07 -41.60 -21.72
N ASP C 19 14.53 -41.55 -22.94
CA ASP C 19 15.18 -40.85 -24.05
C ASP C 19 15.24 -39.34 -23.78
N GLU C 20 16.46 -38.81 -23.72
CA GLU C 20 16.70 -37.40 -23.43
C GLU C 20 15.97 -36.47 -24.39
N LYS C 21 15.88 -36.87 -25.66
CA LYS C 21 15.25 -36.05 -26.70
C LYS C 21 13.76 -35.83 -26.44
N LYS C 22 13.16 -36.71 -25.64
CA LYS C 22 11.74 -36.66 -25.33
C LYS C 22 11.40 -35.75 -24.14
N LEU C 23 12.41 -35.21 -23.49
CA LEU C 23 12.21 -34.43 -22.26
C LEU C 23 12.28 -32.92 -22.48
N ASP C 24 11.43 -32.19 -21.76
CA ASP C 24 11.28 -30.75 -21.97
C ASP C 24 12.52 -29.97 -21.55
N SER C 25 12.92 -29.06 -22.44
CA SER C 25 14.01 -28.13 -22.18
C SER C 25 13.39 -26.74 -22.05
N TYR C 26 13.92 -25.92 -21.14
CA TYR C 26 13.35 -24.61 -20.83
C TYR C 26 14.30 -23.45 -21.12
N GLY C 27 15.52 -23.77 -21.52
CA GLY C 27 16.51 -22.74 -21.80
C GLY C 27 17.86 -23.34 -22.08
N LYS C 28 18.88 -22.49 -21.93
CA LYS C 28 20.22 -22.79 -22.40
C LYS C 28 21.19 -23.27 -21.32
N ILE C 29 20.82 -23.12 -20.05
CA ILE C 29 21.70 -23.52 -18.95
C ILE C 29 21.48 -24.97 -18.57
N LYS C 30 22.56 -25.76 -18.60
CA LYS C 30 22.48 -27.16 -18.22
C LYS C 30 22.71 -27.27 -16.72
N ILE C 31 21.79 -27.98 -16.07
CA ILE C 31 21.76 -28.11 -14.62
C ILE C 31 21.72 -29.61 -14.26
N ARG C 32 22.74 -30.07 -13.54
CA ARG C 32 22.80 -31.46 -13.08
C ARG C 32 22.17 -31.60 -11.70
N THR C 33 21.10 -32.40 -11.63
CA THR C 33 20.34 -32.58 -10.41
C THR C 33 21.20 -33.19 -9.31
N ILE C 34 21.15 -32.58 -8.12
CA ILE C 34 21.80 -33.15 -6.94
C ILE C 34 20.76 -33.62 -5.91
N TYR C 35 19.77 -32.78 -5.62
CA TYR C 35 18.66 -33.17 -4.71
C TYR C 35 17.28 -32.90 -5.29
N ASN C 36 16.33 -33.78 -5.00
CA ASN C 36 14.91 -33.47 -5.11
C ASN C 36 14.26 -33.57 -3.74
N GLY C 37 13.12 -32.90 -3.61
CA GLY C 37 12.23 -33.06 -2.47
C GLY C 37 10.97 -33.78 -2.93
N ILE C 38 10.32 -34.45 -1.98
CA ILE C 38 9.05 -35.14 -2.20
C ILE C 38 8.02 -34.47 -1.32
N CYS C 39 6.84 -34.21 -1.87
CA CYS C 39 5.72 -33.76 -1.02
C CYS C 39 4.41 -34.43 -1.36
N GLY C 40 3.36 -34.03 -0.65
CA GLY C 40 2.01 -34.59 -0.82
C GLY C 40 1.49 -34.59 -2.25
N ALA C 41 1.78 -33.52 -2.98
CA ALA C 41 1.38 -33.43 -4.39
C ALA C 41 1.98 -34.58 -5.21
N ASP C 42 3.25 -34.89 -4.94
CA ASP C 42 3.93 -36.02 -5.60
C ASP C 42 3.23 -37.32 -5.26
N ARG C 43 2.96 -37.53 -3.97
CA ARG C 43 2.30 -38.77 -3.49
C ARG C 43 0.94 -38.92 -4.18
N GLU C 44 0.22 -37.81 -4.30
CA GLU C 44 -1.09 -37.83 -4.96
C GLU C 44 -1.02 -38.28 -6.40
N ILE C 45 -0.07 -37.73 -7.15
CA ILE C 45 0.12 -38.11 -8.56
C ILE C 45 0.54 -39.58 -8.67
N VAL C 46 1.46 -40.00 -7.82
CA VAL C 46 1.92 -41.40 -7.81
C VAL C 46 0.75 -42.35 -7.55
N ASN C 47 -0.18 -41.93 -6.71
CA ASN C 47 -1.33 -42.76 -6.35
C ASN C 47 -2.55 -42.51 -7.25
N GLY C 48 -2.34 -41.71 -8.29
CA GLY C 48 -3.39 -41.41 -9.28
C GLY C 48 -4.61 -40.67 -8.74
N LYS C 49 -4.36 -39.72 -7.84
CA LYS C 49 -5.44 -38.98 -7.15
C LYS C 49 -5.72 -37.59 -7.72
N LEU C 50 -4.88 -37.12 -8.62
CA LEU C 50 -5.04 -35.80 -9.24
C LEU C 50 -5.52 -35.88 -10.69
N GLY C 58 0.61 -35.72 -26.76
CA GLY C 58 1.86 -36.04 -27.45
C GLY C 58 2.90 -36.72 -26.58
N LYS C 59 2.69 -36.67 -25.26
CA LYS C 59 3.59 -37.31 -24.31
C LYS C 59 3.01 -38.61 -23.73
N ASP C 60 3.86 -39.64 -23.64
CA ASP C 60 3.50 -40.91 -23.02
C ASP C 60 3.57 -40.82 -21.49
N PHE C 61 4.38 -39.89 -21.00
CA PHE C 61 4.66 -39.79 -19.59
C PHE C 61 5.03 -38.38 -19.17
N LEU C 62 5.11 -38.20 -17.87
CA LEU C 62 5.54 -36.93 -17.28
C LEU C 62 6.67 -37.21 -16.30
N VAL C 63 7.75 -36.44 -16.38
CA VAL C 63 8.77 -36.50 -15.33
C VAL C 63 8.21 -35.86 -14.06
N LEU C 64 8.25 -36.62 -12.98
CA LEU C 64 7.79 -36.18 -11.67
C LEU C 64 8.75 -35.15 -11.03
N GLY C 65 8.19 -34.33 -10.14
CA GLY C 65 8.98 -33.59 -9.16
C GLY C 65 9.11 -32.12 -9.45
N HIS C 66 8.88 -31.29 -8.45
CA HIS C 66 8.94 -29.85 -8.64
C HIS C 66 9.84 -29.16 -7.60
N GLU C 67 10.49 -29.97 -6.75
CA GLU C 67 11.39 -29.49 -5.70
C GLU C 67 12.80 -29.95 -6.09
N ALA C 68 13.69 -29.02 -6.43
CA ALA C 68 15.02 -29.40 -6.92
C ALA C 68 16.15 -28.44 -6.59
N ILE C 69 17.34 -29.01 -6.37
CA ILE C 69 18.56 -28.23 -6.34
C ILE C 69 19.47 -28.94 -7.30
N GLY C 70 20.08 -28.18 -8.21
CA GLY C 70 21.01 -28.75 -9.16
C GLY C 70 22.25 -27.90 -9.25
N VAL C 71 23.26 -28.41 -9.95
CA VAL C 71 24.55 -27.71 -10.08
C VAL C 71 24.72 -27.20 -11.51
N VAL C 72 25.16 -25.95 -11.63
CA VAL C 72 25.38 -25.34 -12.95
C VAL C 72 26.62 -25.94 -13.61
N GLU C 73 26.43 -26.50 -14.81
CA GLU C 73 27.49 -27.26 -15.49
C GLU C 73 28.59 -26.39 -16.09
N GLU C 74 28.24 -25.19 -16.53
CA GLU C 74 29.20 -24.26 -17.16
C GLU C 74 28.98 -22.82 -16.70
N SER C 75 30.06 -22.04 -16.63
CA SER C 75 29.95 -20.64 -16.23
C SER C 75 29.25 -19.79 -17.28
N TYR C 76 27.96 -19.54 -17.02
CA TYR C 76 27.06 -18.79 -17.89
C TYR C 76 26.94 -17.34 -17.42
N HIS C 77 25.97 -16.62 -17.98
CA HIS C 77 25.62 -15.27 -17.57
C HIS C 77 25.23 -15.26 -16.10
N GLY C 78 26.06 -14.61 -15.27
CA GLY C 78 25.82 -14.51 -13.84
C GLY C 78 25.79 -15.82 -13.05
N PHE C 79 25.82 -16.95 -13.75
CA PHE C 79 25.93 -18.26 -13.10
C PHE C 79 27.30 -18.89 -13.35
N SER C 80 27.96 -19.29 -12.27
CA SER C 80 29.27 -19.93 -12.37
C SER C 80 29.16 -21.46 -12.27
N GLN C 81 30.00 -22.15 -13.03
CA GLN C 81 30.14 -23.59 -12.91
C GLN C 81 30.31 -23.95 -11.45
N GLY C 82 29.50 -24.91 -10.98
CA GLY C 82 29.54 -25.34 -9.58
C GLY C 82 28.49 -24.67 -8.69
N ASP C 83 27.92 -23.57 -9.19
CA ASP C 83 26.84 -22.88 -8.46
C ASP C 83 25.64 -23.79 -8.27
N LEU C 84 24.99 -23.68 -7.12
CA LEU C 84 23.77 -24.46 -6.87
C LEU C 84 22.58 -23.56 -7.17
N VAL C 85 21.59 -24.14 -7.84
CA VAL C 85 20.38 -23.43 -8.22
C VAL C 85 19.13 -24.23 -7.97
N MET C 86 18.02 -23.52 -7.81
CA MET C 86 16.71 -24.16 -7.64
C MET C 86 15.73 -23.55 -8.65
N PRO C 87 15.05 -24.40 -9.43
CA PRO C 87 14.08 -23.88 -10.39
C PRO C 87 12.75 -23.49 -9.75
N VAL C 88 12.19 -22.39 -10.23
CA VAL C 88 10.83 -22.02 -9.91
C VAL C 88 9.89 -22.96 -10.67
N ASN C 89 8.90 -23.49 -9.96
CA ASN C 89 8.13 -24.61 -10.52
C ASN C 89 6.91 -24.23 -11.36
N ARG C 90 6.20 -23.16 -10.95
CA ARG C 90 5.08 -22.67 -11.75
C ARG C 90 5.58 -21.61 -12.72
N ARG C 91 5.23 -21.80 -13.98
CA ARG C 91 5.68 -20.93 -15.05
C ARG C 91 4.46 -20.38 -15.77
N GLY C 92 4.57 -19.17 -16.29
CA GLY C 92 3.42 -18.40 -16.75
C GLY C 92 2.79 -18.81 -18.07
N CYS C 93 1.63 -18.21 -18.36
CA CYS C 93 0.89 -18.46 -19.60
C CYS C 93 1.40 -17.64 -20.78
N GLY C 94 2.19 -16.60 -20.51
CA GLY C 94 2.74 -15.77 -21.60
C GLY C 94 1.78 -14.74 -22.18
N ILE C 95 0.57 -14.71 -21.64
CA ILE C 95 -0.52 -13.88 -22.19
C ILE C 95 -0.96 -12.77 -21.22
N CYS C 96 -1.24 -13.12 -19.96
CA CYS C 96 -1.87 -12.18 -19.02
C CYS C 96 -0.86 -11.28 -18.32
N ARG C 97 -1.33 -10.13 -17.81
CA ARG C 97 -0.41 -9.12 -17.24
C ARG C 97 0.26 -9.57 -15.93
N ASN C 98 -0.38 -10.47 -15.18
CA ASN C 98 0.31 -11.02 -14.02
C ASN C 98 1.46 -11.94 -14.37
N CYS C 99 1.26 -12.82 -15.35
CA CYS C 99 2.39 -13.63 -15.83
C CYS C 99 3.50 -12.80 -16.45
N LEU C 100 3.14 -11.71 -17.13
CA LEU C 100 4.12 -10.92 -17.84
C LEU C 100 4.95 -10.07 -16.88
N VAL C 101 4.50 -9.92 -15.63
CA VAL C 101 5.38 -9.29 -14.60
C VAL C 101 6.04 -10.33 -13.69
N GLY C 102 6.03 -11.58 -14.11
CA GLY C 102 6.72 -12.64 -13.41
C GLY C 102 5.94 -13.25 -12.26
N ARG C 103 4.62 -13.12 -12.30
CA ARG C 103 3.78 -13.53 -11.19
C ARG C 103 2.62 -14.46 -11.59
N PRO C 104 2.93 -15.64 -12.17
CA PRO C 104 1.91 -16.60 -12.52
C PRO C 104 1.16 -17.18 -11.32
N ASP C 105 1.59 -16.87 -10.10
CA ASP C 105 0.76 -17.24 -8.94
C ASP C 105 -0.63 -16.58 -9.02
N PHE C 106 -0.73 -15.47 -9.77
CA PHE C 106 -1.99 -14.72 -9.97
C PHE C 106 -2.43 -14.74 -11.45
N CYS C 107 -2.02 -15.76 -12.19
CA CYS C 107 -2.41 -15.91 -13.58
C CYS C 107 -3.90 -15.72 -13.77
N GLU C 108 -4.28 -14.91 -14.75
CA GLU C 108 -5.68 -14.65 -15.05
C GLU C 108 -6.31 -15.65 -16.03
N THR C 109 -5.50 -16.46 -16.71
CA THR C 109 -6.04 -17.36 -17.73
C THR C 109 -6.12 -18.80 -17.24
N GLY C 110 -5.34 -19.12 -16.21
CA GLY C 110 -5.20 -20.51 -15.76
C GLY C 110 -4.35 -21.38 -16.68
N GLU C 111 -3.77 -20.77 -17.71
CA GLU C 111 -2.98 -21.49 -18.73
C GLU C 111 -1.50 -21.63 -18.38
N PHE C 112 -1.19 -21.55 -17.09
CA PHE C 112 0.18 -21.67 -16.59
C PHE C 112 0.60 -23.13 -16.56
N GLY C 113 1.88 -23.39 -16.37
CA GLY C 113 2.37 -24.76 -16.24
C GLY C 113 2.91 -24.99 -14.85
N GLU C 114 2.81 -26.23 -14.38
CA GLU C 114 3.39 -26.61 -13.10
C GLU C 114 4.35 -27.79 -13.27
N ALA C 115 5.64 -27.50 -13.17
CA ALA C 115 6.67 -28.54 -13.29
C ALA C 115 6.30 -29.81 -12.52
N GLY C 116 6.35 -30.95 -13.20
CA GLY C 116 6.13 -32.23 -12.53
C GLY C 116 4.70 -32.53 -12.16
N ILE C 117 3.76 -31.69 -12.64
CA ILE C 117 2.36 -31.81 -12.27
C ILE C 117 1.46 -31.59 -13.47
N HIS C 118 1.70 -30.50 -14.20
CA HIS C 118 0.81 -30.08 -15.26
C HIS C 118 1.57 -29.43 -16.40
N LYS C 119 1.44 -29.96 -17.61
CA LYS C 119 2.01 -29.37 -18.85
C LYS C 119 3.54 -29.30 -18.98
N MET C 120 4.25 -29.60 -17.90
CA MET C 120 5.69 -29.38 -17.81
C MET C 120 6.38 -30.57 -17.17
N ASP C 121 7.40 -31.14 -17.83
CA ASP C 121 8.22 -32.13 -17.15
C ASP C 121 8.90 -31.57 -15.90
N GLY C 122 8.86 -32.35 -14.83
CA GLY C 122 9.48 -31.99 -13.54
C GLY C 122 10.99 -32.18 -13.50
N PHE C 123 11.52 -32.30 -12.29
CA PHE C 123 12.96 -32.19 -12.09
C PHE C 123 13.60 -33.43 -11.48
N MET C 124 12.82 -34.51 -11.34
CA MET C 124 13.40 -35.79 -10.92
C MET C 124 14.00 -36.49 -12.13
N ARG C 125 15.07 -35.92 -12.65
CA ARG C 125 15.80 -36.47 -13.80
C ARG C 125 17.23 -36.03 -13.66
N GLU C 126 18.14 -36.73 -14.33
CA GLU C 126 19.58 -36.53 -14.13
C GLU C 126 20.01 -35.09 -14.35
N TRP C 127 19.50 -34.48 -15.42
CA TRP C 127 19.76 -33.09 -15.71
C TRP C 127 18.64 -32.47 -16.53
N TRP C 128 18.59 -31.14 -16.54
CA TRP C 128 17.69 -30.42 -17.42
C TRP C 128 18.31 -29.11 -17.88
N TYR C 129 17.72 -28.55 -18.92
CA TYR C 129 18.12 -27.22 -19.38
C TYR C 129 17.11 -26.20 -18.92
N ASP C 130 17.61 -25.08 -18.41
CA ASP C 130 16.72 -24.02 -17.96
C ASP C 130 17.15 -22.63 -18.38
N ASP C 131 16.21 -21.71 -18.24
CA ASP C 131 16.39 -20.30 -18.51
C ASP C 131 16.85 -19.68 -17.19
N PRO C 132 17.94 -18.88 -17.22
CA PRO C 132 18.45 -18.32 -15.97
C PRO C 132 17.42 -17.53 -15.17
N LYS C 133 16.41 -17.01 -15.85
CA LYS C 133 15.38 -16.21 -15.18
C LYS C 133 14.53 -17.03 -14.18
N TYR C 134 14.50 -18.35 -14.35
CA TYR C 134 13.68 -19.22 -13.51
C TYR C 134 14.52 -19.87 -12.41
N LEU C 135 15.76 -19.45 -12.29
CA LEU C 135 16.71 -20.11 -11.38
C LEU C 135 16.98 -19.21 -10.18
N VAL C 136 16.90 -19.82 -9.00
CA VAL C 136 17.15 -19.17 -7.73
C VAL C 136 18.51 -19.65 -7.22
N LYS C 137 19.40 -18.72 -6.83
CA LYS C 137 20.72 -19.12 -6.31
C LYS C 137 20.58 -19.71 -4.92
N ILE C 138 21.13 -20.91 -4.74
CA ILE C 138 21.13 -21.55 -3.42
C ILE C 138 22.53 -21.48 -2.87
N PRO C 139 22.74 -20.70 -1.79
CA PRO C 139 24.08 -20.65 -1.18
C PRO C 139 24.55 -22.04 -0.73
N LYS C 140 25.82 -22.31 -0.97
CA LYS C 140 26.40 -23.57 -0.55
C LYS C 140 26.29 -23.77 0.97
N SER C 141 26.24 -22.66 1.71
CA SER C 141 26.07 -22.68 3.16
C SER C 141 24.73 -23.23 3.65
N ILE C 142 23.74 -23.34 2.75
CA ILE C 142 22.46 -23.99 3.09
C ILE C 142 22.13 -25.18 2.20
N GLU C 143 23.15 -25.80 1.63
CA GLU C 143 22.92 -26.93 0.74
C GLU C 143 22.06 -27.99 1.42
N ASP C 144 22.31 -28.23 2.71
CA ASP C 144 21.64 -29.32 3.43
C ASP C 144 20.11 -29.18 3.59
N ILE C 145 19.64 -27.97 3.89
CA ILE C 145 18.22 -27.72 4.09
C ILE C 145 17.64 -26.86 2.98
N GLY C 146 18.46 -26.47 2.00
CA GLY C 146 18.00 -25.59 0.93
C GLY C 146 16.84 -26.11 0.09
N ILE C 147 16.68 -27.42 0.04
CA ILE C 147 15.57 -27.99 -0.71
C ILE C 147 14.21 -27.48 -0.21
N LEU C 148 14.18 -27.06 1.05
CA LEU C 148 12.96 -26.52 1.64
C LEU C 148 12.56 -25.15 1.10
N ALA C 149 13.42 -24.52 0.29
CA ALA C 149 13.12 -23.18 -0.21
C ALA C 149 11.88 -23.19 -1.11
N GLN C 150 11.61 -24.32 -1.75
CA GLN C 150 10.47 -24.39 -2.66
C GLN C 150 9.16 -24.44 -1.84
N PRO C 151 9.02 -25.42 -0.91
CA PRO C 151 7.80 -25.32 -0.10
C PRO C 151 7.68 -24.05 0.74
N LEU C 152 8.79 -23.55 1.26
CA LEU C 152 8.77 -22.34 2.08
C LEU C 152 8.33 -21.13 1.24
N ALA C 153 8.70 -21.11 -0.05
CA ALA C 153 8.26 -20.06 -0.96
C ALA C 153 6.73 -19.84 -0.97
N ASP C 154 6.00 -20.95 -1.01
CA ASP C 154 4.54 -20.85 -1.02
C ASP C 154 4.05 -20.13 0.24
N ILE C 155 4.72 -20.44 1.35
CA ILE C 155 4.38 -19.88 2.64
C ILE C 155 4.80 -18.41 2.78
N GLU C 156 5.97 -18.08 2.23
CA GLU C 156 6.41 -16.69 2.17
C GLU C 156 5.41 -15.81 1.43
N LYS C 157 4.96 -16.29 0.26
CA LYS C 157 3.94 -15.60 -0.51
C LYS C 157 2.68 -15.42 0.32
N SER C 158 2.30 -16.48 1.02
CA SER C 158 1.05 -16.48 1.77
C SER C 158 1.04 -15.47 2.92
N ILE C 159 2.09 -15.47 3.72
CA ILE C 159 2.20 -14.52 4.83
C ILE C 159 2.35 -13.09 4.30
N GLU C 160 3.16 -12.92 3.25
CA GLU C 160 3.21 -11.62 2.55
C GLU C 160 1.80 -11.09 2.19
N GLU C 161 0.99 -11.96 1.57
CA GLU C 161 -0.36 -11.59 1.14
C GLU C 161 -1.26 -11.25 2.32
N ILE C 162 -1.18 -12.05 3.38
CA ILE C 162 -1.95 -11.74 4.59
C ILE C 162 -1.59 -10.36 5.14
N LEU C 163 -0.30 -10.07 5.19
CA LEU C 163 0.16 -8.78 5.75
C LEU C 163 -0.25 -7.64 4.84
N GLU C 164 -0.22 -7.87 3.52
CA GLU C 164 -0.69 -6.87 2.56
C GLU C 164 -2.17 -6.58 2.73
N VAL C 165 -2.99 -7.63 2.78
CA VAL C 165 -4.42 -7.48 3.00
C VAL C 165 -4.69 -6.71 4.29
N GLN C 166 -3.91 -6.98 5.34
CA GLN C 166 -4.20 -6.34 6.64
C GLN C 166 -3.82 -4.88 6.67
N LYS C 167 -3.22 -4.36 5.60
CA LYS C 167 -3.02 -2.89 5.51
C LYS C 167 -4.36 -2.15 5.40
N ARG C 168 -5.43 -2.90 5.15
CA ARG C 168 -6.80 -2.37 5.16
C ARG C 168 -7.21 -1.88 6.56
N VAL C 169 -6.61 -2.46 7.60
CA VAL C 169 -6.94 -2.06 8.98
C VAL C 169 -6.12 -0.81 9.27
N PRO C 170 -6.80 0.29 9.69
CA PRO C 170 -6.06 1.53 9.96
C PRO C 170 -4.84 1.37 10.86
N VAL C 171 -4.96 0.63 11.96
CA VAL C 171 -3.78 0.25 12.76
C VAL C 171 -3.86 -1.23 13.14
N TRP C 172 -3.08 -2.06 12.47
CA TRP C 172 -3.04 -3.48 12.86
C TRP C 172 -1.79 -3.79 13.68
N THR C 173 -0.88 -2.83 13.79
CA THR C 173 0.29 -3.00 14.63
C THR C 173 -0.11 -2.88 16.10
N CYS C 174 0.85 -3.13 16.98
CA CYS C 174 0.62 -3.22 18.41
C CYS C 174 1.12 -1.96 19.13
N ASP C 175 0.95 -1.91 20.45
CA ASP C 175 1.39 -0.75 21.23
C ASP C 175 2.88 -0.42 21.03
N ASP C 176 3.67 -1.44 20.70
CA ASP C 176 5.11 -1.28 20.48
C ASP C 176 5.55 -1.18 19.00
N GLY C 177 4.59 -1.01 18.09
CA GLY C 177 4.85 -0.80 16.67
C GLY C 177 5.14 -2.08 15.91
N THR C 178 5.14 -3.20 16.62
CA THR C 178 5.34 -4.52 16.04
C THR C 178 4.01 -5.30 15.85
N LEU C 179 4.14 -6.53 15.38
CA LEU C 179 2.99 -7.44 15.32
C LEU C 179 3.04 -8.49 16.43
N ASN C 180 3.86 -8.24 17.46
CA ASN C 180 4.13 -9.26 18.47
C ASN C 180 2.88 -9.64 19.27
N CYS C 181 1.94 -8.71 19.33
CA CYS C 181 0.67 -8.92 20.05
C CYS C 181 -0.34 -9.73 19.25
N ARG C 182 -0.06 -9.93 17.97
CA ARG C 182 -0.99 -10.65 17.10
C ARG C 182 -0.81 -12.15 17.29
N LYS C 183 -1.93 -12.87 17.33
CA LYS C 183 -1.93 -14.32 17.59
C LYS C 183 -2.35 -15.07 16.34
N VAL C 184 -1.62 -16.14 16.01
CA VAL C 184 -1.90 -17.00 14.86
C VAL C 184 -2.22 -18.39 15.35
N LEU C 185 -3.30 -18.98 14.85
CA LEU C 185 -3.58 -20.40 15.07
C LEU C 185 -3.26 -21.13 13.78
N VAL C 186 -2.28 -22.02 13.84
CA VAL C 186 -1.91 -22.86 12.69
C VAL C 186 -2.53 -24.23 12.89
N VAL C 187 -3.51 -24.55 12.05
CA VAL C 187 -4.23 -25.83 12.16
C VAL C 187 -3.57 -26.85 11.23
N GLY C 188 -3.09 -27.93 11.81
N GLY C 188 -2.95 -27.85 11.85
CA GLY C 188 -2.38 -28.92 11.04
CA GLY C 188 -2.11 -28.82 11.12
C GLY C 188 -0.92 -28.63 11.18
C GLY C 188 -0.62 -28.61 11.38
N THR C 189 -0.23 -29.63 11.68
N THR C 189 0.11 -29.71 11.41
CA THR C 189 1.19 -29.58 11.95
CA THR C 189 1.50 -29.67 11.85
C THR C 189 2.42 -30.56 11.01
C THR C 189 1.83 -30.28 10.70
N GLY C 190 2.01 -30.73 9.76
N GLY C 190 3.15 -30.36 10.55
CA GLY C 190 2.83 -31.36 8.77
CA GLY C 190 3.76 -31.02 9.34
C GLY C 190 3.92 -30.38 8.42
C GLY C 190 4.55 -30.08 8.41
N PRO C 191 5.14 -30.60 7.30
N PRO C 191 4.65 -30.65 7.32
CA PRO C 191 5.98 -29.62 6.61
CA PRO C 191 5.73 -29.73 6.97
C PRO C 191 5.34 -28.24 6.50
C PRO C 191 5.20 -28.30 6.81
N ILE C 192 4.06 -28.16 6.15
CA ILE C 192 3.42 -26.84 5.91
C ILE C 192 3.14 -26.12 7.24
N GLY C 193 2.43 -26.78 8.15
CA GLY C 193 2.16 -26.18 9.46
C GLY C 193 3.42 -25.77 10.24
N VAL C 194 4.44 -26.63 10.20
CA VAL C 194 5.73 -26.35 10.82
C VAL C 194 6.40 -25.12 10.16
N LEU C 195 6.40 -25.08 8.83
CA LEU C 195 6.96 -23.92 8.11
C LEU C 195 6.21 -22.61 8.40
N PHE C 196 4.88 -22.65 8.38
CA PHE C 196 4.09 -21.49 8.81
C PHE C 196 4.50 -21.05 10.21
N THR C 197 4.63 -22.01 11.12
CA THR C 197 4.95 -21.69 12.52
C THR C 197 6.32 -21.00 12.60
N LEU C 198 7.32 -21.60 11.96
CA LEU C 198 8.66 -21.04 12.00
C LEU C 198 8.70 -19.61 11.44
N LEU C 199 8.05 -19.41 10.30
CA LEU C 199 8.07 -18.09 9.66
C LEU C 199 7.31 -17.01 10.49
N PHE C 200 6.11 -17.34 10.98
CA PHE C 200 5.37 -16.37 11.80
C PHE C 200 6.15 -16.02 13.07
N ARG C 201 6.81 -17.02 13.65
CA ARG C 201 7.62 -16.72 14.85
C ARG C 201 8.83 -15.85 14.47
N THR C 202 9.39 -16.10 13.29
CA THR C 202 10.48 -15.25 12.78
C THR C 202 10.00 -13.80 12.67
N TYR C 203 8.75 -13.63 12.23
CA TYR C 203 8.17 -12.30 12.12
C TYR C 203 7.72 -11.76 13.49
N GLY C 204 7.71 -12.62 14.51
CA GLY C 204 7.46 -12.20 15.88
C GLY C 204 6.04 -12.37 16.39
N LEU C 205 5.13 -12.83 15.53
CA LEU C 205 3.75 -13.08 15.95
C LEU C 205 3.69 -14.27 16.93
N GLU C 206 2.70 -14.27 17.82
CA GLU C 206 2.47 -15.40 18.70
C GLU C 206 1.82 -16.52 17.90
N VAL C 207 2.25 -17.76 18.14
CA VAL C 207 1.68 -18.90 17.39
C VAL C 207 1.17 -20.00 18.32
N TRP C 208 -0.01 -20.53 18.01
CA TRP C 208 -0.49 -21.79 18.57
C TRP C 208 -0.61 -22.77 17.41
N MET C 209 0.06 -23.91 17.52
CA MET C 209 -0.12 -25.02 16.58
C MET C 209 -1.23 -25.87 17.16
N ALA C 210 -2.03 -26.49 16.29
CA ALA C 210 -3.13 -27.37 16.74
C ALA C 210 -3.20 -28.63 15.90
N ASN C 211 -3.34 -29.77 16.57
CA ASN C 211 -3.57 -31.05 15.91
C ASN C 211 -4.36 -31.95 16.86
N ARG C 212 -5.00 -32.98 16.31
CA ARG C 212 -5.92 -33.81 17.09
C ARG C 212 -5.17 -34.96 17.76
N ARG C 213 -4.13 -34.59 18.52
CA ARG C 213 -3.18 -35.51 19.16
C ARG C 213 -2.15 -34.69 19.94
N GLU C 214 -1.28 -35.37 20.69
CA GLU C 214 -0.15 -34.71 21.33
C GLU C 214 1.00 -34.54 20.32
N PRO C 215 1.98 -33.67 20.61
CA PRO C 215 3.03 -33.43 19.61
C PRO C 215 3.99 -34.61 19.38
N THR C 216 4.62 -34.66 18.20
CA THR C 216 5.75 -35.55 17.95
C THR C 216 7.03 -34.94 18.51
N GLU C 217 8.13 -35.69 18.46
CA GLU C 217 9.42 -35.20 18.96
C GLU C 217 9.89 -33.97 18.19
N VAL C 218 9.77 -34.04 16.86
CA VAL C 218 10.10 -32.92 15.99
C VAL C 218 9.24 -31.70 16.34
N GLU C 219 7.93 -31.93 16.44
CA GLU C 219 7.01 -30.87 16.80
C GLU C 219 7.32 -30.27 18.18
N GLN C 220 7.60 -31.12 19.16
CA GLN C 220 7.97 -30.68 20.50
C GLN C 220 9.21 -29.80 20.45
N THR C 221 10.14 -30.18 19.58
CA THR C 221 11.39 -29.45 19.45
C THR C 221 11.12 -28.06 18.87
N VAL C 222 10.30 -28.00 17.84
CA VAL C 222 9.84 -26.72 17.28
C VAL C 222 9.17 -25.86 18.35
N ILE C 223 8.23 -26.47 19.09
CA ILE C 223 7.47 -25.80 20.15
C ILE C 223 8.38 -25.15 21.19
N GLU C 224 9.35 -25.88 21.69
CA GLU C 224 10.19 -25.37 22.77
C GLU C 224 11.20 -24.35 22.23
N GLU C 225 11.81 -24.67 21.10
CA GLU C 225 12.87 -23.81 20.58
C GLU C 225 12.36 -22.47 20.06
N THR C 226 11.16 -22.48 19.50
CA THR C 226 10.60 -21.26 18.92
C THR C 226 9.68 -20.50 19.87
N LYS C 227 9.44 -21.08 21.05
CA LYS C 227 8.53 -20.50 22.03
C LYS C 227 7.13 -20.37 21.43
N THR C 228 6.64 -21.51 20.94
CA THR C 228 5.33 -21.64 20.32
C THR C 228 4.42 -22.44 21.24
N ASN C 229 3.13 -22.17 21.15
CA ASN C 229 2.14 -22.85 21.99
C ASN C 229 1.49 -24.01 21.22
N TYR C 230 0.96 -25.00 21.93
CA TYR C 230 0.35 -26.17 21.29
C TYR C 230 -1.01 -26.48 21.92
N TYR C 231 -1.95 -26.85 21.07
CA TYR C 231 -3.27 -27.25 21.53
C TYR C 231 -3.68 -28.57 20.91
N ASN C 232 -3.98 -29.55 21.78
CA ASN C 232 -4.62 -30.79 21.36
C ASN C 232 -6.10 -30.53 21.06
N SER C 233 -6.46 -30.57 19.78
CA SER C 233 -7.80 -30.21 19.34
C SER C 233 -8.67 -31.45 19.13
N SER C 234 -8.25 -32.58 19.70
CA SER C 234 -9.02 -33.86 19.55
C SER C 234 -10.51 -33.74 19.92
N ASN C 235 -10.80 -32.91 20.91
CA ASN C 235 -12.20 -32.71 21.32
C ASN C 235 -12.78 -31.33 21.00
N GLY C 236 -12.30 -30.75 19.90
CA GLY C 236 -12.74 -29.43 19.46
C GLY C 236 -11.95 -28.29 20.07
N TYR C 237 -12.46 -27.08 19.84
CA TYR C 237 -11.75 -25.84 20.16
C TYR C 237 -12.33 -24.98 21.30
N ASP C 238 -13.42 -25.44 21.92
CA ASP C 238 -14.04 -24.70 23.04
C ASP C 238 -13.06 -24.35 24.14
N LYS C 239 -12.25 -25.32 24.55
CA LYS C 239 -11.28 -25.09 25.64
C LYS C 239 -10.21 -24.07 25.28
N LEU C 240 -9.76 -24.08 24.03
CA LEU C 240 -8.80 -23.07 23.57
C LEU C 240 -9.45 -21.68 23.56
N LYS C 241 -10.67 -21.59 23.05
CA LYS C 241 -11.38 -20.33 23.04
C LYS C 241 -11.54 -19.77 24.46
N ASP C 242 -11.89 -20.64 25.40
CA ASP C 242 -12.08 -20.22 26.79
C ASP C 242 -10.80 -19.77 27.48
N SER C 243 -9.69 -20.42 27.17
CA SER C 243 -8.41 -20.09 27.81
C SER C 243 -7.66 -18.93 27.17
N VAL C 244 -7.61 -18.93 25.85
CA VAL C 244 -6.75 -18.02 25.10
C VAL C 244 -7.53 -16.88 24.44
N GLY C 245 -8.78 -17.16 24.12
CA GLY C 245 -9.62 -16.23 23.39
C GLY C 245 -9.53 -16.48 21.91
N LYS C 246 -9.57 -15.40 21.15
CA LYS C 246 -9.64 -15.48 19.71
C LYS C 246 -8.33 -15.07 19.06
N PHE C 247 -8.24 -15.33 17.75
CA PHE C 247 -7.00 -15.18 16.99
C PHE C 247 -7.08 -14.15 15.86
N ASP C 248 -5.96 -13.48 15.61
CA ASP C 248 -5.93 -12.48 14.56
C ASP C 248 -5.78 -13.10 13.18
N VAL C 249 -5.11 -14.25 13.14
CA VAL C 249 -4.90 -15.03 11.90
C VAL C 249 -5.11 -16.50 12.22
N ILE C 250 -5.81 -17.19 11.32
CA ILE C 250 -5.97 -18.63 11.45
C ILE C 250 -5.57 -19.21 10.12
N ILE C 251 -4.68 -20.19 10.14
CA ILE C 251 -4.24 -20.83 8.90
C ILE C 251 -4.75 -22.28 8.91
N ASP C 252 -5.51 -22.65 7.87
CA ASP C 252 -5.79 -24.06 7.63
C ASP C 252 -4.67 -24.72 6.82
N ALA C 253 -3.82 -25.48 7.52
N ALA C 253 -3.86 -25.56 7.48
CA ALA C 253 -2.72 -26.24 6.93
CA ALA C 253 -2.73 -26.25 6.87
C ALA C 253 -3.07 -27.73 6.94
C ALA C 253 -2.89 -27.79 6.98
N THR C 254 -4.35 -28.01 7.19
N THR C 254 -4.11 -28.27 6.82
CA THR C 254 -4.87 -29.38 7.10
CA THR C 254 -4.40 -29.69 7.10
C THR C 254 -4.61 -30.57 5.87
C THR C 254 -5.38 -29.60 5.65
N GLY C 255 -5.25 -29.98 4.85
N GLY C 255 -5.17 -30.78 5.05
CA GLY C 255 -5.80 -31.12 3.74
CA GLY C 255 -5.79 -30.76 3.73
C GLY C 255 -7.02 -31.97 4.01
C GLY C 255 -6.78 -31.81 4.19
N ALA C 256 -7.49 -31.91 5.25
N ALA C 256 -7.54 -31.46 5.23
CA ALA C 256 -8.54 -32.80 5.71
CA ALA C 256 -8.51 -32.39 5.84
C ALA C 256 -9.94 -32.33 5.30
C ALA C 256 -9.95 -32.02 5.47
N ASP C 257 -10.92 -32.63 6.13
CA ASP C 257 -12.33 -32.32 5.87
C ASP C 257 -12.61 -30.83 6.09
N VAL C 258 -13.42 -30.21 5.23
CA VAL C 258 -13.71 -28.77 5.39
C VAL C 258 -14.46 -28.38 6.67
N ASN C 259 -15.08 -29.36 7.34
CA ASN C 259 -15.67 -29.04 8.63
C ASN C 259 -14.67 -28.51 9.68
N ILE C 260 -13.37 -28.69 9.44
CA ILE C 260 -12.40 -28.05 10.32
C ILE C 260 -12.64 -26.53 10.36
N LEU C 261 -13.04 -25.96 9.21
CA LEU C 261 -13.31 -24.52 9.14
C LEU C 261 -14.49 -24.13 10.03
N GLY C 262 -15.51 -24.99 10.11
CA GLY C 262 -16.64 -24.73 11.02
C GLY C 262 -16.22 -24.66 12.46
N ASN C 263 -15.17 -25.41 12.81
CA ASN C 263 -14.68 -25.48 14.18
C ASN C 263 -13.80 -24.30 14.54
N VAL C 264 -13.04 -23.79 13.58
CA VAL C 264 -12.08 -22.73 13.89
C VAL C 264 -12.65 -21.34 13.63
N ILE C 265 -13.61 -21.23 12.71
CA ILE C 265 -14.19 -19.92 12.44
C ILE C 265 -14.66 -19.15 13.69
N PRO C 266 -15.31 -19.83 14.67
CA PRO C 266 -15.67 -19.14 15.92
C PRO C 266 -14.50 -18.60 16.75
N LEU C 267 -13.26 -18.94 16.39
CA LEU C 267 -12.11 -18.46 17.13
C LEU C 267 -11.42 -17.29 16.44
N LEU C 268 -11.93 -16.87 15.28
CA LEU C 268 -11.35 -15.73 14.59
C LEU C 268 -11.76 -14.44 15.28
N GLY C 269 -10.81 -13.55 15.51
CA GLY C 269 -11.08 -12.28 16.16
C GLY C 269 -11.41 -11.12 15.24
N ARG C 270 -11.76 -9.99 15.85
CA ARG C 270 -12.14 -8.79 15.10
C ARG C 270 -11.06 -8.41 14.14
N ASN C 271 -11.48 -8.03 12.93
CA ASN C 271 -10.60 -7.65 11.82
C ASN C 271 -9.66 -8.78 11.35
N GLY C 272 -9.93 -10.01 11.79
CA GLY C 272 -9.03 -11.16 11.56
C GLY C 272 -9.10 -11.74 10.17
N VAL C 273 -8.16 -12.65 9.90
CA VAL C 273 -8.01 -13.29 8.59
C VAL C 273 -7.97 -14.79 8.78
N LEU C 274 -8.81 -15.49 8.02
CA LEU C 274 -8.74 -16.95 7.87
C LEU C 274 -8.01 -17.22 6.56
N GLY C 275 -6.81 -17.79 6.66
CA GLY C 275 -6.00 -18.13 5.47
C GLY C 275 -6.23 -19.59 5.09
N LEU C 276 -6.81 -19.81 3.91
CA LEU C 276 -7.07 -21.17 3.40
C LEU C 276 -5.89 -21.56 2.51
N PHE C 277 -5.03 -22.43 3.05
CA PHE C 277 -3.84 -22.85 2.32
C PHE C 277 -3.94 -24.33 1.93
N GLY C 278 -4.38 -25.15 2.87
CA GLY C 278 -4.52 -26.59 2.61
C GLY C 278 -5.53 -26.84 1.52
N PHE C 279 -5.38 -27.97 0.82
CA PHE C 279 -6.41 -28.43 -0.12
C PHE C 279 -7.31 -29.48 0.51
N SER C 280 -8.44 -29.01 1.02
CA SER C 280 -9.36 -29.89 1.70
C SER C 280 -9.82 -30.96 0.72
N THR C 281 -10.04 -32.16 1.26
CA THR C 281 -10.22 -33.36 0.45
C THR C 281 -11.61 -34.01 0.58
N SER C 282 -12.37 -33.55 1.57
CA SER C 282 -13.70 -34.11 1.81
C SER C 282 -14.62 -33.14 2.51
N GLY C 283 -15.92 -33.41 2.42
CA GLY C 283 -16.88 -32.79 3.28
C GLY C 283 -17.51 -31.53 2.75
N SER C 284 -18.50 -31.06 3.49
CA SER C 284 -19.23 -29.85 3.22
C SER C 284 -19.50 -29.19 4.56
N VAL C 285 -19.11 -27.91 4.68
CA VAL C 285 -19.29 -27.15 5.92
C VAL C 285 -20.41 -26.12 5.83
N PRO C 286 -21.40 -26.19 6.75
CA PRO C 286 -22.48 -25.21 6.73
C PRO C 286 -22.08 -23.91 7.42
N LEU C 287 -22.36 -22.79 6.75
CA LEU C 287 -22.14 -21.48 7.33
C LEU C 287 -23.52 -20.85 7.50
N ASP C 288 -23.89 -20.61 8.76
CA ASP C 288 -25.19 -20.08 9.10
C ASP C 288 -25.20 -18.54 9.04
N TYR C 289 -26.38 -17.96 8.95
CA TYR C 289 -26.53 -16.51 8.84
C TYR C 289 -25.92 -15.74 10.01
N LYS C 290 -25.93 -16.33 11.21
CA LYS C 290 -25.35 -15.70 12.41
C LYS C 290 -23.84 -15.59 12.27
N THR C 291 -23.23 -16.65 11.75
CA THR C 291 -21.79 -16.70 11.55
C THR C 291 -21.39 -15.66 10.51
N LEU C 292 -22.14 -15.62 9.42
CA LEU C 292 -21.82 -14.69 8.31
C LEU C 292 -22.07 -13.23 8.67
N GLN C 293 -23.16 -12.93 9.38
CA GLN C 293 -23.40 -11.53 9.73
C GLN C 293 -22.36 -11.00 10.72
N GLU C 294 -21.84 -11.88 11.56
CA GLU C 294 -20.79 -11.50 12.51
C GLU C 294 -19.44 -11.25 11.77
N ILE C 295 -19.19 -11.99 10.70
CA ILE C 295 -18.08 -11.72 9.78
C ILE C 295 -18.18 -10.32 9.17
N VAL C 296 -19.40 -9.94 8.78
CA VAL C 296 -19.65 -8.60 8.25
C VAL C 296 -19.34 -7.55 9.33
N HIS C 297 -19.95 -7.73 10.50
CA HIS C 297 -19.84 -6.76 11.60
C HIS C 297 -18.41 -6.53 12.07
N THR C 298 -17.52 -7.50 11.84
CA THR C 298 -16.20 -7.45 12.45
C THR C 298 -15.08 -7.34 11.41
N ASN C 299 -15.44 -6.98 10.17
CA ASN C 299 -14.44 -6.80 9.09
C ASN C 299 -13.51 -8.01 8.86
N LYS C 300 -14.03 -9.23 9.03
CA LYS C 300 -13.18 -10.41 8.86
C LYS C 300 -13.01 -10.73 7.38
N THR C 301 -11.89 -11.39 7.07
CA THR C 301 -11.61 -11.80 5.70
C THR C 301 -11.23 -13.27 5.65
N ILE C 302 -11.57 -13.92 4.54
CA ILE C 302 -11.18 -15.29 4.26
C ILE C 302 -10.41 -15.19 2.94
N ILE C 303 -9.20 -15.72 2.89
CA ILE C 303 -8.42 -15.64 1.67
C ILE C 303 -7.84 -16.99 1.24
N GLY C 304 -7.95 -17.29 -0.06
CA GLY C 304 -7.28 -18.42 -0.67
C GLY C 304 -5.84 -18.10 -0.99
N LEU C 305 -4.94 -18.93 -0.47
CA LEU C 305 -3.49 -18.74 -0.53
C LEU C 305 -2.85 -19.85 -1.36
N VAL C 306 -2.23 -19.49 -2.49
CA VAL C 306 -1.59 -20.47 -3.36
C VAL C 306 -0.34 -19.92 -4.04
N ASN C 307 0.70 -20.76 -4.07
CA ASN C 307 1.87 -20.59 -4.94
C ASN C 307 2.82 -19.42 -4.65
N GLY C 308 4.08 -19.78 -4.38
CA GLY C 308 5.15 -18.79 -4.29
C GLY C 308 5.93 -18.64 -5.60
N GLN C 309 6.45 -17.45 -5.82
CA GLN C 309 7.21 -17.15 -7.03
C GLN C 309 8.63 -16.69 -6.68
N LYS C 310 9.39 -16.28 -7.69
CA LYS C 310 10.83 -16.11 -7.48
C LYS C 310 11.23 -15.25 -6.25
N PRO C 311 10.56 -14.08 -6.05
CA PRO C 311 10.98 -13.30 -4.87
C PRO C 311 10.78 -14.05 -3.56
N HIS C 312 9.77 -14.90 -3.51
CA HIS C 312 9.46 -15.68 -2.33
C HIS C 312 10.48 -16.80 -2.11
N PHE C 313 10.96 -17.41 -3.20
CA PHE C 313 12.09 -18.36 -3.08
C PHE C 313 13.31 -17.68 -2.44
N GLN C 314 13.56 -16.46 -2.87
CA GLN C 314 14.76 -15.74 -2.42
C GLN C 314 14.63 -15.36 -0.95
N GLN C 315 13.41 -14.99 -0.54
CA GLN C 315 13.13 -14.67 0.89
C GLN C 315 13.28 -15.93 1.73
N ALA C 316 12.82 -17.05 1.18
CA ALA C 316 12.93 -18.36 1.82
C ALA C 316 14.41 -18.71 2.09
N VAL C 317 15.29 -18.44 1.11
CA VAL C 317 16.72 -18.70 1.28
C VAL C 317 17.27 -17.93 2.48
N VAL C 318 16.91 -16.65 2.58
CA VAL C 318 17.38 -15.85 3.69
C VAL C 318 16.86 -16.40 5.01
N HIS C 319 15.60 -16.80 5.05
CA HIS C 319 15.03 -17.31 6.31
C HIS C 319 15.59 -18.66 6.72
N LEU C 320 15.74 -19.58 5.76
CA LEU C 320 16.42 -20.84 6.11
C LEU C 320 17.82 -20.60 6.67
N ALA C 321 18.56 -19.70 6.03
CA ALA C 321 19.88 -19.32 6.54
C ALA C 321 19.78 -18.77 7.97
N SER C 322 18.78 -17.93 8.24
CA SER C 322 18.61 -17.37 9.59
C SER C 322 18.32 -18.48 10.61
N TRP C 323 17.53 -19.47 10.21
CA TRP C 323 17.12 -20.50 11.17
C TRP C 323 18.26 -21.38 11.65
N LYS C 324 19.33 -21.49 10.86
CA LYS C 324 20.51 -22.25 11.32
C LYS C 324 21.12 -21.64 12.59
N THR C 325 20.86 -20.35 12.82
CA THR C 325 21.34 -19.61 13.98
C THR C 325 20.23 -19.41 15.02
N LEU C 326 19.03 -19.07 14.54
CA LEU C 326 17.89 -18.78 15.42
C LEU C 326 17.29 -20.04 16.03
N TYR C 327 17.09 -21.04 15.17
CA TYR C 327 16.41 -22.29 15.57
C TYR C 327 17.23 -23.49 15.09
N PRO C 328 18.46 -23.64 15.60
CA PRO C 328 19.32 -24.68 15.04
C PRO C 328 18.80 -26.12 15.18
N LYS C 329 18.16 -26.42 16.31
CA LYS C 329 17.58 -27.75 16.56
C LYS C 329 16.44 -28.05 15.59
N ALA C 330 15.51 -27.11 15.44
CA ALA C 330 14.43 -27.26 14.45
C ALA C 330 14.97 -27.39 13.04
N ALA C 331 15.97 -26.56 12.69
CA ALA C 331 16.49 -26.54 11.32
C ALA C 331 17.06 -27.91 10.92
N LYS C 332 17.70 -28.57 11.89
CA LYS C 332 18.31 -29.90 11.69
C LYS C 332 17.29 -31.05 11.69
N MET C 333 16.04 -30.71 11.95
CA MET C 333 14.95 -31.68 11.87
C MET C 333 14.05 -31.46 10.65
N LEU C 334 14.37 -30.46 9.84
CA LEU C 334 13.56 -30.21 8.65
C LEU C 334 13.73 -31.34 7.62
N ILE C 335 14.95 -31.87 7.49
CA ILE C 335 15.19 -32.99 6.59
C ILE C 335 15.08 -34.27 7.40
N THR C 336 14.03 -35.04 7.12
CA THR C 336 13.76 -36.25 7.88
C THR C 336 14.73 -37.37 7.50
N LYS C 337 14.98 -37.52 6.20
CA LYS C 337 16.00 -38.43 5.71
C LYS C 337 16.28 -38.19 4.24
N THR C 338 17.41 -38.75 3.78
CA THR C 338 17.82 -38.72 2.39
C THR C 338 17.86 -40.14 1.81
N VAL C 339 17.26 -40.29 0.62
CA VAL C 339 17.26 -41.57 -0.10
C VAL C 339 18.04 -41.41 -1.40
N SER C 340 18.88 -42.40 -1.70
CA SER C 340 19.64 -42.40 -2.93
C SER C 340 18.74 -42.74 -4.11
N ILE C 341 18.96 -42.05 -5.22
CA ILE C 341 18.29 -42.40 -6.48
C ILE C 341 18.50 -43.88 -6.90
N ASN C 342 19.58 -44.49 -6.41
CA ASN C 342 19.92 -45.88 -6.77
C ASN C 342 19.28 -46.95 -5.88
N ASP C 343 18.70 -46.49 -4.77
CA ASP C 343 18.07 -47.36 -3.79
C ASP C 343 16.60 -47.50 -4.15
N GLU C 344 16.33 -48.30 -5.18
CA GLU C 344 15.00 -48.36 -5.79
C GLU C 344 13.89 -48.76 -4.82
N LYS C 345 14.15 -49.76 -3.99
CA LYS C 345 13.13 -50.24 -3.08
C LYS C 345 12.70 -49.15 -2.11
N GLU C 346 13.68 -48.48 -1.50
CA GLU C 346 13.41 -47.41 -0.57
C GLU C 346 12.81 -46.19 -1.28
N LEU C 347 13.31 -45.89 -2.48
CA LEU C 347 12.80 -44.76 -3.27
C LEU C 347 11.32 -44.89 -3.57
N LEU C 348 10.90 -46.06 -4.05
CA LEU C 348 9.50 -46.24 -4.38
C LEU C 348 8.62 -46.13 -3.14
N LYS C 349 9.14 -46.64 -2.02
CA LYS C 349 8.47 -46.55 -0.73
C LYS C 349 8.14 -45.09 -0.39
N VAL C 350 9.15 -44.22 -0.47
CA VAL C 350 8.98 -42.82 -0.04
C VAL C 350 8.17 -42.00 -1.05
N LEU C 351 8.23 -42.38 -2.33
CA LEU C 351 7.37 -41.75 -3.34
C LEU C 351 5.90 -42.12 -3.13
N ARG C 352 5.65 -43.34 -2.66
CA ARG C 352 4.27 -43.82 -2.57
C ARG C 352 3.51 -43.36 -1.34
N GLU C 353 4.20 -43.13 -0.22
CA GLU C 353 3.47 -42.85 1.02
C GLU C 353 4.30 -42.09 2.02
N LYS C 354 3.66 -41.15 2.73
CA LYS C 354 4.27 -40.41 3.83
C LYS C 354 4.40 -41.29 5.07
N GLU C 355 5.48 -41.11 5.84
CA GLU C 355 5.56 -41.74 7.17
C GLU C 355 5.11 -40.75 8.24
N HIS C 356 4.46 -41.24 9.29
CA HIS C 356 3.98 -40.38 10.37
C HIS C 356 5.12 -39.49 10.90
N GLY C 357 4.82 -38.21 11.10
CA GLY C 357 5.80 -37.26 11.61
C GLY C 357 6.86 -36.77 10.62
N GLU C 358 6.84 -37.30 9.40
CA GLU C 358 7.75 -36.85 8.34
C GLU C 358 7.64 -35.33 8.11
N ILE C 359 8.78 -34.69 7.88
CA ILE C 359 8.76 -33.28 7.45
C ILE C 359 9.15 -33.26 5.97
N LYS C 360 10.40 -33.61 5.67
CA LYS C 360 10.85 -33.62 4.27
C LYS C 360 11.79 -34.77 3.96
N ILE C 361 11.45 -35.56 2.93
CA ILE C 361 12.34 -36.56 2.38
C ILE C 361 13.07 -35.99 1.15
N ARG C 362 14.39 -36.16 1.14
CA ARG C 362 15.23 -35.66 0.06
C ARG C 362 15.76 -36.85 -0.74
N ILE C 363 15.81 -36.69 -2.07
CA ILE C 363 16.39 -37.70 -2.96
C ILE C 363 17.75 -37.19 -3.40
N LEU C 364 18.79 -38.02 -3.23
CA LEU C 364 20.16 -37.65 -3.61
C LEU C 364 20.53 -38.38 -4.89
N TRP C 365 20.96 -37.62 -5.89
CA TRP C 365 21.38 -38.19 -7.17
C TRP C 365 22.85 -38.50 -7.10
N GLU C 366 23.14 -39.80 -7.00
CA GLU C 366 24.48 -40.35 -6.85
C GLU C 366 24.89 -40.97 -8.19
N MET D 1 27.25 3.35 41.38
CA MET D 1 27.20 2.64 40.08
C MET D 1 28.13 3.26 39.03
N LYS D 2 28.92 2.41 38.38
CA LYS D 2 29.80 2.88 37.30
C LYS D 2 28.98 3.33 36.08
N ALA D 3 29.31 4.51 35.54
CA ALA D 3 28.62 5.05 34.36
C ALA D 3 29.54 5.92 33.53
N ILE D 4 29.28 5.93 32.23
CA ILE D 4 29.93 6.87 31.32
C ILE D 4 29.00 8.08 31.14
N ILE D 5 29.47 9.26 31.53
CA ILE D 5 28.60 10.44 31.57
C ILE D 5 29.14 11.59 30.74
N VAL D 6 28.21 12.37 30.20
CA VAL D 6 28.49 13.60 29.45
C VAL D 6 27.66 14.74 30.04
N LYS D 7 28.00 15.98 29.71
CA LYS D 7 27.26 17.13 30.22
C LYS D 7 26.92 18.10 29.08
N PRO D 8 26.03 17.67 28.15
CA PRO D 8 25.71 18.54 27.02
C PRO D 8 25.12 19.88 27.47
N PRO D 9 25.37 20.96 26.70
CA PRO D 9 26.12 21.02 25.45
C PRO D 9 27.67 21.05 25.59
N ASN D 10 28.19 20.98 26.82
CA ASN D 10 29.65 21.01 27.05
C ASN D 10 30.35 19.79 26.44
N ALA D 11 31.54 20.02 25.88
CA ALA D 11 32.41 18.93 25.43
C ALA D 11 33.03 18.21 26.63
N GLY D 12 33.27 16.91 26.49
CA GLY D 12 33.90 16.12 27.54
C GLY D 12 33.19 14.84 27.87
N VAL D 13 33.91 13.90 28.48
CA VAL D 13 33.34 12.61 28.90
C VAL D 13 34.10 12.06 30.11
N GLN D 14 33.37 11.38 31.00
CA GLN D 14 34.00 10.79 32.18
C GLN D 14 33.43 9.41 32.43
N VAL D 15 34.28 8.54 32.97
CA VAL D 15 33.86 7.23 33.43
C VAL D 15 34.06 7.27 34.94
N LYS D 16 32.96 7.23 35.68
CA LYS D 16 33.00 7.41 37.14
C LYS D 16 31.83 6.74 37.85
N ASP D 17 31.94 6.63 39.17
CA ASP D 17 30.87 6.14 40.00
C ASP D 17 29.85 7.26 40.24
N VAL D 18 28.59 6.95 39.97
CA VAL D 18 27.51 7.93 40.15
C VAL D 18 26.42 7.38 41.06
N ASP D 19 25.60 8.29 41.58
CA ASP D 19 24.49 7.91 42.45
C ASP D 19 23.37 7.28 41.60
N GLU D 20 23.19 5.98 41.80
CA GLU D 20 22.18 5.21 41.06
C GLU D 20 20.78 5.82 41.20
N LYS D 21 20.56 6.53 42.30
CA LYS D 21 19.27 7.13 42.61
C LYS D 21 18.90 8.28 41.68
N LYS D 22 19.89 8.99 41.14
CA LYS D 22 19.58 10.08 40.21
C LYS D 22 19.59 9.68 38.73
N LEU D 23 19.74 8.39 38.45
CA LEU D 23 19.67 7.88 37.07
C LEU D 23 18.23 7.57 36.66
N ASP D 24 17.96 7.74 35.36
CA ASP D 24 16.61 7.46 34.82
C ASP D 24 16.27 5.97 34.79
N SER D 25 15.05 5.66 35.24
CA SER D 25 14.47 4.31 35.20
C SER D 25 13.22 4.33 34.33
N TYR D 26 13.02 3.28 33.53
CA TYR D 26 11.94 3.28 32.52
C TYR D 26 10.86 2.20 32.68
N GLY D 27 11.07 1.29 33.63
CA GLY D 27 10.09 0.24 33.91
C GLY D 27 10.55 -0.70 35.00
N LYS D 28 9.95 -1.89 35.02
CA LYS D 28 10.12 -2.82 36.14
C LYS D 28 11.19 -3.89 35.95
N ILE D 29 11.73 -4.01 34.74
CA ILE D 29 12.73 -5.05 34.46
C ILE D 29 14.17 -4.57 34.64
N LYS D 30 14.88 -5.16 35.60
CA LYS D 30 16.28 -4.86 35.84
C LYS D 30 17.20 -5.57 34.86
N ILE D 31 18.06 -4.81 34.19
CA ILE D 31 18.90 -5.34 33.11
C ILE D 31 20.34 -4.96 33.41
N ARG D 32 21.19 -5.98 33.48
CA ARG D 32 22.62 -5.77 33.69
C ARG D 32 23.35 -5.67 32.35
N THR D 33 24.03 -4.57 32.11
CA THR D 33 24.68 -4.34 30.85
C THR D 33 25.82 -5.33 30.64
N ILE D 34 25.88 -5.92 29.44
CA ILE D 34 27.05 -6.69 29.01
C ILE D 34 27.89 -5.95 27.98
N TYR D 35 27.24 -5.50 26.91
CA TYR D 35 27.91 -4.74 25.87
C TYR D 35 27.27 -3.38 25.61
N ASN D 36 28.11 -2.40 25.29
CA ASN D 36 27.66 -1.21 24.57
C ASN D 36 28.37 -1.13 23.24
N GLY D 37 27.75 -0.42 22.30
CA GLY D 37 28.40 -0.02 21.06
C GLY D 37 28.66 1.47 21.05
N ILE D 38 29.65 1.90 20.27
CA ILE D 38 29.94 3.33 20.14
C ILE D 38 29.68 3.72 18.68
N CYS D 39 29.08 4.88 18.45
CA CYS D 39 29.04 5.39 17.07
C CYS D 39 29.34 6.89 16.96
N GLY D 40 29.22 7.42 15.76
CA GLY D 40 29.54 8.83 15.53
C GLY D 40 28.71 9.77 16.36
N ALA D 41 27.47 9.38 16.68
CA ALA D 41 26.62 10.17 17.54
C ALA D 41 27.22 10.35 18.94
N ASP D 42 27.85 9.29 19.43
CA ASP D 42 28.54 9.36 20.73
C ASP D 42 29.74 10.30 20.61
N ARG D 43 30.51 10.14 19.54
CA ARG D 43 31.66 11.05 19.30
C ARG D 43 31.25 12.53 19.25
N GLU D 44 30.11 12.82 18.63
CA GLU D 44 29.62 14.19 18.52
C GLU D 44 29.29 14.81 19.88
N ILE D 45 28.53 14.09 20.70
CA ILE D 45 28.17 14.64 22.00
C ILE D 45 29.41 14.78 22.88
N VAL D 46 30.30 13.78 22.84
CA VAL D 46 31.54 13.82 23.62
C VAL D 46 32.35 15.06 23.26
N ASN D 47 32.31 15.44 21.97
CA ASN D 47 33.07 16.59 21.50
C ASN D 47 32.28 17.89 21.46
N GLY D 48 31.07 17.87 22.01
CA GLY D 48 30.25 19.07 22.14
C GLY D 48 29.71 19.57 20.82
N LYS D 49 29.52 18.66 19.87
CA LYS D 49 29.11 19.01 18.50
C LYS D 49 27.59 19.01 18.32
N LEU D 50 26.85 18.66 19.38
CA LEU D 50 25.40 18.69 19.34
C LEU D 50 24.82 19.87 20.13
N GLY D 58 18.08 20.31 37.83
CA GLY D 58 18.61 19.40 38.85
C GLY D 58 19.70 18.46 38.35
N LYS D 59 19.47 17.85 37.18
CA LYS D 59 20.41 16.89 36.58
C LYS D 59 21.63 17.57 35.98
N ASP D 60 22.81 17.23 36.50
CA ASP D 60 24.06 17.85 36.06
C ASP D 60 24.66 17.14 34.85
N PHE D 61 24.25 15.89 34.64
CA PHE D 61 24.86 15.04 33.63
C PHE D 61 23.83 14.15 32.94
N LEU D 62 24.27 13.51 31.86
CA LEU D 62 23.50 12.56 31.09
C LEU D 62 24.34 11.30 30.97
N VAL D 63 23.76 10.12 31.26
CA VAL D 63 24.45 8.87 30.95
C VAL D 63 24.49 8.69 29.45
N LEU D 64 25.69 8.50 28.91
CA LEU D 64 25.91 8.35 27.47
C LEU D 64 25.50 6.95 27.03
N GLY D 65 25.17 6.79 25.75
CA GLY D 65 25.09 5.45 25.15
C GLY D 65 23.70 5.03 24.73
N HIS D 66 23.53 4.67 23.46
CA HIS D 66 22.21 4.25 22.99
C HIS D 66 22.20 2.86 22.31
N GLU D 67 23.34 2.21 22.29
CA GLU D 67 23.49 0.84 21.76
C GLU D 67 23.90 -0.06 22.91
N ALA D 68 23.05 -1.03 23.26
CA ALA D 68 23.29 -1.86 24.43
C ALA D 68 22.72 -3.26 24.30
N ILE D 69 23.42 -4.22 24.89
CA ILE D 69 22.90 -5.56 25.12
C ILE D 69 23.06 -5.81 26.61
N GLY D 70 21.97 -6.19 27.27
CA GLY D 70 22.01 -6.49 28.69
C GLY D 70 21.36 -7.83 28.98
N VAL D 71 21.57 -8.32 30.20
CA VAL D 71 20.96 -9.57 30.62
C VAL D 71 19.87 -9.29 31.66
N VAL D 72 18.75 -9.98 31.50
CA VAL D 72 17.63 -9.87 32.42
C VAL D 72 18.00 -10.58 33.73
N GLU D 73 18.01 -9.83 34.83
CA GLU D 73 18.46 -10.34 36.12
C GLU D 73 17.44 -11.17 36.88
N GLU D 74 16.16 -10.88 36.67
CA GLU D 74 15.05 -11.58 37.33
C GLU D 74 13.89 -11.74 36.35
N SER D 75 13.30 -12.94 36.34
CA SER D 75 12.20 -13.24 35.42
C SER D 75 10.96 -12.40 35.69
N TYR D 76 10.59 -11.58 34.70
CA TYR D 76 9.40 -10.74 34.76
C TYR D 76 8.55 -10.86 33.49
N HIS D 77 7.31 -11.31 33.67
CA HIS D 77 6.40 -11.59 32.56
C HIS D 77 7.05 -12.52 31.53
N GLY D 78 7.07 -12.10 30.27
CA GLY D 78 7.59 -12.93 29.18
C GLY D 78 9.11 -13.01 29.11
N PHE D 79 9.79 -12.23 29.94
CA PHE D 79 11.25 -12.24 29.96
C PHE D 79 11.76 -13.10 31.10
N SER D 80 12.70 -13.99 30.78
CA SER D 80 13.24 -14.90 31.77
C SER D 80 14.65 -14.50 32.20
N GLN D 81 15.01 -14.90 33.41
CA GLN D 81 16.34 -14.64 33.94
C GLN D 81 17.42 -15.21 33.04
N GLY D 82 18.34 -14.36 32.61
CA GLY D 82 19.42 -14.78 31.73
C GLY D 82 19.18 -14.41 30.28
N ASP D 83 17.98 -13.93 29.97
CA ASP D 83 17.66 -13.52 28.59
C ASP D 83 18.45 -12.28 28.23
N LEU D 84 18.90 -12.24 26.98
CA LEU D 84 19.56 -11.05 26.47
C LEU D 84 18.54 -10.12 25.83
N VAL D 85 18.68 -8.83 26.11
CA VAL D 85 17.79 -7.83 25.56
C VAL D 85 18.55 -6.60 25.10
N MET D 86 17.97 -5.88 24.14
CA MET D 86 18.46 -4.60 23.66
C MET D 86 17.33 -3.58 23.77
N PRO D 87 17.60 -2.39 24.34
CA PRO D 87 16.58 -1.35 24.42
C PRO D 87 16.49 -0.54 23.13
N VAL D 88 15.25 -0.20 22.76
CA VAL D 88 15.02 0.77 21.70
C VAL D 88 15.40 2.16 22.24
N ASN D 89 16.14 2.93 21.43
CA ASN D 89 16.72 4.17 21.97
C ASN D 89 15.87 5.44 21.83
N ARG D 90 15.15 5.61 20.70
CA ARG D 90 14.21 6.73 20.58
C ARG D 90 12.85 6.34 21.13
N ARG D 91 12.34 7.16 22.04
CA ARG D 91 11.04 6.88 22.63
C ARG D 91 10.12 8.10 22.52
N GLY D 92 8.81 7.85 22.53
CA GLY D 92 7.82 8.82 22.07
C GLY D 92 7.58 10.03 22.94
N CYS D 93 6.90 11.01 22.34
CA CYS D 93 6.52 12.25 23.02
C CYS D 93 5.23 12.10 23.82
N GLY D 94 4.50 11.01 23.61
CA GLY D 94 3.28 10.74 24.34
C GLY D 94 2.06 11.56 23.92
N ILE D 95 2.23 12.41 22.91
CA ILE D 95 1.14 13.27 22.43
C ILE D 95 0.64 12.93 21.02
N CYS D 96 1.56 12.74 20.08
CA CYS D 96 1.18 12.67 18.65
C CYS D 96 0.76 11.25 18.27
N ARG D 97 0.05 11.12 17.16
CA ARG D 97 -0.48 9.80 16.77
C ARG D 97 0.58 8.82 16.30
N ASN D 98 1.68 9.34 15.77
CA ASN D 98 2.76 8.46 15.38
C ASN D 98 3.45 7.82 16.57
N CYS D 99 3.70 8.63 17.59
CA CYS D 99 4.26 8.09 18.82
C CYS D 99 3.27 7.14 19.49
N LEU D 100 1.98 7.46 19.39
CA LEU D 100 0.92 6.62 20.00
C LEU D 100 0.82 5.19 19.43
N VAL D 101 1.24 5.04 18.18
CA VAL D 101 1.28 3.72 17.52
C VAL D 101 2.70 3.10 17.56
N GLY D 102 3.57 3.63 18.42
CA GLY D 102 4.90 3.07 18.62
C GLY D 102 5.94 3.51 17.60
N ARG D 103 5.73 4.65 16.96
CA ARG D 103 6.59 5.04 15.85
C ARG D 103 7.10 6.48 15.96
N PRO D 104 7.87 6.76 17.04
CA PRO D 104 8.45 8.09 17.19
C PRO D 104 9.50 8.46 16.12
N ASP D 105 9.87 7.52 15.26
CA ASP D 105 10.70 7.88 14.10
C ASP D 105 9.98 8.90 13.23
N PHE D 106 8.64 8.94 13.32
CA PHE D 106 7.82 9.90 12.57
C PHE D 106 7.09 10.90 13.49
N CYS D 107 7.66 11.14 14.68
CA CYS D 107 7.06 12.03 15.65
C CYS D 107 6.78 13.39 15.03
N GLU D 108 5.61 13.91 15.33
CA GLU D 108 5.12 15.14 14.74
C GLU D 108 5.41 16.36 15.59
N THR D 109 5.83 16.14 16.83
CA THR D 109 6.09 17.24 17.77
C THR D 109 7.58 17.52 17.89
N GLY D 110 8.39 16.47 17.66
CA GLY D 110 9.82 16.53 17.87
C GLY D 110 10.24 16.45 19.33
N GLU D 111 9.27 16.25 20.21
CA GLU D 111 9.48 16.18 21.65
C GLU D 111 9.74 14.74 22.15
N PHE D 112 10.22 13.90 21.25
CA PHE D 112 10.60 12.55 21.62
C PHE D 112 11.89 12.59 22.46
N GLY D 113 12.25 11.46 23.06
CA GLY D 113 13.48 11.32 23.82
C GLY D 113 14.44 10.42 23.06
N GLU D 114 15.73 10.71 23.15
CA GLU D 114 16.73 9.78 22.62
C GLU D 114 17.77 9.41 23.67
N ALA D 115 17.76 8.14 24.05
CA ALA D 115 18.66 7.64 25.10
C ALA D 115 20.11 8.00 24.82
N GLY D 116 20.77 8.58 25.81
CA GLY D 116 22.20 8.86 25.72
C GLY D 116 22.56 10.06 24.87
N ILE D 117 21.55 10.80 24.44
CA ILE D 117 21.72 11.91 23.51
C ILE D 117 20.92 13.14 23.95
N HIS D 118 19.64 12.95 24.26
CA HIS D 118 18.72 14.05 24.61
C HIS D 118 17.48 13.62 25.42
N LYS D 119 17.28 14.29 26.55
CA LYS D 119 16.14 14.11 27.44
C LYS D 119 16.17 12.81 28.25
N MET D 120 17.12 11.92 27.97
CA MET D 120 17.00 10.53 28.42
C MET D 120 18.35 9.86 28.70
N ASP D 121 18.57 9.40 29.94
CA ASP D 121 19.80 8.68 30.30
C ASP D 121 20.00 7.45 29.42
N GLY D 122 21.23 7.27 28.94
CA GLY D 122 21.55 6.14 28.08
C GLY D 122 21.93 4.89 28.84
N PHE D 123 22.68 4.01 28.17
CA PHE D 123 22.84 2.65 28.66
C PHE D 123 24.28 2.24 28.99
N MET D 124 25.18 3.22 29.00
CA MET D 124 26.58 3.00 29.41
C MET D 124 26.68 3.15 30.93
N ARG D 125 26.04 2.20 31.61
CA ARG D 125 25.97 2.09 33.08
C ARG D 125 25.84 0.63 33.46
N GLU D 126 26.21 0.27 34.68
CA GLU D 126 26.25 -1.12 35.12
C GLU D 126 24.94 -1.86 34.90
N TRP D 127 23.84 -1.17 35.19
CA TRP D 127 22.49 -1.71 35.01
C TRP D 127 21.45 -0.62 34.94
N TRP D 128 20.30 -0.95 34.35
CA TRP D 128 19.17 -0.04 34.32
C TRP D 128 17.86 -0.82 34.40
N TYR D 129 16.80 -0.11 34.69
CA TYR D 129 15.45 -0.67 34.71
C TYR D 129 14.70 -0.25 33.45
N ASP D 130 14.03 -1.18 32.80
CA ASP D 130 13.27 -0.83 31.60
C ASP D 130 11.91 -1.47 31.55
N ASP D 131 11.12 -1.00 30.60
CA ASP D 131 9.77 -1.48 30.34
C ASP D 131 9.82 -2.55 29.25
N PRO D 132 9.16 -3.70 29.47
CA PRO D 132 9.23 -4.76 28.48
C PRO D 132 8.86 -4.33 27.06
N LYS D 133 8.11 -3.23 26.93
CA LYS D 133 7.67 -2.78 25.60
C LYS D 133 8.80 -2.18 24.75
N TYR D 134 9.87 -1.71 25.41
CA TYR D 134 11.03 -1.14 24.72
C TYR D 134 12.19 -2.10 24.57
N LEU D 135 11.99 -3.36 24.95
CA LEU D 135 13.05 -4.33 24.91
C LEU D 135 12.86 -5.28 23.73
N VAL D 136 13.97 -5.48 23.01
CA VAL D 136 14.06 -6.41 21.91
C VAL D 136 14.83 -7.62 22.40
N LYS D 137 14.27 -8.81 22.16
CA LYS D 137 14.97 -10.05 22.56
C LYS D 137 16.16 -10.34 21.63
N ILE D 138 17.31 -10.61 22.24
CA ILE D 138 18.52 -10.92 21.48
C ILE D 138 18.87 -12.39 21.68
N PRO D 139 18.77 -13.21 20.62
CA PRO D 139 19.15 -14.62 20.75
C PRO D 139 20.60 -14.74 21.22
N LYS D 140 20.86 -15.67 22.14
CA LYS D 140 22.21 -15.88 22.60
C LYS D 140 23.14 -16.28 21.47
N SER D 141 22.58 -16.92 20.44
CA SER D 141 23.38 -17.34 19.28
C SER D 141 23.94 -16.17 18.46
N ILE D 142 23.43 -14.95 18.69
CA ILE D 142 24.06 -13.75 18.08
C ILE D 142 24.57 -12.77 19.13
N GLU D 143 24.95 -13.28 20.30
CA GLU D 143 25.48 -12.41 21.36
C GLU D 143 26.64 -11.56 20.86
N ASP D 144 27.51 -12.17 20.06
CA ASP D 144 28.75 -11.51 19.64
C ASP D 144 28.55 -10.30 18.74
N ILE D 145 27.63 -10.43 17.76
CA ILE D 145 27.39 -9.39 16.73
C ILE D 145 26.05 -8.66 16.94
N GLY D 146 25.30 -9.08 17.95
CA GLY D 146 23.95 -8.56 18.23
C GLY D 146 23.89 -7.08 18.52
N ILE D 147 24.99 -6.51 19.00
CA ILE D 147 25.05 -5.07 19.25
C ILE D 147 24.75 -4.23 18.01
N LEU D 148 25.08 -4.78 16.82
CA LEU D 148 24.79 -4.13 15.54
C LEU D 148 23.30 -3.99 15.23
N ALA D 149 22.43 -4.66 15.97
CA ALA D 149 21.00 -4.59 15.67
C ALA D 149 20.48 -3.15 15.80
N GLN D 150 21.08 -2.35 16.70
CA GLN D 150 20.63 -0.98 16.85
C GLN D 150 20.97 -0.16 15.59
N PRO D 151 22.27 -0.07 15.21
CA PRO D 151 22.48 0.68 13.96
C PRO D 151 21.81 0.07 12.73
N LEU D 152 21.74 -1.25 12.68
CA LEU D 152 21.10 -1.89 11.54
C LEU D 152 19.59 -1.56 11.47
N ALA D 153 18.97 -1.33 12.63
CA ALA D 153 17.56 -0.99 12.70
C ALA D 153 17.25 0.29 11.90
N ASP D 154 18.15 1.27 12.01
CA ASP D 154 18.00 2.51 11.23
C ASP D 154 17.99 2.23 9.75
N ILE D 155 18.83 1.28 9.35
CA ILE D 155 18.98 0.94 7.95
C ILE D 155 17.79 0.07 7.44
N GLU D 156 17.31 -0.85 8.30
CA GLU D 156 16.09 -1.61 8.04
C GLU D 156 14.92 -0.68 7.76
N LYS D 157 14.75 0.32 8.62
CA LYS D 157 13.65 1.27 8.44
C LYS D 157 13.83 2.00 7.12
N SER D 158 15.07 2.40 6.85
CA SER D 158 15.34 3.17 5.64
C SER D 158 15.00 2.43 4.36
N ILE D 159 15.44 1.18 4.27
CA ILE D 159 15.20 0.36 3.08
C ILE D 159 13.70 0.08 2.99
N GLU D 160 13.09 -0.22 4.13
CA GLU D 160 11.63 -0.46 4.19
C GLU D 160 10.88 0.75 3.61
N GLU D 161 11.30 1.95 4.03
CA GLU D 161 10.65 3.17 3.54
C GLU D 161 10.86 3.37 2.02
N ILE D 162 12.09 3.10 1.54
CA ILE D 162 12.37 3.25 0.10
C ILE D 162 11.47 2.33 -0.71
N LEU D 163 11.31 1.10 -0.25
CA LEU D 163 10.47 0.13 -0.96
C LEU D 163 9.01 0.52 -0.88
N GLU D 164 8.57 1.05 0.26
CA GLU D 164 7.20 1.55 0.38
C GLU D 164 6.94 2.65 -0.63
N VAL D 165 7.83 3.65 -0.67
CA VAL D 165 7.70 4.78 -1.57
C VAL D 165 7.66 4.30 -3.03
N GLN D 166 8.42 3.28 -3.35
CA GLN D 166 8.50 2.83 -4.75
C GLN D 166 7.25 2.05 -5.20
N LYS D 167 6.33 1.77 -4.29
CA LYS D 167 5.00 1.23 -4.67
C LYS D 167 4.21 2.23 -5.55
N ARG D 168 4.65 3.50 -5.54
CA ARG D 168 4.09 4.53 -6.43
C ARG D 168 4.33 4.18 -7.92
N VAL D 169 5.43 3.45 -8.17
CA VAL D 169 5.73 3.01 -9.52
C VAL D 169 4.86 1.80 -9.88
N PRO D 170 4.08 1.91 -10.96
CA PRO D 170 3.17 0.82 -11.32
C PRO D 170 3.81 -0.57 -11.31
N VAL D 171 4.98 -0.70 -11.95
CA VAL D 171 5.79 -1.91 -11.88
C VAL D 171 7.27 -1.54 -11.66
N TRP D 172 7.76 -1.75 -10.44
CA TRP D 172 9.18 -1.50 -10.13
C TRP D 172 9.94 -2.81 -10.00
N THR D 173 9.22 -3.92 -10.08
CA THR D 173 9.84 -5.23 -10.09
C THR D 173 10.41 -5.49 -11.49
N CYS D 174 11.19 -6.57 -11.59
CA CYS D 174 11.90 -6.93 -12.81
C CYS D 174 11.17 -8.02 -13.61
N ASP D 175 11.78 -8.44 -14.73
CA ASP D 175 11.15 -9.46 -15.57
C ASP D 175 10.82 -10.76 -14.83
N ASP D 176 11.60 -11.05 -13.79
CA ASP D 176 11.43 -12.27 -12.99
C ASP D 176 10.67 -12.05 -11.68
N GLY D 177 10.05 -10.89 -11.52
CA GLY D 177 9.23 -10.62 -10.33
C GLY D 177 10.02 -10.21 -9.09
N THR D 178 11.36 -10.17 -9.21
CA THR D 178 12.20 -9.73 -8.10
C THR D 178 12.67 -8.29 -8.30
N LEU D 179 13.50 -7.82 -7.38
CA LEU D 179 14.23 -6.54 -7.56
C LEU D 179 15.69 -6.75 -7.95
N ASN D 180 16.01 -7.94 -8.48
CA ASN D 180 17.40 -8.32 -8.74
C ASN D 180 18.04 -7.41 -9.79
N CYS D 181 17.21 -6.83 -10.67
CA CYS D 181 17.67 -5.97 -11.76
C CYS D 181 17.92 -4.54 -11.33
N ARG D 182 17.49 -4.22 -10.12
CA ARG D 182 17.64 -2.86 -9.60
C ARG D 182 19.04 -2.67 -9.03
N LYS D 183 19.62 -1.51 -9.34
CA LYS D 183 21.00 -1.15 -8.96
C LYS D 183 21.01 -0.03 -7.90
N VAL D 184 21.85 -0.22 -6.88
CA VAL D 184 21.99 0.72 -5.76
C VAL D 184 23.43 1.21 -5.71
N LEU D 185 23.58 2.52 -5.63
CA LEU D 185 24.88 3.11 -5.38
C LEU D 185 24.92 3.54 -3.92
N VAL D 186 25.81 2.92 -3.14
CA VAL D 186 26.00 3.30 -1.75
C VAL D 186 27.25 4.16 -1.62
N VAL D 187 27.05 5.43 -1.33
CA VAL D 187 28.15 6.40 -1.28
C VAL D 187 28.66 6.54 0.15
N GLY D 188 29.92 6.18 0.36
N GLY D 188 29.88 6.05 0.39
CA GLY D 188 30.52 6.29 1.68
CA GLY D 188 30.42 5.89 1.73
C GLY D 188 30.59 4.92 2.29
C GLY D 188 30.41 4.44 2.16
N THR D 189 31.77 4.62 2.83
N THR D 189 31.41 4.03 2.95
CA THR D 189 31.61 2.61 3.32
CA THR D 189 32.10 3.29 3.37
C THR D 189 32.05 2.51 4.76
C THR D 189 31.60 3.16 4.86
N GLY D 190 31.62 3.48 5.56
N GLY D 190 32.46 2.94 5.86
CA GLY D 190 32.04 2.94 7.31
CA GLY D 190 31.74 3.38 7.01
C GLY D 190 30.91 1.98 7.68
C GLY D 190 30.80 2.28 7.49
N PRO D 191 30.55 1.94 8.97
N PRO D 191 30.64 2.14 8.81
CA PRO D 191 29.52 1.01 9.40
CA PRO D 191 29.69 1.14 9.27
C PRO D 191 28.18 1.20 8.69
C PRO D 191 28.35 1.22 8.51
N ILE D 192 27.82 2.45 8.37
CA ILE D 192 26.53 2.69 7.71
C ILE D 192 26.54 2.15 6.27
N GLY D 193 27.52 2.57 5.48
CA GLY D 193 27.56 2.12 4.09
C GLY D 193 27.70 0.61 3.96
N VAL D 194 28.47 0.01 4.86
CA VAL D 194 28.66 -1.43 4.87
C VAL D 194 27.35 -2.14 5.21
N LEU D 195 26.62 -1.63 6.20
CA LEU D 195 25.32 -2.23 6.57
C LEU D 195 24.25 -2.06 5.48
N PHE D 196 24.20 -0.88 4.84
CA PHE D 196 23.32 -0.72 3.67
C PHE D 196 23.64 -1.74 2.57
N THR D 197 24.93 -1.90 2.29
CA THR D 197 25.38 -2.89 1.28
C THR D 197 24.96 -4.33 1.60
N LEU D 198 25.21 -4.76 2.85
CA LEU D 198 24.87 -6.12 3.27
C LEU D 198 23.38 -6.34 3.16
N LEU D 199 22.61 -5.33 3.55
CA LEU D 199 21.16 -5.50 3.59
C LEU D 199 20.59 -5.44 2.16
N PHE D 200 21.06 -4.51 1.34
CA PHE D 200 20.57 -4.50 -0.05
C PHE D 200 20.92 -5.81 -0.79
N ARG D 201 22.10 -6.36 -0.55
CA ARG D 201 22.49 -7.63 -1.18
C ARG D 201 21.61 -8.77 -0.68
N THR D 202 21.25 -8.73 0.62
CA THR D 202 20.36 -9.74 1.19
C THR D 202 18.99 -9.70 0.47
N TYR D 203 18.56 -8.49 0.14
CA TYR D 203 17.29 -8.29 -0.59
C TYR D 203 17.44 -8.63 -2.07
N GLY D 204 18.68 -8.78 -2.53
CA GLY D 204 18.94 -9.26 -3.90
C GLY D 204 19.23 -8.18 -4.92
N LEU D 205 19.24 -6.91 -4.51
CA LEU D 205 19.56 -5.83 -5.45
C LEU D 205 21.05 -5.82 -5.73
N GLU D 206 21.41 -5.31 -6.90
CA GLU D 206 22.81 -5.13 -7.24
C GLU D 206 23.31 -3.89 -6.52
N VAL D 207 24.53 -3.97 -5.97
CA VAL D 207 25.10 -2.85 -5.20
C VAL D 207 26.49 -2.47 -5.71
N TRP D 208 26.72 -1.15 -5.85
CA TRP D 208 28.04 -0.54 -6.05
C TRP D 208 28.33 0.32 -4.83
N MET D 209 29.44 0.03 -4.15
CA MET D 209 29.95 0.91 -3.10
C MET D 209 30.91 1.91 -3.74
N ALA D 210 30.92 3.13 -3.23
CA ALA D 210 31.84 4.12 -3.77
C ALA D 210 32.52 4.91 -2.65
N ASN D 211 33.84 5.05 -2.77
CA ASN D 211 34.58 5.95 -1.89
C ASN D 211 35.72 6.59 -2.68
N ARG D 212 36.26 7.70 -2.15
CA ARG D 212 37.34 8.44 -2.80
C ARG D 212 38.72 7.82 -2.54
N ARG D 213 38.80 6.50 -2.76
CA ARG D 213 40.01 5.72 -2.49
C ARG D 213 39.77 4.27 -2.92
N GLU D 214 40.78 3.42 -2.75
CA GLU D 214 40.64 1.98 -2.96
C GLU D 214 40.06 1.30 -1.70
N PRO D 215 39.50 0.09 -1.85
CA PRO D 215 38.88 -0.51 -0.66
C PRO D 215 39.86 -0.87 0.46
N THR D 216 39.38 -0.90 1.70
CA THR D 216 40.11 -1.49 2.82
C THR D 216 39.89 -3.00 2.79
N GLU D 217 40.55 -3.73 3.71
CA GLU D 217 40.46 -5.20 3.77
C GLU D 217 39.05 -5.69 4.03
N VAL D 218 38.40 -5.10 5.03
CA VAL D 218 37.01 -5.40 5.38
C VAL D 218 36.09 -5.17 4.17
N GLU D 219 36.24 -4.01 3.53
CA GLU D 219 35.45 -3.70 2.33
C GLU D 219 35.69 -4.72 1.21
N GLN D 220 36.96 -5.08 1.00
CA GLN D 220 37.32 -6.07 0.00
C GLN D 220 36.67 -7.43 0.29
N THR D 221 36.61 -7.79 1.58
CA THR D 221 35.89 -8.99 2.02
C THR D 221 34.40 -8.93 1.69
N VAL D 222 33.78 -7.77 1.92
CA VAL D 222 32.38 -7.54 1.53
C VAL D 222 32.22 -7.67 0.02
N ILE D 223 33.02 -6.91 -0.74
CA ILE D 223 33.01 -7.00 -2.19
C ILE D 223 32.99 -8.45 -2.68
N GLU D 224 33.95 -9.24 -2.20
CA GLU D 224 34.11 -10.59 -2.68
C GLU D 224 32.99 -11.49 -2.18
N GLU D 225 32.74 -11.48 -0.87
CA GLU D 225 31.78 -12.41 -0.27
C GLU D 225 30.33 -12.14 -0.69
N THR D 226 29.98 -10.87 -0.85
CA THR D 226 28.60 -10.52 -1.16
C THR D 226 28.36 -10.30 -2.66
N LYS D 227 29.42 -10.42 -3.45
CA LYS D 227 29.41 -10.13 -4.90
C LYS D 227 28.88 -8.72 -5.16
N THR D 228 29.51 -7.76 -4.49
CA THR D 228 29.23 -6.34 -4.63
C THR D 228 30.34 -5.71 -5.45
N ASN D 229 29.98 -4.63 -6.14
CA ASN D 229 30.90 -3.87 -6.97
C ASN D 229 31.44 -2.68 -6.21
N TYR D 230 32.58 -2.17 -6.66
CA TYR D 230 33.20 -1.04 -5.97
C TYR D 230 33.70 -0.05 -7.00
N TYR D 231 33.53 1.24 -6.72
CA TYR D 231 34.01 2.32 -7.60
C TYR D 231 34.80 3.31 -6.78
N ASN D 232 36.05 3.57 -7.21
CA ASN D 232 36.86 4.67 -6.68
C ASN D 232 36.43 5.99 -7.35
N SER D 233 35.79 6.85 -6.56
CA SER D 233 35.21 8.10 -7.04
C SER D 233 36.13 9.31 -6.90
N SER D 234 37.43 9.08 -6.71
CA SER D 234 38.38 10.16 -6.46
C SER D 234 38.35 11.25 -7.54
N ASN D 235 38.15 10.83 -8.79
CA ASN D 235 38.10 11.78 -9.91
C ASN D 235 36.71 11.96 -10.49
N GLY D 236 35.72 11.80 -9.61
CA GLY D 236 34.33 11.98 -9.97
C GLY D 236 33.69 10.72 -10.50
N TYR D 237 32.48 10.88 -11.04
CA TYR D 237 31.62 9.75 -11.36
C TYR D 237 31.39 9.51 -12.85
N ASP D 238 32.00 10.31 -13.72
CA ASP D 238 31.77 10.14 -15.16
C ASP D 238 32.06 8.72 -15.63
N LYS D 239 33.16 8.13 -15.17
CA LYS D 239 33.55 6.81 -15.65
C LYS D 239 32.57 5.72 -15.20
N LEU D 240 32.02 5.86 -14.00
CA LEU D 240 30.98 4.93 -13.54
C LEU D 240 29.71 5.05 -14.39
N LYS D 241 29.27 6.28 -14.64
CA LYS D 241 28.10 6.53 -15.47
C LYS D 241 28.29 5.92 -16.85
N ASP D 242 29.45 6.18 -17.46
CA ASP D 242 29.77 5.64 -18.79
C ASP D 242 29.81 4.11 -18.87
N SER D 243 30.27 3.46 -17.80
CA SER D 243 30.40 2.01 -17.80
C SER D 243 29.08 1.32 -17.42
N VAL D 244 28.49 1.72 -16.30
CA VAL D 244 27.35 0.99 -15.76
C VAL D 244 26.00 1.65 -16.03
N GLY D 245 26.01 2.93 -16.34
CA GLY D 245 24.77 3.68 -16.54
C GLY D 245 24.27 4.23 -15.22
N LYS D 246 22.96 4.32 -15.09
CA LYS D 246 22.34 5.01 -13.97
C LYS D 246 21.77 4.04 -12.93
N PHE D 247 21.51 4.57 -11.74
CA PHE D 247 21.10 3.76 -10.58
C PHE D 247 19.65 3.97 -10.18
N ASP D 248 19.01 2.90 -9.72
CA ASP D 248 17.62 2.99 -9.30
C ASP D 248 17.50 3.60 -7.90
N VAL D 249 18.51 3.34 -7.09
CA VAL D 249 18.60 3.89 -5.74
C VAL D 249 20.03 4.40 -5.52
N ILE D 250 20.14 5.57 -4.89
CA ILE D 250 21.42 6.11 -4.45
C ILE D 250 21.26 6.46 -2.98
N ILE D 251 22.17 5.94 -2.15
CA ILE D 251 22.22 6.23 -0.71
C ILE D 251 23.43 7.09 -0.38
N ASP D 252 23.17 8.26 0.19
CA ASP D 252 24.25 9.04 0.74
C ASP D 252 24.53 8.58 2.18
N ALA D 253 25.62 7.82 2.34
N ALA D 253 25.65 7.89 2.37
CA ALA D 253 26.01 7.28 3.64
CA ALA D 253 26.07 7.43 3.70
C ALA D 253 27.28 7.98 4.14
C ALA D 253 27.45 8.03 4.04
N THR D 254 27.55 9.16 3.58
N THR D 254 27.65 9.28 3.66
CA THR D 254 28.67 9.97 4.03
CA THR D 254 28.95 9.94 3.84
C THR D 254 28.15 11.08 4.95
C THR D 254 29.05 10.75 5.13
N GLY D 255 28.86 11.36 6.04
N GLY D 255 28.04 11.59 5.38
CA GLY D 255 28.56 12.56 6.81
CA GLY D 255 28.15 12.66 6.37
C GLY D 255 29.44 13.70 6.33
C GLY D 255 29.06 13.76 5.85
N ALA D 256 29.49 13.91 5.01
N ALA D 256 29.42 13.66 4.57
CA ALA D 256 30.48 14.80 4.41
CA ALA D 256 30.42 14.55 3.96
C ALA D 256 29.89 16.09 3.83
C ALA D 256 29.78 15.84 3.46
N ASP D 257 30.59 16.72 2.88
CA ASP D 257 30.11 17.95 2.25
C ASP D 257 28.90 17.63 1.36
N VAL D 258 27.87 18.46 1.42
CA VAL D 258 26.65 18.25 0.62
C VAL D 258 26.90 18.32 -0.90
N ASN D 259 28.08 18.79 -1.30
CA ASN D 259 28.40 18.77 -2.72
C ASN D 259 28.48 17.37 -3.33
N ILE D 260 28.61 16.35 -2.48
CA ILE D 260 28.57 14.95 -2.92
C ILE D 260 27.27 14.67 -3.68
N LEU D 261 26.18 15.30 -3.25
CA LEU D 261 24.89 15.12 -3.92
C LEU D 261 24.94 15.67 -5.34
N GLY D 262 25.65 16.78 -5.52
CA GLY D 262 25.86 17.33 -6.86
C GLY D 262 26.53 16.31 -7.76
N ASN D 263 27.46 15.56 -7.19
CA ASN D 263 28.21 14.54 -7.93
C ASN D 263 27.36 13.34 -8.36
N VAL D 264 26.44 12.91 -7.49
CA VAL D 264 25.74 11.64 -7.70
C VAL D 264 24.32 11.76 -8.27
N ILE D 265 23.70 12.93 -8.09
CA ILE D 265 22.40 13.20 -8.70
C ILE D 265 22.34 12.91 -10.23
N PRO D 266 23.39 13.29 -11.01
CA PRO D 266 23.38 12.87 -12.43
C PRO D 266 23.36 11.36 -12.69
N LEU D 267 23.57 10.55 -11.65
CA LEU D 267 23.64 9.10 -11.84
C LEU D 267 22.33 8.43 -11.47
N LEU D 268 21.36 9.22 -11.03
CA LEU D 268 20.05 8.69 -10.67
C LEU D 268 19.23 8.37 -11.92
N GLY D 269 18.65 7.18 -11.96
CA GLY D 269 17.86 6.72 -13.11
C GLY D 269 16.38 7.05 -13.06
N ARG D 270 15.67 6.81 -14.17
CA ARG D 270 14.22 7.08 -14.23
C ARG D 270 13.50 6.38 -13.08
N ASN D 271 12.58 7.11 -12.47
CA ASN D 271 11.76 6.63 -11.35
C ASN D 271 12.57 6.41 -10.08
N GLY D 272 13.82 6.88 -10.06
CA GLY D 272 14.74 6.54 -8.99
C GLY D 272 14.57 7.28 -7.69
N VAL D 273 15.28 6.77 -6.69
CA VAL D 273 15.24 7.33 -5.34
C VAL D 273 16.64 7.66 -4.82
N LEU D 274 16.84 8.92 -4.45
CA LEU D 274 18.02 9.35 -3.66
C LEU D 274 17.65 9.36 -2.18
N GLY D 275 18.24 8.44 -1.43
CA GLY D 275 18.01 8.35 0.00
C GLY D 275 19.11 9.10 0.76
N LEU D 276 18.70 10.12 1.49
CA LEU D 276 19.62 10.91 2.31
C LEU D 276 19.58 10.37 3.72
N PHE D 277 20.69 9.74 4.10
CA PHE D 277 20.82 9.11 5.41
C PHE D 277 21.91 9.79 6.22
N GLY D 278 23.07 10.03 5.60
CA GLY D 278 24.15 10.73 6.30
C GLY D 278 23.74 12.10 6.77
N PHE D 279 24.37 12.55 7.85
CA PHE D 279 24.17 13.90 8.35
C PHE D 279 25.33 14.76 7.89
N SER D 280 25.12 15.47 6.79
CA SER D 280 26.15 16.31 6.22
C SER D 280 26.46 17.49 7.14
N THR D 281 27.74 17.82 7.22
CA THR D 281 28.22 18.72 8.25
C THR D 281 28.77 20.01 7.68
N SER D 282 28.90 20.08 6.35
CA SER D 282 29.43 21.27 5.67
C SER D 282 28.94 21.45 4.24
N GLY D 283 29.07 22.67 3.72
CA GLY D 283 28.88 22.90 2.30
C GLY D 283 27.50 23.40 1.91
N SER D 284 27.41 23.87 0.67
CA SER D 284 26.15 24.25 0.05
C SER D 284 26.21 23.76 -1.38
N VAL D 285 25.20 22.98 -1.76
CA VAL D 285 25.16 22.39 -3.11
C VAL D 285 24.19 23.15 -4.03
N PRO D 286 24.69 23.61 -5.19
CA PRO D 286 23.84 24.26 -6.19
C PRO D 286 23.08 23.24 -7.02
N LEU D 287 21.78 23.46 -7.12
CA LEU D 287 20.94 22.65 -7.98
C LEU D 287 20.34 23.58 -9.03
N ASP D 288 20.75 23.39 -10.28
CA ASP D 288 20.30 24.28 -11.35
C ASP D 288 18.97 23.79 -11.93
N TYR D 289 18.34 24.62 -12.74
CA TYR D 289 17.01 24.29 -13.27
C TYR D 289 17.01 23.04 -14.14
N LYS D 290 18.09 22.79 -14.89
CA LYS D 290 18.17 21.61 -15.77
C LYS D 290 18.08 20.32 -14.97
N THR D 291 18.78 20.28 -13.85
CA THR D 291 18.77 19.14 -12.94
C THR D 291 17.37 18.91 -12.36
N LEU D 292 16.78 19.98 -11.85
CA LEU D 292 15.46 19.91 -11.22
C LEU D 292 14.36 19.57 -12.22
N GLN D 293 14.42 20.16 -13.41
CA GLN D 293 13.47 19.84 -14.48
C GLN D 293 13.49 18.35 -14.80
N GLU D 294 14.68 17.78 -14.80
CA GLU D 294 14.91 16.37 -15.11
C GLU D 294 14.29 15.50 -14.04
N ILE D 295 14.43 15.93 -12.80
CA ILE D 295 13.84 15.24 -11.68
C ILE D 295 12.32 15.17 -11.87
N VAL D 296 11.72 16.29 -12.29
CA VAL D 296 10.26 16.32 -12.55
C VAL D 296 9.90 15.35 -13.68
N HIS D 297 10.62 15.45 -14.80
CA HIS D 297 10.28 14.66 -16.00
C HIS D 297 10.36 13.15 -15.80
N THR D 298 11.15 12.73 -14.82
CA THR D 298 11.51 11.32 -14.66
C THR D 298 10.97 10.72 -13.34
N ASN D 299 10.05 11.42 -12.68
CA ASN D 299 9.40 10.89 -11.45
C ASN D 299 10.42 10.54 -10.36
N LYS D 300 11.50 11.31 -10.24
CA LYS D 300 12.54 10.99 -9.25
C LYS D 300 12.13 11.47 -7.86
N THR D 301 12.69 10.85 -6.84
CA THR D 301 12.36 11.25 -5.46
C THR D 301 13.60 11.34 -4.61
N ILE D 302 13.60 12.29 -3.68
CA ILE D 302 14.65 12.46 -2.69
C ILE D 302 13.98 12.30 -1.33
N ILE D 303 14.54 11.43 -0.50
CA ILE D 303 13.90 11.16 0.79
C ILE D 303 14.89 11.22 1.94
N GLY D 304 14.53 11.96 3.00
CA GLY D 304 15.29 11.95 4.24
C GLY D 304 14.98 10.72 5.07
N LEU D 305 16.02 9.98 5.43
CA LEU D 305 15.89 8.69 6.12
C LEU D 305 16.48 8.75 7.51
N VAL D 306 15.68 8.44 8.55
CA VAL D 306 16.14 8.57 9.92
C VAL D 306 15.39 7.64 10.85
N ASN D 307 16.16 6.98 11.71
CA ASN D 307 15.66 6.29 12.91
C ASN D 307 14.85 5.04 12.71
N GLY D 308 15.37 3.93 13.23
CA GLY D 308 14.60 2.69 13.27
C GLY D 308 13.91 2.46 14.60
N GLN D 309 12.79 1.74 14.55
CA GLN D 309 11.97 1.42 15.72
C GLN D 309 11.88 -0.10 16.00
N LYS D 310 11.08 -0.49 16.99
CA LYS D 310 11.12 -1.89 17.45
C LYS D 310 11.00 -2.94 16.32
N PRO D 311 10.03 -2.78 15.40
CA PRO D 311 9.96 -3.81 14.34
C PRO D 311 11.26 -3.92 13.54
N HIS D 312 11.94 -2.78 13.36
CA HIS D 312 13.22 -2.75 12.62
C HIS D 312 14.37 -3.39 13.35
N PHE D 313 14.36 -3.27 14.68
CA PHE D 313 15.34 -3.95 15.54
C PHE D 313 15.15 -5.47 15.37
N GLN D 314 13.89 -5.91 15.36
CA GLN D 314 13.58 -7.32 15.22
C GLN D 314 14.00 -7.86 13.84
N GLN D 315 13.74 -7.09 12.80
CA GLN D 315 14.18 -7.49 11.47
C GLN D 315 15.72 -7.59 11.46
N ALA D 316 16.37 -6.63 12.11
CA ALA D 316 17.84 -6.60 12.16
C ALA D 316 18.39 -7.87 12.79
N VAL D 317 17.72 -8.34 13.84
CA VAL D 317 18.13 -9.60 14.49
C VAL D 317 18.08 -10.79 13.50
N VAL D 318 17.01 -10.84 12.72
CA VAL D 318 16.84 -11.93 11.76
C VAL D 318 17.97 -11.85 10.72
N HIS D 319 18.23 -10.64 10.23
CA HIS D 319 19.26 -10.48 9.20
C HIS D 319 20.67 -10.75 9.71
N LEU D 320 20.99 -10.27 10.90
CA LEU D 320 22.31 -10.59 11.51
C LEU D 320 22.50 -12.09 11.68
N ALA D 321 21.44 -12.76 12.13
CA ALA D 321 21.45 -14.21 12.22
C ALA D 321 21.71 -14.80 10.84
N SER D 322 21.02 -14.30 9.82
CA SER D 322 21.18 -14.86 8.46
C SER D 322 22.62 -14.69 7.98
N TRP D 323 23.26 -13.59 8.36
CA TRP D 323 24.59 -13.29 7.83
C TRP D 323 25.65 -14.22 8.39
N LYS D 324 25.43 -14.77 9.59
CA LYS D 324 26.37 -15.78 10.09
C LYS D 324 26.48 -17.00 9.16
N THR D 325 25.44 -17.24 8.37
CA THR D 325 25.44 -18.31 7.39
C THR D 325 25.76 -17.82 5.97
N LEU D 326 25.14 -16.71 5.55
CA LEU D 326 25.30 -16.23 4.19
C LEU D 326 26.63 -15.53 3.95
N TYR D 327 27.03 -14.74 4.94
CA TYR D 327 28.22 -13.88 4.82
C TYR D 327 29.07 -14.00 6.09
N PRO D 328 29.57 -15.22 6.37
CA PRO D 328 30.30 -15.43 7.63
C PRO D 328 31.58 -14.58 7.77
N LYS D 329 32.35 -14.45 6.70
CA LYS D 329 33.56 -13.61 6.76
C LYS D 329 33.22 -12.17 7.09
N ALA D 330 32.23 -11.61 6.39
CA ALA D 330 31.81 -10.23 6.63
C ALA D 330 31.28 -10.03 8.03
N ALA D 331 30.41 -10.95 8.45
CA ALA D 331 29.79 -10.87 9.77
C ALA D 331 30.86 -10.81 10.88
N LYS D 332 31.90 -11.63 10.72
CA LYS D 332 33.02 -11.72 11.68
C LYS D 332 33.97 -10.52 11.67
N MET D 333 33.73 -9.59 10.76
CA MET D 333 34.49 -8.34 10.67
C MET D 333 33.68 -7.12 11.11
N LEU D 334 32.41 -7.33 11.41
CA LEU D 334 31.55 -6.23 11.87
C LEU D 334 32.03 -5.62 13.19
N ILE D 335 32.52 -6.45 14.10
CA ILE D 335 33.06 -6.00 15.38
C ILE D 335 34.57 -5.79 15.23
N THR D 336 34.98 -4.53 15.28
CA THR D 336 36.37 -4.14 15.03
C THR D 336 37.21 -4.48 16.25
N LYS D 337 36.72 -4.06 17.41
CA LYS D 337 37.39 -4.34 18.67
C LYS D 337 36.48 -4.20 19.88
N THR D 338 36.93 -4.78 20.98
CA THR D 338 36.22 -4.72 22.23
C THR D 338 37.14 -4.14 23.30
N VAL D 339 36.62 -3.16 24.04
CA VAL D 339 37.35 -2.50 25.11
C VAL D 339 36.64 -2.74 26.45
N SER D 340 37.41 -3.07 27.48
CA SER D 340 36.87 -3.26 28.80
C SER D 340 36.50 -1.93 29.44
N ILE D 341 35.33 -1.91 30.09
CA ILE D 341 34.87 -0.75 30.85
C ILE D 341 35.93 -0.29 31.84
N ASN D 342 36.79 -1.23 32.25
CA ASN D 342 37.82 -0.98 33.27
C ASN D 342 39.12 -0.38 32.73
N ASP D 343 39.26 -0.38 31.41
CA ASP D 343 40.43 0.13 30.71
C ASP D 343 40.21 1.59 30.29
N GLU D 344 40.30 2.49 31.28
CA GLU D 344 39.91 3.89 31.13
C GLU D 344 40.64 4.67 30.03
N LYS D 345 41.95 4.51 29.92
CA LYS D 345 42.73 5.24 28.91
C LYS D 345 42.24 4.90 27.49
N GLU D 346 42.12 3.60 27.21
CA GLU D 346 41.65 3.16 25.91
C GLU D 346 40.20 3.56 25.68
N LEU D 347 39.35 3.36 26.68
CA LEU D 347 37.93 3.67 26.58
C LEU D 347 37.67 5.13 26.23
N LEU D 348 38.35 6.04 26.94
CA LEU D 348 38.21 7.47 26.67
C LEU D 348 38.69 7.80 25.26
N LYS D 349 39.78 7.17 24.86
CA LYS D 349 40.30 7.31 23.49
C LYS D 349 39.26 6.94 22.44
N VAL D 350 38.64 5.76 22.57
CA VAL D 350 37.65 5.31 21.58
C VAL D 350 36.32 6.10 21.66
N LEU D 351 35.96 6.61 22.82
CA LEU D 351 34.77 7.45 22.94
C LEU D 351 34.99 8.79 22.24
N ARG D 352 36.23 9.27 22.24
CA ARG D 352 36.52 10.60 21.75
C ARG D 352 36.73 10.66 20.24
N GLU D 353 37.21 9.57 19.65
CA GLU D 353 37.59 9.58 18.24
C GLU D 353 37.53 8.23 17.55
N LYS D 354 37.05 8.21 16.32
CA LYS D 354 37.04 7.01 15.49
C LYS D 354 38.44 6.64 15.00
N GLU D 355 38.71 5.33 14.90
CA GLU D 355 39.94 4.83 14.25
C GLU D 355 39.68 4.60 12.77
N HIS D 356 40.66 4.86 11.91
CA HIS D 356 40.47 4.61 10.47
C HIS D 356 40.05 3.16 10.24
N GLY D 357 39.04 2.97 9.38
CA GLY D 357 38.58 1.64 9.00
C GLY D 357 37.74 0.92 10.04
N GLU D 358 37.52 1.58 11.17
CA GLU D 358 36.64 1.07 12.23
C GLU D 358 35.22 0.81 11.71
N ILE D 359 34.64 -0.31 12.14
CA ILE D 359 33.23 -0.53 11.87
C ILE D 359 32.41 -0.34 13.15
N LYS D 360 32.66 -1.20 14.13
CA LYS D 360 32.00 -1.08 15.44
C LYS D 360 32.94 -1.47 16.57
N ILE D 361 33.07 -0.55 17.53
CA ILE D 361 33.76 -0.82 18.79
C ILE D 361 32.73 -1.19 19.84
N ARG D 362 33.00 -2.27 20.57
CA ARG D 362 32.18 -2.75 21.66
C ARG D 362 32.82 -2.36 22.99
N ILE D 363 32.00 -1.97 23.97
CA ILE D 363 32.47 -1.83 25.34
C ILE D 363 31.96 -3.03 26.13
N LEU D 364 32.88 -3.76 26.77
CA LEU D 364 32.51 -4.93 27.58
C LEU D 364 32.47 -4.59 29.06
N TRP D 365 31.35 -4.93 29.70
CA TRP D 365 31.19 -4.73 31.13
C TRP D 365 31.52 -6.02 31.86
N GLU D 366 32.49 -5.91 32.75
CA GLU D 366 33.03 -7.03 33.52
C GLU D 366 33.59 -6.50 34.85
PA NAP E . -33.56 -3.54 1.35
O1A NAP E . -34.20 -4.59 2.19
O2A NAP E . -34.24 -2.25 1.14
O5B NAP E . -33.18 -4.10 -0.10
C5B NAP E . -32.87 -5.45 -0.30
C4B NAP E . -32.81 -5.74 -1.79
O4B NAP E . -32.44 -7.11 -1.98
C3B NAP E . -34.19 -5.55 -2.44
O3B NAP E . -34.02 -5.02 -3.76
C2B NAP E . -34.71 -6.99 -2.50
O2B NAP E . -35.68 -7.23 -3.55
C1B NAP E . -33.43 -7.71 -2.87
N9A NAP E . -33.41 -9.17 -2.63
C8A NAP E . -33.99 -9.86 -1.63
N7A NAP E . -33.73 -11.16 -1.80
C5A NAP E . -32.99 -11.29 -2.91
C6A NAP E . -32.40 -12.36 -3.58
N6A NAP E . -32.55 -13.60 -3.13
N1A NAP E . -31.69 -12.12 -4.70
C2A NAP E . -31.51 -10.90 -5.18
N3A NAP E . -32.05 -9.85 -4.55
C4A NAP E . -32.79 -10.03 -3.43
O3 NAP E . -32.10 -3.36 2.05
PN NAP E . -30.99 -2.14 1.84
O1N NAP E . -31.32 -0.99 2.72
O2N NAP E . -30.73 -1.97 0.38
O5D NAP E . -29.73 -2.86 2.52
C5D NAP E . -29.30 -4.16 2.07
C4D NAP E . -28.53 -4.90 3.17
O4D NAP E . -27.39 -4.09 3.61
C3D NAP E . -29.39 -5.08 4.43
O3D NAP E . -29.10 -6.35 5.00
C2D NAP E . -28.89 -3.95 5.33
O2D NAP E . -29.12 -4.24 6.73
C1D NAP E . -27.40 -4.02 5.05
N1N NAP E . -26.60 -2.84 5.41
C2N NAP E . -25.26 -3.08 5.75
C3N NAP E . -24.45 -2.02 6.09
C7N NAP E . -22.99 -2.26 6.47
O7N NAP E . -22.33 -1.33 6.95
N7N NAP E . -22.54 -3.50 6.23
C4N NAP E . -24.96 -0.72 6.08
C5N NAP E . -26.29 -0.47 5.72
C6N NAP E . -27.13 -1.55 5.37
P2B NAP E . -37.12 -6.50 -3.54
O1X NAP E . -36.88 -5.02 -4.08
O2X NAP E . -37.93 -7.26 -4.73
O3X NAP E . -37.75 -6.53 -2.20
C1 XYS F . -26.41 1.14 9.41
C2 XYS F . -25.48 2.35 9.30
C3 XYS F . -24.04 1.96 9.60
C4 XYS F . -23.94 1.34 10.98
C5 XYS F . -25.03 0.28 11.22
O1 XYS F . -25.94 0.07 8.60
O2 XYS F . -25.56 2.91 8.00
O3 XYS F . -23.22 3.13 9.59
O4 XYS F . -22.65 0.77 11.09
O5 XYS F . -26.37 0.72 10.80
O1 XYP G . -27.73 1.51 8.97
C1 XYP G . -26.41 1.14 9.41
C2 XYP G . -25.48 2.35 9.30
C3 XYP G . -24.04 1.96 9.60
C4 XYP G . -23.94 1.34 10.98
C5 XYP G . -25.03 0.28 11.22
O2 XYP G . -25.56 2.91 8.00
O3 XYP G . -23.22 3.13 9.59
O4 XYP G . -22.65 0.77 11.09
O5 XYP G . -26.37 0.72 10.80
C1 XYS H . -17.14 17.90 3.03
C2 XYS H . -15.73 18.49 3.11
C3 XYS H . -15.17 18.92 1.72
C4 XYS H . -15.24 17.77 0.71
C5 XYS H . -16.62 17.11 0.72
O1 XYS H . -18.06 18.89 2.60
O2 XYS H . -15.73 19.60 4.01
O3 XYS H . -13.80 19.29 1.85
O4 XYS H . -14.96 18.24 -0.62
O5 XYS H . -17.11 16.83 2.05
ZN ZN I . -29.48 4.17 7.95
ZN ZN J . -12.33 0.87 19.66
C1 EDO K . -19.60 9.87 -23.58
O1 EDO K . -18.68 9.36 -24.56
C2 EDO K . -20.82 10.60 -24.19
O2 EDO K . -20.43 11.86 -24.73
PA NAP L . 1.58 29.73 -16.03
O1A NAP L . 2.85 30.29 -16.55
O2A NAP L . 0.33 30.04 -16.74
O5B NAP L . 1.38 30.23 -14.51
C5B NAP L . 2.49 30.39 -13.65
C4B NAP L . 2.02 31.00 -12.32
O4B NAP L . 3.18 31.16 -11.45
C3B NAP L . 1.48 32.41 -12.61
O3B NAP L . 0.32 32.65 -11.79
C2B NAP L . 2.64 33.30 -12.17
O2B NAP L . 2.21 34.58 -11.72
C1B NAP L . 3.15 32.50 -10.97
N9A NAP L . 4.52 32.85 -10.49
C8A NAP L . 5.57 33.25 -11.21
N7A NAP L . 6.61 33.46 -10.38
C5A NAP L . 6.20 33.21 -9.13
C6A NAP L . 6.79 33.25 -7.87
N6A NAP L . 8.08 33.60 -7.73
N1A NAP L . 6.07 32.91 -6.80
C2A NAP L . 4.81 32.55 -6.90
N3A NAP L . 4.20 32.50 -8.08
C4A NAP L . 4.87 32.82 -9.20
O3 NAP L . 1.88 28.16 -15.85
PN NAP L . 0.79 26.94 -15.70
O1N NAP L . 0.23 26.62 -17.04
O2N NAP L . -0.09 27.24 -14.53
O5D NAP L . 1.89 25.81 -15.40
C5D NAP L . 2.82 25.95 -14.30
C4D NAP L . 4.01 25.00 -14.50
O4D NAP L . 3.54 23.62 -14.65
C3D NAP L . 4.74 25.32 -15.80
O3D NAP L . 6.17 25.25 -15.57
C2D NAP L . 4.29 24.18 -16.71
O2D NAP L . 5.28 23.86 -17.68
C1D NAP L . 4.24 23.02 -15.73
N1N NAP L . 3.46 21.81 -16.08
C2N NAP L . 3.92 20.58 -15.59
C3N NAP L . 3.22 19.43 -15.90
C7N NAP L . 3.69 18.09 -15.39
O7N NAP L . 3.17 17.05 -15.78
N7N NAP L . 4.69 18.15 -14.48
C4N NAP L . 2.03 19.49 -16.66
C5N NAP L . 1.55 20.72 -17.11
C6N NAP L . 2.25 21.89 -16.82
P2B NAP L . 1.50 35.63 -12.71
O1X NAP L . -0.05 35.15 -12.71
O2X NAP L . 1.58 37.05 -11.94
O3X NAP L . 2.09 35.63 -14.06
O1 XYP M . 1.42 19.98 -20.98
C1 XYP M . 2.01 18.84 -20.36
C2 XYP M . 0.99 17.72 -20.55
C3 XYP M . 1.52 16.43 -19.92
C4 XYP M . 2.87 16.06 -20.54
C5 XYP M . 3.84 17.25 -20.37
O2 XYP M . -0.24 18.05 -19.92
O3 XYP M . 0.56 15.39 -20.11
O4 XYP M . 3.40 14.92 -19.87
O5 XYP M . 3.28 18.46 -20.98
C1 XYS N . -15.24 8.56 -17.93
C2 XYS N . -15.54 7.10 -17.57
C3 XYS N . -16.56 7.04 -16.38
C4 XYS N . -16.04 7.83 -15.17
C5 XYS N . -15.60 9.24 -15.60
O1 XYS N . -16.46 9.20 -18.38
O2 XYS N . -16.05 6.44 -18.73
O3 XYS N . -16.92 5.68 -16.00
O4 XYS N . -17.08 8.02 -14.22
O5 XYS N . -14.71 9.18 -16.73
ZN ZN O . -1.61 21.23 -22.29
ZN ZN P . 8.03 2.60 -21.69
C1 EDO Q . 26.09 -20.60 -5.09
O1 EDO Q . 25.61 -21.94 -4.92
C2 EDO Q . 24.95 -19.67 -5.56
O2 EDO Q . 24.30 -20.18 -6.74
PA NAP R . 0.43 -33.30 5.43
O1A NAP R . -0.67 -34.20 4.96
O2A NAP R . 1.82 -33.76 5.45
O5B NAP R . 0.12 -32.75 6.87
C5B NAP R . -1.22 -32.55 7.25
C4B NAP R . -1.24 -32.22 8.74
O4B NAP R . -2.60 -31.93 9.11
C3B NAP R . -0.79 -33.42 9.57
O3B NAP R . -0.06 -32.93 10.69
C2B NAP R . -2.12 -34.02 10.03
O2B NAP R . -2.03 -34.77 11.26
C1B NAP R . -2.90 -32.73 10.28
N9A NAP R . -4.35 -32.89 10.39
C8A NAP R . -5.15 -33.74 9.73
N7A NAP R . -6.42 -33.56 10.13
C5A NAP R . -6.42 -32.58 11.05
C6A NAP R . -7.40 -31.94 11.80
N6A NAP R . -8.69 -32.30 11.71
N1A NAP R . -7.04 -30.97 12.65
C2A NAP R . -5.78 -30.59 12.76
N3A NAP R . -4.82 -31.17 12.06
C4A NAP R . -5.11 -32.16 11.19
O3 NAP R . 0.24 -32.03 4.48
PN NAP R . 1.36 -30.86 4.22
O1N NAP R . 2.38 -31.31 3.22
O2N NAP R . 1.79 -30.32 5.55
O5D NAP R . 0.41 -29.81 3.47
C5D NAP R . -0.78 -29.27 4.08
C4D NAP R . -1.81 -28.94 3.02
O4D NAP R . -1.25 -27.85 2.27
C3D NAP R . -2.08 -30.07 2.00
O3D NAP R . -3.47 -30.07 1.69
C2D NAP R . -1.27 -29.62 0.77
O2D NAP R . -1.84 -30.11 -0.45
C1D NAP R . -1.45 -28.11 0.84
N1N NAP R . -0.47 -27.32 0.09
C2N NAP R . -0.95 -26.11 -0.43
C3N NAP R . -0.09 -25.28 -1.14
C7N NAP R . -0.58 -23.95 -1.70
O7N NAP R . 0.16 -23.29 -2.44
N7N NAP R . -1.79 -23.57 -1.29
C4N NAP R . 1.25 -25.65 -1.32
C5N NAP R . 1.72 -26.85 -0.78
C6N NAP R . 0.87 -27.68 -0.06
P2B NAP R . -1.15 -36.12 11.37
O1X NAP R . 0.39 -35.61 11.53
O2X NAP R . -1.59 -36.80 12.79
O3X NAP R . -1.35 -36.99 10.20
O1 XYP S . 3.14 -28.77 -4.06
C1 XYP S . 2.52 -27.55 -4.53
C2 XYP S . 3.63 -26.57 -4.87
C3 XYP S . 3.04 -25.23 -5.34
C4 XYP S . 2.10 -25.44 -6.53
C5 XYP S . 1.06 -26.53 -6.19
O2 XYP S . 4.47 -26.35 -3.76
O3 XYP S . 4.12 -24.35 -5.71
O4 XYP S . 1.46 -24.20 -6.88
O5 XYP S . 1.73 -27.75 -5.73
C1 XYS T . 19.02 -15.87 -3.54
C2 XYS T . 19.36 -14.47 -4.04
C3 XYS T . 20.00 -13.66 -2.89
C4 XYS T . 19.07 -13.55 -1.69
C5 XYS T . 18.62 -14.94 -1.24
O1 XYS T . 20.25 -16.55 -3.28
O2 XYS T . 20.24 -14.58 -5.17
O3 XYS T . 20.33 -12.34 -3.33
O4 XYS T . 19.74 -12.93 -0.58
O5 XYS T . 18.16 -15.74 -2.36
ZN ZN U . 6.24 -30.08 -3.20
ZN ZN V . -1.14 -15.92 -16.97
C1 EDO W . 17.20 -14.78 24.88
O1 EDO W . 18.51 -14.19 24.90
C2 EDO W . 16.16 -13.87 24.21
O2 EDO W . 15.91 -12.68 24.97
PA NAP X . 31.72 7.37 9.18
O1A NAP X . 32.15 8.78 9.46
O2A NAP X . 32.26 6.24 9.97
O5B NAP X . 31.99 6.94 7.65
C5B NAP X . 31.77 7.85 6.57
C4B NAP X . 32.23 7.20 5.26
O4B NAP X . 32.08 8.16 4.20
C3B NAP X . 33.72 6.85 5.35
O3B NAP X . 33.96 5.64 4.66
C2B NAP X . 34.38 7.98 4.56
O2B NAP X . 35.61 7.56 3.94
C1B NAP X . 33.34 8.18 3.48
N9A NAP X . 33.40 9.46 2.76
C8A NAP X . 33.72 10.67 3.22
N7A NAP X . 33.65 11.55 2.22
C5A NAP X . 33.27 10.88 1.12
C6A NAP X . 33.02 11.24 -0.20
N6A NAP X . 33.14 12.51 -0.59
N1A NAP X . 32.63 10.28 -1.07
C2A NAP X . 32.50 9.01 -0.70
N3A NAP X . 32.72 8.63 0.55
C4A NAP X . 33.11 9.55 1.47
O3 NAP X . 30.10 7.44 9.29
PN NAP X . 29.02 6.25 9.62
O1N NAP X . 29.06 5.89 11.06
O2N NAP X . 29.20 5.21 8.57
O5D NAP X . 27.68 7.06 9.40
C5D NAP X . 27.46 7.72 8.12
C4D NAP X . 26.52 8.92 8.25
O4D NAP X . 25.21 8.44 8.67
C3D NAP X . 26.95 9.93 9.34
O3D NAP X . 26.67 11.25 8.89
C2D NAP X . 26.06 9.56 10.53
O2D NAP X . 25.87 10.70 11.38
C1D NAP X . 24.77 9.29 9.77
N1N NAP X . 23.78 8.46 10.47
C2N NAP X . 22.43 8.68 10.19
C3N NAP X . 21.46 7.92 10.82
C7N NAP X . 19.98 8.14 10.49
O7N NAP X . 19.11 7.53 11.12
N7N NAP X . 19.76 9.01 9.49
C4N NAP X . 21.84 6.93 11.73
C5N NAP X . 23.19 6.68 12.02
C6N NAP X . 24.16 7.46 11.39
P2B NAP X . 36.87 7.11 4.85
O1X NAP X . 36.61 5.57 5.19
O2X NAP X . 38.12 7.15 3.83
O3X NAP X . 37.05 7.96 6.06
C1 XYS Y . 21.79 7.69 15.81
C2 XYS Y . 20.85 6.52 16.12
C3 XYS Y . 19.42 6.81 15.70
C4 XYS Y . 18.95 8.14 16.26
C5 XYS Y . 19.96 9.25 16.00
O1 XYS Y . 21.80 7.98 14.42
O2 XYS Y . 21.28 5.34 15.46
O3 XYS Y . 18.58 5.78 16.20
O4 XYS Y . 17.68 8.45 15.65
O5 XYS Y . 21.31 8.88 16.48
O1 XYP Z . 23.11 7.33 16.23
C1 XYP Z . 21.79 7.69 15.81
C2 XYP Z . 20.85 6.52 16.12
C3 XYP Z . 19.42 6.81 15.70
C4 XYP Z . 18.95 8.14 16.26
C5 XYP Z . 19.96 9.25 16.00
O2 XYP Z . 21.28 5.34 15.46
O3 XYP Z . 18.58 5.78 16.20
O4 XYP Z . 17.68 8.45 15.65
O5 XYP Z . 21.31 8.88 16.48
C1 XYS AA . 13.42 -10.72 18.20
C2 XYS AA . 12.00 -11.27 18.16
C3 XYS AA . 11.88 -12.43 17.17
C4 XYS AA . 12.37 -12.02 15.78
C5 XYS AA . 13.77 -11.39 15.85
O1 XYS AA . 14.23 -11.69 18.81
O2 XYS AA . 11.62 -11.70 19.46
O3 XYS AA . 10.51 -12.84 17.12
O4 XYS AA . 12.49 -13.15 14.95
O5 XYS AA . 13.85 -10.35 16.84
ZN ZN BA . 24.88 4.61 17.56
ZN ZN CA . 5.51 12.29 18.93
#